data_6H9W
# 
_entry.id   6H9W 
# 
_audit_conform.dict_name       mmcif_pdbx.dic 
_audit_conform.dict_version    5.383 
_audit_conform.dict_location   http://mmcif.pdb.org/dictionaries/ascii/mmcif_pdbx.dic 
# 
loop_
_database_2.database_id 
_database_2.database_code 
_database_2.pdbx_database_accession 
_database_2.pdbx_DOI 
PDB   6H9W         pdb_00006h9w 10.2210/pdb6h9w/pdb 
WWPDB D_1200011330 ?            ?                   
# 
loop_
_pdbx_audit_revision_history.ordinal 
_pdbx_audit_revision_history.data_content_type 
_pdbx_audit_revision_history.major_revision 
_pdbx_audit_revision_history.minor_revision 
_pdbx_audit_revision_history.revision_date 
1 'Structure model' 1 0 2019-06-12 
2 'Structure model' 1 1 2019-07-03 
3 'Structure model' 1 2 2024-01-17 
# 
_pdbx_audit_revision_details.ordinal             1 
_pdbx_audit_revision_details.revision_ordinal    1 
_pdbx_audit_revision_details.data_content_type   'Structure model' 
_pdbx_audit_revision_details.provider            repository 
_pdbx_audit_revision_details.type                'Initial release' 
_pdbx_audit_revision_details.description         ? 
_pdbx_audit_revision_details.details             ? 
# 
loop_
_pdbx_audit_revision_group.ordinal 
_pdbx_audit_revision_group.revision_ordinal 
_pdbx_audit_revision_group.data_content_type 
_pdbx_audit_revision_group.group 
1 2 'Structure model' 'Data collection'        
2 2 'Structure model' 'Database references'    
3 3 'Structure model' 'Data collection'        
4 3 'Structure model' 'Database references'    
5 3 'Structure model' 'Refinement description' 
# 
loop_
_pdbx_audit_revision_category.ordinal 
_pdbx_audit_revision_category.revision_ordinal 
_pdbx_audit_revision_category.data_content_type 
_pdbx_audit_revision_category.category 
1  2 'Structure model' citation                      
2  2 'Structure model' citation_author               
3  2 'Structure model' database_PDB_rev              
4  2 'Structure model' database_PDB_rev_record       
5  2 'Structure model' pdbx_database_proc            
6  3 'Structure model' chem_comp_atom                
7  3 'Structure model' chem_comp_bond                
8  3 'Structure model' database_2                    
9  3 'Structure model' diffrn_radiation_wavelength   
10 3 'Structure model' pdbx_initial_refinement_model 
# 
loop_
_pdbx_audit_revision_item.ordinal 
_pdbx_audit_revision_item.revision_ordinal 
_pdbx_audit_revision_item.data_content_type 
_pdbx_audit_revision_item.item 
1  2 'Structure model' '_citation.journal_volume'                
2  2 'Structure model' '_citation.page_first'                    
3  2 'Structure model' '_citation.page_last'                     
4  2 'Structure model' '_citation.pdbx_database_id_PubMed'       
5  2 'Structure model' '_citation.title'                         
6  2 'Structure model' '_citation_author.identifier_ORCID'       
7  2 'Structure model' '_citation_author.name'                   
8  3 'Structure model' '_database_2.pdbx_DOI'                    
9  3 'Structure model' '_database_2.pdbx_database_accession'     
10 3 'Structure model' '_diffrn_radiation_wavelength.wavelength' 
# 
_pdbx_database_status.status_code                     REL 
_pdbx_database_status.status_code_sf                  REL 
_pdbx_database_status.status_code_mr                  ? 
_pdbx_database_status.entry_id                        6H9W 
_pdbx_database_status.recvd_initial_deposition_date   2018-08-06 
_pdbx_database_status.SG_entry                        N 
_pdbx_database_status.deposit_site                    PDBE 
_pdbx_database_status.process_site                    PDBE 
_pdbx_database_status.status_code_cs                  ? 
_pdbx_database_status.methods_development_category    ? 
_pdbx_database_status.pdb_format_compatible           Y 
_pdbx_database_status.status_code_nmr_data            ? 
# 
loop_
_audit_author.name 
_audit_author.pdbx_ordinal 
_audit_author.identifier_ORCID 
'Ciges-Tomas, J.R.'  1 ? 
'Gozalbo-Rovira, R.' 2 ? 
'Vila-Vicent, S.'    3 ? 
'Buesa, J.'          4 ? 
'Santiso-Bellon, C.' 5 ? 
'Monedero, V.'       6 ? 
'Yebra, M.J.'        7 ? 
'Rodriguez-Diaz, J.' 8 ? 
'Marina, A.'         9 ? 
# 
_citation.abstract                  ? 
_citation.abstract_id_CAS           ? 
_citation.book_id_ISBN              ? 
_citation.book_publisher            ? 
_citation.book_publisher_city       ? 
_citation.book_title                ? 
_citation.coordinate_linkage        ? 
_citation.country                   US 
_citation.database_id_Medline       ? 
_citation.details                   ? 
_citation.id                        primary 
_citation.journal_abbrev            'Plos Pathog.' 
_citation.journal_id_ASTM           ? 
_citation.journal_id_CSD            ? 
_citation.journal_id_ISSN           1553-7374 
_citation.journal_full              ? 
_citation.journal_issue             ? 
_citation.journal_volume            15 
_citation.language                  ? 
_citation.page_first                e1007865 
_citation.page_last                 e1007865 
_citation.title                     
'Unraveling the role of the secretor antigen in human rotavirus attachment to histo-blood group antigens.' 
_citation.year                      2019 
_citation.database_id_CSD           ? 
_citation.pdbx_database_id_DOI      10.1371/journal.ppat.1007865 
_citation.pdbx_database_id_PubMed   31226167 
_citation.unpublished_flag          ? 
# 
loop_
_citation_author.citation_id 
_citation_author.name 
_citation_author.ordinal 
_citation_author.identifier_ORCID 
primary 'Gozalbo-Rovira, R.' 1 0000-0003-3427-3800 
primary 'Ciges-Tomas, J.R.'  2 0000-0003-2647-3052 
primary 'Vila-Vicent, S.'    3 ?                   
primary 'Buesa, J.'          4 0000-0002-3328-3428 
primary 'Santiso-Bellon, C.' 5 ?                   
primary 'Monedero, V.'       6 ?                   
primary 'Yebra, M.J.'        7 ?                   
primary 'Marina, A.'         8 ?                   
primary 'Rodriguez-Diaz, J.' 9 0000-0002-9698-7684 
# 
loop_
_entity.id 
_entity.type 
_entity.src_method 
_entity.pdbx_description 
_entity.formula_weight 
_entity.pdbx_number_of_molecules 
_entity.pdbx_ec 
_entity.pdbx_mutation 
_entity.pdbx_fragment 
_entity.details 
1 polymer     man 'Outer capsid protein VP4' 18550.332 1   ? ? ? 'G1 and S2 are residuals from tag digestion' 
2 non-polymer syn 'SULFATE ION'              96.063    4   ? ? ? ?                                            
3 non-polymer syn 'CITRIC ACID'              192.124   1   ? ? ? ?                                            
4 non-polymer syn 'ISOPROPYL ALCOHOL'        60.095    2   ? ? ? ?                                            
5 water       nat water                      18.015    211 ? ? ? ?                                            
# 
_entity_poly.entity_id                      1 
_entity_poly.type                           'polypeptide(L)' 
_entity_poly.nstd_linkage                   no 
_entity_poly.nstd_monomer                   no 
_entity_poly.pdbx_seq_one_letter_code       
;GSMLDGPYQPTTFTPPSDYWILINSNTNGVVYESTNNSDFWTAVIAVEPHVDPVDRQYNVFGENKQFNVRNDSDKWKFLE
MFRGSSQNDFYNRRTLTSNTRLVGILKYGGRIWTFHGETPRATTDSSNTANLNGISITIHSEFYIIPRSQESKCNEYINN
GL
;
_entity_poly.pdbx_seq_one_letter_code_can   
;GSMLDGPYQPTTFTPPSDYWILINSNTNGVVYESTNNSDFWTAVIAVEPHVDPVDRQYNVFGENKQFNVRNDSDKWKFLE
MFRGSSQNDFYNRRTLTSNTRLVGILKYGGRIWTFHGETPRATTDSSNTANLNGISITIHSEFYIIPRSQESKCNEYINN
GL
;
_entity_poly.pdbx_strand_id                 A 
_entity_poly.pdbx_target_identifier         ? 
# 
loop_
_pdbx_entity_nonpoly.entity_id 
_pdbx_entity_nonpoly.name 
_pdbx_entity_nonpoly.comp_id 
2 'SULFATE ION'       SO4 
3 'CITRIC ACID'       CIT 
4 'ISOPROPYL ALCOHOL' IPA 
5 water               HOH 
# 
loop_
_entity_poly_seq.entity_id 
_entity_poly_seq.num 
_entity_poly_seq.mon_id 
_entity_poly_seq.hetero 
1 1   GLY n 
1 2   SER n 
1 3   MET n 
1 4   LEU n 
1 5   ASP n 
1 6   GLY n 
1 7   PRO n 
1 8   TYR n 
1 9   GLN n 
1 10  PRO n 
1 11  THR n 
1 12  THR n 
1 13  PHE n 
1 14  THR n 
1 15  PRO n 
1 16  PRO n 
1 17  SER n 
1 18  ASP n 
1 19  TYR n 
1 20  TRP n 
1 21  ILE n 
1 22  LEU n 
1 23  ILE n 
1 24  ASN n 
1 25  SER n 
1 26  ASN n 
1 27  THR n 
1 28  ASN n 
1 29  GLY n 
1 30  VAL n 
1 31  VAL n 
1 32  TYR n 
1 33  GLU n 
1 34  SER n 
1 35  THR n 
1 36  ASN n 
1 37  ASN n 
1 38  SER n 
1 39  ASP n 
1 40  PHE n 
1 41  TRP n 
1 42  THR n 
1 43  ALA n 
1 44  VAL n 
1 45  ILE n 
1 46  ALA n 
1 47  VAL n 
1 48  GLU n 
1 49  PRO n 
1 50  HIS n 
1 51  VAL n 
1 52  ASP n 
1 53  PRO n 
1 54  VAL n 
1 55  ASP n 
1 56  ARG n 
1 57  GLN n 
1 58  TYR n 
1 59  ASN n 
1 60  VAL n 
1 61  PHE n 
1 62  GLY n 
1 63  GLU n 
1 64  ASN n 
1 65  LYS n 
1 66  GLN n 
1 67  PHE n 
1 68  ASN n 
1 69  VAL n 
1 70  ARG n 
1 71  ASN n 
1 72  ASP n 
1 73  SER n 
1 74  ASP n 
1 75  LYS n 
1 76  TRP n 
1 77  LYS n 
1 78  PHE n 
1 79  LEU n 
1 80  GLU n 
1 81  MET n 
1 82  PHE n 
1 83  ARG n 
1 84  GLY n 
1 85  SER n 
1 86  SER n 
1 87  GLN n 
1 88  ASN n 
1 89  ASP n 
1 90  PHE n 
1 91  TYR n 
1 92  ASN n 
1 93  ARG n 
1 94  ARG n 
1 95  THR n 
1 96  LEU n 
1 97  THR n 
1 98  SER n 
1 99  ASN n 
1 100 THR n 
1 101 ARG n 
1 102 LEU n 
1 103 VAL n 
1 104 GLY n 
1 105 ILE n 
1 106 LEU n 
1 107 LYS n 
1 108 TYR n 
1 109 GLY n 
1 110 GLY n 
1 111 ARG n 
1 112 ILE n 
1 113 TRP n 
1 114 THR n 
1 115 PHE n 
1 116 HIS n 
1 117 GLY n 
1 118 GLU n 
1 119 THR n 
1 120 PRO n 
1 121 ARG n 
1 122 ALA n 
1 123 THR n 
1 124 THR n 
1 125 ASP n 
1 126 SER n 
1 127 SER n 
1 128 ASN n 
1 129 THR n 
1 130 ALA n 
1 131 ASN n 
1 132 LEU n 
1 133 ASN n 
1 134 GLY n 
1 135 ILE n 
1 136 SER n 
1 137 ILE n 
1 138 THR n 
1 139 ILE n 
1 140 HIS n 
1 141 SER n 
1 142 GLU n 
1 143 PHE n 
1 144 TYR n 
1 145 ILE n 
1 146 ILE n 
1 147 PRO n 
1 148 ARG n 
1 149 SER n 
1 150 GLN n 
1 151 GLU n 
1 152 SER n 
1 153 LYS n 
1 154 CYS n 
1 155 ASN n 
1 156 GLU n 
1 157 TYR n 
1 158 ILE n 
1 159 ASN n 
1 160 ASN n 
1 161 GLY n 
1 162 LEU n 
# 
_entity_src_gen.entity_id                          1 
_entity_src_gen.pdbx_src_id                        1 
_entity_src_gen.pdbx_alt_source_flag               sample 
_entity_src_gen.pdbx_seq_type                      'Biological sequence' 
_entity_src_gen.pdbx_beg_seq_num                   1 
_entity_src_gen.pdbx_end_seq_num                   162 
_entity_src_gen.gene_src_common_name               ? 
_entity_src_gen.gene_src_genus                     ? 
_entity_src_gen.pdbx_gene_src_gene                 VP4 
_entity_src_gen.gene_src_species                   ? 
_entity_src_gen.gene_src_strain                    ? 
_entity_src_gen.gene_src_tissue                    ? 
_entity_src_gen.gene_src_tissue_fraction           ? 
_entity_src_gen.gene_src_details                   ? 
_entity_src_gen.pdbx_gene_src_fragment             ? 
_entity_src_gen.pdbx_gene_src_scientific_name      'Rotavirus A' 
_entity_src_gen.pdbx_gene_src_ncbi_taxonomy_id     28875 
_entity_src_gen.pdbx_gene_src_variant              ? 
_entity_src_gen.pdbx_gene_src_cell_line            ? 
_entity_src_gen.pdbx_gene_src_atcc                 ? 
_entity_src_gen.pdbx_gene_src_organ                ? 
_entity_src_gen.pdbx_gene_src_organelle            ? 
_entity_src_gen.pdbx_gene_src_cell                 ? 
_entity_src_gen.pdbx_gene_src_cellular_location    ? 
_entity_src_gen.host_org_common_name               ? 
_entity_src_gen.pdbx_host_org_scientific_name      'Escherichia coli BL21(DE3)' 
_entity_src_gen.pdbx_host_org_ncbi_taxonomy_id     469008 
_entity_src_gen.host_org_genus                     ? 
_entity_src_gen.pdbx_host_org_gene                 ? 
_entity_src_gen.pdbx_host_org_organ                ? 
_entity_src_gen.host_org_species                   ? 
_entity_src_gen.pdbx_host_org_tissue               ? 
_entity_src_gen.pdbx_host_org_tissue_fraction      ? 
_entity_src_gen.pdbx_host_org_strain               ? 
_entity_src_gen.pdbx_host_org_variant              ? 
_entity_src_gen.pdbx_host_org_cell_line            ? 
_entity_src_gen.pdbx_host_org_atcc                 ? 
_entity_src_gen.pdbx_host_org_culture_collection   ? 
_entity_src_gen.pdbx_host_org_cell                 ? 
_entity_src_gen.pdbx_host_org_organelle            ? 
_entity_src_gen.pdbx_host_org_cellular_location    ? 
_entity_src_gen.pdbx_host_org_vector_type          ? 
_entity_src_gen.pdbx_host_org_vector               ? 
_entity_src_gen.host_org_details                   ? 
_entity_src_gen.expression_system_id               ? 
_entity_src_gen.plasmid_name                       ? 
_entity_src_gen.plasmid_details                    ? 
_entity_src_gen.pdbx_description                   ? 
# 
loop_
_chem_comp.id 
_chem_comp.type 
_chem_comp.mon_nstd_flag 
_chem_comp.name 
_chem_comp.pdbx_synonyms 
_chem_comp.formula 
_chem_comp.formula_weight 
ALA 'L-peptide linking' y ALANINE             ?          'C3 H7 N O2'     89.093  
ARG 'L-peptide linking' y ARGININE            ?          'C6 H15 N4 O2 1' 175.209 
ASN 'L-peptide linking' y ASPARAGINE          ?          'C4 H8 N2 O3'    132.118 
ASP 'L-peptide linking' y 'ASPARTIC ACID'     ?          'C4 H7 N O4'     133.103 
CIT non-polymer         . 'CITRIC ACID'       ?          'C6 H8 O7'       192.124 
CYS 'L-peptide linking' y CYSTEINE            ?          'C3 H7 N O2 S'   121.158 
GLN 'L-peptide linking' y GLUTAMINE           ?          'C5 H10 N2 O3'   146.144 
GLU 'L-peptide linking' y 'GLUTAMIC ACID'     ?          'C5 H9 N O4'     147.129 
GLY 'peptide linking'   y GLYCINE             ?          'C2 H5 N O2'     75.067  
HIS 'L-peptide linking' y HISTIDINE           ?          'C6 H10 N3 O2 1' 156.162 
HOH non-polymer         . WATER               ?          'H2 O'           18.015  
ILE 'L-peptide linking' y ISOLEUCINE          ?          'C6 H13 N O2'    131.173 
IPA non-polymer         . 'ISOPROPYL ALCOHOL' 2-PROPANOL 'C3 H8 O'        60.095  
LEU 'L-peptide linking' y LEUCINE             ?          'C6 H13 N O2'    131.173 
LYS 'L-peptide linking' y LYSINE              ?          'C6 H15 N2 O2 1' 147.195 
MET 'L-peptide linking' y METHIONINE          ?          'C5 H11 N O2 S'  149.211 
PHE 'L-peptide linking' y PHENYLALANINE       ?          'C9 H11 N O2'    165.189 
PRO 'L-peptide linking' y PROLINE             ?          'C5 H9 N O2'     115.130 
SER 'L-peptide linking' y SERINE              ?          'C3 H7 N O3'     105.093 
SO4 non-polymer         . 'SULFATE ION'       ?          'O4 S -2'        96.063  
THR 'L-peptide linking' y THREONINE           ?          'C4 H9 N O3'     119.119 
TRP 'L-peptide linking' y TRYPTOPHAN          ?          'C11 H12 N2 O2'  204.225 
TYR 'L-peptide linking' y TYROSINE            ?          'C9 H11 N O3'    181.189 
VAL 'L-peptide linking' y VALINE              ?          'C5 H11 N O2'    117.146 
# 
loop_
_pdbx_poly_seq_scheme.asym_id 
_pdbx_poly_seq_scheme.entity_id 
_pdbx_poly_seq_scheme.seq_id 
_pdbx_poly_seq_scheme.mon_id 
_pdbx_poly_seq_scheme.ndb_seq_num 
_pdbx_poly_seq_scheme.pdb_seq_num 
_pdbx_poly_seq_scheme.auth_seq_num 
_pdbx_poly_seq_scheme.pdb_mon_id 
_pdbx_poly_seq_scheme.auth_mon_id 
_pdbx_poly_seq_scheme.pdb_strand_id 
_pdbx_poly_seq_scheme.pdb_ins_code 
_pdbx_poly_seq_scheme.hetero 
A 1 1   GLY 1   1   ?   ?   ?   A . n 
A 1 2   SER 2   2   ?   ?   ?   A . n 
A 1 3   MET 3   3   ?   ?   ?   A . n 
A 1 4   LEU 4   4   4   LEU LEU A . n 
A 1 5   ASP 5   5   5   ASP ASP A . n 
A 1 6   GLY 6   6   6   GLY GLY A . n 
A 1 7   PRO 7   7   7   PRO PRO A . n 
A 1 8   TYR 8   8   8   TYR TYR A . n 
A 1 9   GLN 9   9   9   GLN GLN A . n 
A 1 10  PRO 10  10  10  PRO PRO A . n 
A 1 11  THR 11  11  11  THR THR A . n 
A 1 12  THR 12  12  12  THR THR A . n 
A 1 13  PHE 13  13  13  PHE PHE A . n 
A 1 14  THR 14  14  14  THR THR A . n 
A 1 15  PRO 15  15  15  PRO PRO A . n 
A 1 16  PRO 16  16  16  PRO PRO A . n 
A 1 17  SER 17  17  17  SER SER A . n 
A 1 18  ASP 18  18  18  ASP ASP A . n 
A 1 19  TYR 19  19  19  TYR TYR A . n 
A 1 20  TRP 20  20  20  TRP TRP A . n 
A 1 21  ILE 21  21  21  ILE ILE A . n 
A 1 22  LEU 22  22  22  LEU LEU A . n 
A 1 23  ILE 23  23  23  ILE ILE A . n 
A 1 24  ASN 24  24  24  ASN ASN A . n 
A 1 25  SER 25  25  25  SER SER A . n 
A 1 26  ASN 26  26  26  ASN ASN A . n 
A 1 27  THR 27  27  27  THR THR A . n 
A 1 28  ASN 28  28  28  ASN ASN A . n 
A 1 29  GLY 29  29  29  GLY GLY A . n 
A 1 30  VAL 30  30  30  VAL VAL A . n 
A 1 31  VAL 31  31  31  VAL VAL A . n 
A 1 32  TYR 32  32  32  TYR TYR A . n 
A 1 33  GLU 33  33  33  GLU GLU A . n 
A 1 34  SER 34  34  34  SER SER A . n 
A 1 35  THR 35  35  35  THR THR A . n 
A 1 36  ASN 36  36  36  ASN ASN A . n 
A 1 37  ASN 37  37  37  ASN ASN A . n 
A 1 38  SER 38  38  38  SER SER A . n 
A 1 39  ASP 39  39  39  ASP ASP A . n 
A 1 40  PHE 40  40  40  PHE PHE A . n 
A 1 41  TRP 41  41  41  TRP TRP A . n 
A 1 42  THR 42  42  42  THR THR A . n 
A 1 43  ALA 43  43  43  ALA ALA A . n 
A 1 44  VAL 44  44  44  VAL VAL A . n 
A 1 45  ILE 45  45  45  ILE ILE A . n 
A 1 46  ALA 46  46  46  ALA ALA A . n 
A 1 47  VAL 47  47  47  VAL VAL A . n 
A 1 48  GLU 48  48  48  GLU GLU A . n 
A 1 49  PRO 49  49  49  PRO PRO A . n 
A 1 50  HIS 50  50  50  HIS HIS A . n 
A 1 51  VAL 51  51  51  VAL VAL A . n 
A 1 52  ASP 52  52  52  ASP ASP A . n 
A 1 53  PRO 53  53  53  PRO PRO A . n 
A 1 54  VAL 54  54  54  VAL VAL A . n 
A 1 55  ASP 55  55  55  ASP ASP A . n 
A 1 56  ARG 56  56  56  ARG ARG A . n 
A 1 57  GLN 57  57  57  GLN GLN A . n 
A 1 58  TYR 58  58  58  TYR TYR A . n 
A 1 59  ASN 59  59  59  ASN ASN A . n 
A 1 60  VAL 60  60  60  VAL VAL A . n 
A 1 61  PHE 61  61  61  PHE PHE A . n 
A 1 62  GLY 62  62  62  GLY GLY A . n 
A 1 63  GLU 63  63  63  GLU GLU A . n 
A 1 64  ASN 64  64  64  ASN ASN A . n 
A 1 65  LYS 65  65  65  LYS LYS A . n 
A 1 66  GLN 66  66  66  GLN GLN A . n 
A 1 67  PHE 67  67  67  PHE PHE A . n 
A 1 68  ASN 68  68  68  ASN ASN A . n 
A 1 69  VAL 69  69  69  VAL VAL A . n 
A 1 70  ARG 70  70  70  ARG ARG A . n 
A 1 71  ASN 71  71  71  ASN ASN A . n 
A 1 72  ASP 72  72  72  ASP ASP A . n 
A 1 73  SER 73  73  73  SER SER A . n 
A 1 74  ASP 74  74  74  ASP ASP A . n 
A 1 75  LYS 75  75  75  LYS LYS A . n 
A 1 76  TRP 76  76  76  TRP TRP A . n 
A 1 77  LYS 77  77  77  LYS LYS A . n 
A 1 78  PHE 78  78  78  PHE PHE A . n 
A 1 79  LEU 79  79  79  LEU LEU A . n 
A 1 80  GLU 80  80  80  GLU GLU A . n 
A 1 81  MET 81  81  81  MET MET A . n 
A 1 82  PHE 82  82  82  PHE PHE A . n 
A 1 83  ARG 83  83  83  ARG ARG A . n 
A 1 84  GLY 84  84  84  GLY GLY A . n 
A 1 85  SER 85  85  85  SER SER A . n 
A 1 86  SER 86  86  86  SER SER A . n 
A 1 87  GLN 87  87  87  GLN GLN A . n 
A 1 88  ASN 88  88  88  ASN ASN A . n 
A 1 89  ASP 89  89  89  ASP ASP A . n 
A 1 90  PHE 90  90  90  PHE PHE A . n 
A 1 91  TYR 91  91  91  TYR TYR A . n 
A 1 92  ASN 92  92  92  ASN ASN A . n 
A 1 93  ARG 93  93  93  ARG ARG A . n 
A 1 94  ARG 94  94  94  ARG ARG A . n 
A 1 95  THR 95  95  95  THR THR A . n 
A 1 96  LEU 96  96  96  LEU LEU A . n 
A 1 97  THR 97  97  97  THR THR A . n 
A 1 98  SER 98  98  98  SER SER A . n 
A 1 99  ASN 99  99  99  ASN ASN A . n 
A 1 100 THR 100 100 100 THR THR A . n 
A 1 101 ARG 101 101 101 ARG ARG A . n 
A 1 102 LEU 102 102 102 LEU LEU A . n 
A 1 103 VAL 103 103 103 VAL VAL A . n 
A 1 104 GLY 104 104 104 GLY GLY A . n 
A 1 105 ILE 105 105 105 ILE ILE A . n 
A 1 106 LEU 106 106 106 LEU LEU A . n 
A 1 107 LYS 107 107 107 LYS LYS A . n 
A 1 108 TYR 108 108 108 TYR TYR A . n 
A 1 109 GLY 109 109 109 GLY GLY A . n 
A 1 110 GLY 110 110 110 GLY GLY A . n 
A 1 111 ARG 111 111 111 ARG ARG A . n 
A 1 112 ILE 112 112 112 ILE ILE A . n 
A 1 113 TRP 113 113 113 TRP TRP A . n 
A 1 114 THR 114 114 114 THR THR A . n 
A 1 115 PHE 115 115 115 PHE PHE A . n 
A 1 116 HIS 116 116 116 HIS HIS A . n 
A 1 117 GLY 117 117 117 GLY GLY A . n 
A 1 118 GLU 118 118 118 GLU GLU A . n 
A 1 119 THR 119 119 119 THR THR A . n 
A 1 120 PRO 120 120 120 PRO PRO A . n 
A 1 121 ARG 121 121 121 ARG ARG A . n 
A 1 122 ALA 122 122 122 ALA ALA A . n 
A 1 123 THR 123 123 123 THR THR A . n 
A 1 124 THR 124 124 124 THR THR A . n 
A 1 125 ASP 125 125 125 ASP ASP A . n 
A 1 126 SER 126 126 126 SER SER A . n 
A 1 127 SER 127 127 127 SER SER A . n 
A 1 128 ASN 128 128 128 ASN ASN A . n 
A 1 129 THR 129 129 129 THR THR A . n 
A 1 130 ALA 130 130 130 ALA ALA A . n 
A 1 131 ASN 131 131 131 ASN ASN A . n 
A 1 132 LEU 132 132 132 LEU LEU A . n 
A 1 133 ASN 133 133 133 ASN ASN A . n 
A 1 134 GLY 134 134 134 GLY GLY A . n 
A 1 135 ILE 135 135 135 ILE ILE A . n 
A 1 136 SER 136 136 136 SER SER A . n 
A 1 137 ILE 137 137 137 ILE ILE A . n 
A 1 138 THR 138 138 138 THR THR A . n 
A 1 139 ILE 139 139 139 ILE ILE A . n 
A 1 140 HIS 140 140 140 HIS HIS A . n 
A 1 141 SER 141 141 141 SER SER A . n 
A 1 142 GLU 142 142 142 GLU GLU A . n 
A 1 143 PHE 143 143 143 PHE PHE A . n 
A 1 144 TYR 144 144 144 TYR TYR A . n 
A 1 145 ILE 145 145 145 ILE ILE A . n 
A 1 146 ILE 146 146 146 ILE ILE A . n 
A 1 147 PRO 147 147 147 PRO PRO A . n 
A 1 148 ARG 148 148 148 ARG ARG A . n 
A 1 149 SER 149 149 149 SER SER A . n 
A 1 150 GLN 150 150 150 GLN GLN A . n 
A 1 151 GLU 151 151 151 GLU GLU A . n 
A 1 152 SER 152 152 152 SER SER A . n 
A 1 153 LYS 153 153 153 LYS LYS A . n 
A 1 154 CYS 154 154 154 CYS CYS A . n 
A 1 155 ASN 155 155 155 ASN ASN A . n 
A 1 156 GLU 156 156 156 GLU GLU A . n 
A 1 157 TYR 157 157 157 TYR TYR A . n 
A 1 158 ILE 158 158 158 ILE ILE A . n 
A 1 159 ASN 159 159 159 ASN ASN A . n 
A 1 160 ASN 160 160 160 ASN ASN A . n 
A 1 161 GLY 161 161 161 GLY GLY A . n 
A 1 162 LEU 162 162 162 LEU LEU A . n 
# 
loop_
_pdbx_nonpoly_scheme.asym_id 
_pdbx_nonpoly_scheme.entity_id 
_pdbx_nonpoly_scheme.mon_id 
_pdbx_nonpoly_scheme.ndb_seq_num 
_pdbx_nonpoly_scheme.pdb_seq_num 
_pdbx_nonpoly_scheme.auth_seq_num 
_pdbx_nonpoly_scheme.pdb_mon_id 
_pdbx_nonpoly_scheme.auth_mon_id 
_pdbx_nonpoly_scheme.pdb_strand_id 
_pdbx_nonpoly_scheme.pdb_ins_code 
B 2 SO4 1   201 1   SO4 SO4 A . 
C 2 SO4 1   202 2   SO4 SO4 A . 
D 2 SO4 1   203 3   SO4 SO4 A . 
E 2 SO4 1   204 4   SO4 SO4 A . 
F 3 CIT 1   205 1   CIT CIT A . 
G 4 IPA 1   206 1   IPA IPA A . 
H 4 IPA 1   207 2   IPA IPA A . 
I 5 HOH 1   301 219 HOH HOH A . 
I 5 HOH 2   302 13  HOH HOH A . 
I 5 HOH 3   303 209 HOH HOH A . 
I 5 HOH 4   304 117 HOH HOH A . 
I 5 HOH 5   305 215 HOH HOH A . 
I 5 HOH 6   306 177 HOH HOH A . 
I 5 HOH 7   307 128 HOH HOH A . 
I 5 HOH 8   308 163 HOH HOH A . 
I 5 HOH 9   309 58  HOH HOH A . 
I 5 HOH 10  310 116 HOH HOH A . 
I 5 HOH 11  311 41  HOH HOH A . 
I 5 HOH 12  312 187 HOH HOH A . 
I 5 HOH 13  313 43  HOH HOH A . 
I 5 HOH 14  314 94  HOH HOH A . 
I 5 HOH 15  315 72  HOH HOH A . 
I 5 HOH 16  316 149 HOH HOH A . 
I 5 HOH 17  317 44  HOH HOH A . 
I 5 HOH 18  318 87  HOH HOH A . 
I 5 HOH 19  319 14  HOH HOH A . 
I 5 HOH 20  320 55  HOH HOH A . 
I 5 HOH 21  321 5   HOH HOH A . 
I 5 HOH 22  322 147 HOH HOH A . 
I 5 HOH 23  323 85  HOH HOH A . 
I 5 HOH 24  324 54  HOH HOH A . 
I 5 HOH 25  325 19  HOH HOH A . 
I 5 HOH 26  326 42  HOH HOH A . 
I 5 HOH 27  327 144 HOH HOH A . 
I 5 HOH 28  328 165 HOH HOH A . 
I 5 HOH 29  329 114 HOH HOH A . 
I 5 HOH 30  330 17  HOH HOH A . 
I 5 HOH 31  331 89  HOH HOH A . 
I 5 HOH 32  332 99  HOH HOH A . 
I 5 HOH 33  333 122 HOH HOH A . 
I 5 HOH 34  334 27  HOH HOH A . 
I 5 HOH 35  335 131 HOH HOH A . 
I 5 HOH 36  336 192 HOH HOH A . 
I 5 HOH 37  337 36  HOH HOH A . 
I 5 HOH 38  338 38  HOH HOH A . 
I 5 HOH 39  339 88  HOH HOH A . 
I 5 HOH 40  340 148 HOH HOH A . 
I 5 HOH 41  341 32  HOH HOH A . 
I 5 HOH 42  342 20  HOH HOH A . 
I 5 HOH 43  343 185 HOH HOH A . 
I 5 HOH 44  344 12  HOH HOH A . 
I 5 HOH 45  345 121 HOH HOH A . 
I 5 HOH 46  346 16  HOH HOH A . 
I 5 HOH 47  347 37  HOH HOH A . 
I 5 HOH 48  348 113 HOH HOH A . 
I 5 HOH 49  349 80  HOH HOH A . 
I 5 HOH 50  350 50  HOH HOH A . 
I 5 HOH 51  351 28  HOH HOH A . 
I 5 HOH 52  352 11  HOH HOH A . 
I 5 HOH 53  353 96  HOH HOH A . 
I 5 HOH 54  354 208 HOH HOH A . 
I 5 HOH 55  355 71  HOH HOH A . 
I 5 HOH 56  356 76  HOH HOH A . 
I 5 HOH 57  357 151 HOH HOH A . 
I 5 HOH 58  358 110 HOH HOH A . 
I 5 HOH 59  359 224 HOH HOH A . 
I 5 HOH 60  360 210 HOH HOH A . 
I 5 HOH 61  361 129 HOH HOH A . 
I 5 HOH 62  362 31  HOH HOH A . 
I 5 HOH 63  363 45  HOH HOH A . 
I 5 HOH 64  364 218 HOH HOH A . 
I 5 HOH 65  365 22  HOH HOH A . 
I 5 HOH 66  366 49  HOH HOH A . 
I 5 HOH 67  367 29  HOH HOH A . 
I 5 HOH 68  368 61  HOH HOH A . 
I 5 HOH 69  369 124 HOH HOH A . 
I 5 HOH 70  370 78  HOH HOH A . 
I 5 HOH 71  371 57  HOH HOH A . 
I 5 HOH 72  372 197 HOH HOH A . 
I 5 HOH 73  373 4   HOH HOH A . 
I 5 HOH 74  374 1   HOH HOH A . 
I 5 HOH 75  375 26  HOH HOH A . 
I 5 HOH 76  376 24  HOH HOH A . 
I 5 HOH 77  377 25  HOH HOH A . 
I 5 HOH 78  378 35  HOH HOH A . 
I 5 HOH 79  379 160 HOH HOH A . 
I 5 HOH 80  380 73  HOH HOH A . 
I 5 HOH 81  381 83  HOH HOH A . 
I 5 HOH 82  382 53  HOH HOH A . 
I 5 HOH 83  383 23  HOH HOH A . 
I 5 HOH 84  384 216 HOH HOH A . 
I 5 HOH 85  385 186 HOH HOH A . 
I 5 HOH 86  386 199 HOH HOH A . 
I 5 HOH 87  387 79  HOH HOH A . 
I 5 HOH 88  388 33  HOH HOH A . 
I 5 HOH 89  389 90  HOH HOH A . 
I 5 HOH 90  390 47  HOH HOH A . 
I 5 HOH 91  391 60  HOH HOH A . 
I 5 HOH 92  392 46  HOH HOH A . 
I 5 HOH 93  393 118 HOH HOH A . 
I 5 HOH 94  394 64  HOH HOH A . 
I 5 HOH 95  395 109 HOH HOH A . 
I 5 HOH 96  396 132 HOH HOH A . 
I 5 HOH 97  397 126 HOH HOH A . 
I 5 HOH 98  398 62  HOH HOH A . 
I 5 HOH 99  399 30  HOH HOH A . 
I 5 HOH 100 400 6   HOH HOH A . 
I 5 HOH 101 401 3   HOH HOH A . 
I 5 HOH 102 402 51  HOH HOH A . 
I 5 HOH 103 403 70  HOH HOH A . 
I 5 HOH 104 404 56  HOH HOH A . 
I 5 HOH 105 405 84  HOH HOH A . 
I 5 HOH 106 406 21  HOH HOH A . 
I 5 HOH 107 407 68  HOH HOH A . 
I 5 HOH 108 408 92  HOH HOH A . 
I 5 HOH 109 409 161 HOH HOH A . 
I 5 HOH 110 410 95  HOH HOH A . 
I 5 HOH 111 411 18  HOH HOH A . 
I 5 HOH 112 412 154 HOH HOH A . 
I 5 HOH 113 413 169 HOH HOH A . 
I 5 HOH 114 414 67  HOH HOH A . 
I 5 HOH 115 415 8   HOH HOH A . 
I 5 HOH 116 416 201 HOH HOH A . 
I 5 HOH 117 417 112 HOH HOH A . 
I 5 HOH 118 418 211 HOH HOH A . 
I 5 HOH 119 419 39  HOH HOH A . 
I 5 HOH 120 420 81  HOH HOH A . 
I 5 HOH 121 421 120 HOH HOH A . 
I 5 HOH 122 422 226 HOH HOH A . 
I 5 HOH 123 423 107 HOH HOH A . 
I 5 HOH 124 424 138 HOH HOH A . 
I 5 HOH 125 425 150 HOH HOH A . 
I 5 HOH 126 426 103 HOH HOH A . 
I 5 HOH 127 427 130 HOH HOH A . 
I 5 HOH 128 428 106 HOH HOH A . 
I 5 HOH 129 429 59  HOH HOH A . 
I 5 HOH 130 430 34  HOH HOH A . 
I 5 HOH 131 431 86  HOH HOH A . 
I 5 HOH 132 432 166 HOH HOH A . 
I 5 HOH 133 433 172 HOH HOH A . 
I 5 HOH 134 434 188 HOH HOH A . 
I 5 HOH 135 435 227 HOH HOH A . 
I 5 HOH 136 436 213 HOH HOH A . 
I 5 HOH 137 437 170 HOH HOH A . 
I 5 HOH 138 438 153 HOH HOH A . 
I 5 HOH 139 439 63  HOH HOH A . 
I 5 HOH 140 440 164 HOH HOH A . 
I 5 HOH 141 441 119 HOH HOH A . 
I 5 HOH 142 442 125 HOH HOH A . 
I 5 HOH 143 443 104 HOH HOH A . 
I 5 HOH 144 444 115 HOH HOH A . 
I 5 HOH 145 445 221 HOH HOH A . 
I 5 HOH 146 446 175 HOH HOH A . 
I 5 HOH 147 447 189 HOH HOH A . 
I 5 HOH 148 448 214 HOH HOH A . 
I 5 HOH 149 449 206 HOH HOH A . 
I 5 HOH 150 450 228 HOH HOH A . 
I 5 HOH 151 451 74  HOH HOH A . 
I 5 HOH 152 452 111 HOH HOH A . 
I 5 HOH 153 453 217 HOH HOH A . 
I 5 HOH 154 454 48  HOH HOH A . 
I 5 HOH 155 455 232 HOH HOH A . 
I 5 HOH 156 456 52  HOH HOH A . 
I 5 HOH 157 457 171 HOH HOH A . 
I 5 HOH 158 458 173 HOH HOH A . 
I 5 HOH 159 459 179 HOH HOH A . 
I 5 HOH 160 460 66  HOH HOH A . 
I 5 HOH 161 461 193 HOH HOH A . 
I 5 HOH 162 462 146 HOH HOH A . 
I 5 HOH 163 463 82  HOH HOH A . 
I 5 HOH 164 464 143 HOH HOH A . 
I 5 HOH 165 465 158 HOH HOH A . 
I 5 HOH 166 466 183 HOH HOH A . 
I 5 HOH 167 467 65  HOH HOH A . 
I 5 HOH 168 468 140 HOH HOH A . 
I 5 HOH 169 469 196 HOH HOH A . 
I 5 HOH 170 470 190 HOH HOH A . 
I 5 HOH 171 471 159 HOH HOH A . 
I 5 HOH 172 472 182 HOH HOH A . 
I 5 HOH 173 473 105 HOH HOH A . 
I 5 HOH 174 474 91  HOH HOH A . 
I 5 HOH 175 475 139 HOH HOH A . 
I 5 HOH 176 476 195 HOH HOH A . 
I 5 HOH 177 477 142 HOH HOH A . 
I 5 HOH 178 478 178 HOH HOH A . 
I 5 HOH 179 479 200 HOH HOH A . 
I 5 HOH 180 480 162 HOH HOH A . 
I 5 HOH 181 481 141 HOH HOH A . 
I 5 HOH 182 482 93  HOH HOH A . 
I 5 HOH 183 483 212 HOH HOH A . 
I 5 HOH 184 484 194 HOH HOH A . 
I 5 HOH 185 485 97  HOH HOH A . 
I 5 HOH 186 486 168 HOH HOH A . 
I 5 HOH 187 487 167 HOH HOH A . 
I 5 HOH 188 488 204 HOH HOH A . 
I 5 HOH 189 489 137 HOH HOH A . 
I 5 HOH 190 490 133 HOH HOH A . 
I 5 HOH 191 491 152 HOH HOH A . 
I 5 HOH 192 492 202 HOH HOH A . 
I 5 HOH 193 493 145 HOH HOH A . 
I 5 HOH 194 494 205 HOH HOH A . 
I 5 HOH 195 495 180 HOH HOH A . 
I 5 HOH 196 496 207 HOH HOH A . 
I 5 HOH 197 497 184 HOH HOH A . 
I 5 HOH 198 498 100 HOH HOH A . 
I 5 HOH 199 499 231 HOH HOH A . 
I 5 HOH 200 500 191 HOH HOH A . 
I 5 HOH 201 501 198 HOH HOH A . 
I 5 HOH 202 502 203 HOH HOH A . 
I 5 HOH 203 503 181 HOH HOH A . 
I 5 HOH 204 504 229 HOH HOH A . 
I 5 HOH 205 505 222 HOH HOH A . 
I 5 HOH 206 506 223 HOH HOH A . 
I 5 HOH 207 507 157 HOH HOH A . 
I 5 HOH 208 508 230 HOH HOH A . 
I 5 HOH 209 509 176 HOH HOH A . 
I 5 HOH 210 510 220 HOH HOH A . 
I 5 HOH 211 511 174 HOH HOH A . 
# 
loop_
_software.citation_id 
_software.classification 
_software.compiler_name 
_software.compiler_version 
_software.contact_author 
_software.contact_author_email 
_software.date 
_software.description 
_software.dependencies 
_software.hardware 
_software.language 
_software.location 
_software.mods 
_software.name 
_software.os 
_software.os_version 
_software.type 
_software.version 
_software.pdbx_ordinal 
? 'data reduction'  ? ? ? ? ? ? ? ? ? ? ? XDS         ? ? ? .        1 
? 'data scaling'    ? ? ? ? ? ? ? ? ? ? ? Aimless     ? ? ? 5.8.0158 2 
? refinement        ? ? ? ? ? ? ? ? ? ? ? REFMAC      ? ? ? 5.8.0158 3 
? 'data extraction' ? ? ? ? ? ? ? ? ? ? ? PDB_EXTRACT ? ? ? 3.24     4 
? phasing           ? ? ? ? ? ? ? ? ? ? ? PHASER      ? ? ? .        5 
# 
_cell.angle_alpha                  90.000 
_cell.angle_alpha_esd              ? 
_cell.angle_beta                   90.000 
_cell.angle_beta_esd               ? 
_cell.angle_gamma                  120.000 
_cell.angle_gamma_esd              ? 
_cell.entry_id                     6H9W 
_cell.details                      ? 
_cell.formula_units_Z              ? 
_cell.length_a                     76.148 
_cell.length_a_esd                 ? 
_cell.length_b                     76.148 
_cell.length_b_esd                 ? 
_cell.length_c                     70.084 
_cell.length_c_esd                 ? 
_cell.volume                       ? 
_cell.volume_esd                   ? 
_cell.Z_PDB                        6 
_cell.reciprocal_angle_alpha       ? 
_cell.reciprocal_angle_beta        ? 
_cell.reciprocal_angle_gamma       ? 
_cell.reciprocal_angle_alpha_esd   ? 
_cell.reciprocal_angle_beta_esd    ? 
_cell.reciprocal_angle_gamma_esd   ? 
_cell.reciprocal_length_a          ? 
_cell.reciprocal_length_b          ? 
_cell.reciprocal_length_c          ? 
_cell.reciprocal_length_a_esd      ? 
_cell.reciprocal_length_b_esd      ? 
_cell.reciprocal_length_c_esd      ? 
_cell.pdbx_unique_axis             ? 
# 
_symmetry.entry_id                         6H9W 
_symmetry.cell_setting                     ? 
_symmetry.Int_Tables_number                154 
_symmetry.space_group_name_Hall            ? 
_symmetry.space_group_name_H-M             'P 32 2 1' 
_symmetry.pdbx_full_space_group_name_H-M   ? 
# 
_exptl.absorpt_coefficient_mu     ? 
_exptl.absorpt_correction_T_max   ? 
_exptl.absorpt_correction_T_min   ? 
_exptl.absorpt_correction_type    ? 
_exptl.absorpt_process_details    ? 
_exptl.entry_id                   6H9W 
_exptl.crystals_number            1 
_exptl.details                    ? 
_exptl.method                     'X-RAY DIFFRACTION' 
_exptl.method_details             ? 
# 
_exptl_crystal.colour                      ? 
_exptl_crystal.density_diffrn              ? 
_exptl_crystal.density_Matthews            3.21 
_exptl_crystal.density_method              ? 
_exptl_crystal.density_percent_sol         61.68 
_exptl_crystal.description                 ? 
_exptl_crystal.F_000                       ? 
_exptl_crystal.id                          1 
_exptl_crystal.preparation                 ? 
_exptl_crystal.size_max                    ? 
_exptl_crystal.size_mid                    ? 
_exptl_crystal.size_min                    ? 
_exptl_crystal.size_rad                    ? 
_exptl_crystal.colour_lustre               ? 
_exptl_crystal.colour_modifier             ? 
_exptl_crystal.colour_primary              ? 
_exptl_crystal.density_meas                ? 
_exptl_crystal.density_meas_esd            ? 
_exptl_crystal.density_meas_gt             ? 
_exptl_crystal.density_meas_lt             ? 
_exptl_crystal.density_meas_temp           ? 
_exptl_crystal.density_meas_temp_esd       ? 
_exptl_crystal.density_meas_temp_gt        ? 
_exptl_crystal.density_meas_temp_lt        ? 
_exptl_crystal.pdbx_crystal_image_url      ? 
_exptl_crystal.pdbx_crystal_image_format   ? 
_exptl_crystal.pdbx_mosaicity              ? 
_exptl_crystal.pdbx_mosaicity_esd          ? 
# 
_exptl_crystal_grow.apparatus       ? 
_exptl_crystal_grow.atmosphere      ? 
_exptl_crystal_grow.crystal_id      1 
_exptl_crystal_grow.details         ? 
_exptl_crystal_grow.method          'VAPOR DIFFUSION, SITTING DROP' 
_exptl_crystal_grow.method_ref      ? 
_exptl_crystal_grow.pH              ? 
_exptl_crystal_grow.pressure        ? 
_exptl_crystal_grow.pressure_esd    ? 
_exptl_crystal_grow.seeding         ? 
_exptl_crystal_grow.seeding_ref     ? 
_exptl_crystal_grow.temp            294.15 
_exptl_crystal_grow.temp_details    ? 
_exptl_crystal_grow.temp_esd        ? 
_exptl_crystal_grow.time            ? 
_exptl_crystal_grow.pdbx_details    
;1.2M (NH 4 ) 2 SO 4 
3% iso-propanol and
0.1M sodium citrate pH4.6
;
_exptl_crystal_grow.pdbx_pH_range   ? 
# 
_diffrn.ambient_environment              ? 
_diffrn.ambient_temp                     100 
_diffrn.ambient_temp_details             ? 
_diffrn.ambient_temp_esd                 ? 
_diffrn.crystal_id                       1 
_diffrn.crystal_support                  ? 
_diffrn.crystal_treatment                ? 
_diffrn.details                          ? 
_diffrn.id                               1 
_diffrn.ambient_pressure                 ? 
_diffrn.ambient_pressure_esd             ? 
_diffrn.ambient_pressure_gt              ? 
_diffrn.ambient_pressure_lt              ? 
_diffrn.ambient_temp_gt                  ? 
_diffrn.ambient_temp_lt                  ? 
_diffrn.pdbx_serial_crystal_experiment   ? 
# 
_diffrn_detector.details                      ? 
_diffrn_detector.detector                     PIXEL 
_diffrn_detector.diffrn_id                    1 
_diffrn_detector.type                         'DECTRIS PILATUS 6M' 
_diffrn_detector.area_resol_mean              ? 
_diffrn_detector.dtime                        ? 
_diffrn_detector.pdbx_frames_total            ? 
_diffrn_detector.pdbx_collection_time_total   ? 
_diffrn_detector.pdbx_collection_date         2017-07-07 
_diffrn_detector.pdbx_frequency               ? 
# 
_diffrn_radiation.collimation                      ? 
_diffrn_radiation.diffrn_id                        1 
_diffrn_radiation.filter_edge                      ? 
_diffrn_radiation.inhomogeneity                    ? 
_diffrn_radiation.monochromator                    ? 
_diffrn_radiation.polarisn_norm                    ? 
_diffrn_radiation.polarisn_ratio                   ? 
_diffrn_radiation.probe                            ? 
_diffrn_radiation.type                             ? 
_diffrn_radiation.xray_symbol                      ? 
_diffrn_radiation.wavelength_id                    1 
_diffrn_radiation.pdbx_monochromatic_or_laue_m_l   M 
_diffrn_radiation.pdbx_wavelength_list             ? 
_diffrn_radiation.pdbx_wavelength                  ? 
_diffrn_radiation.pdbx_diffrn_protocol             'SINGLE WAVELENGTH' 
_diffrn_radiation.pdbx_analyzer                    ? 
_diffrn_radiation.pdbx_scattering_type             x-ray 
# 
_diffrn_radiation_wavelength.id           1 
_diffrn_radiation_wavelength.wavelength   0.97923 
_diffrn_radiation_wavelength.wt           1.0 
# 
_diffrn_source.current                     ? 
_diffrn_source.details                     ? 
_diffrn_source.diffrn_id                   1 
_diffrn_source.power                       ? 
_diffrn_source.size                        ? 
_diffrn_source.source                      SYNCHROTRON 
_diffrn_source.target                      ? 
_diffrn_source.type                        'ALBA BEAMLINE XALOC' 
_diffrn_source.voltage                     ? 
_diffrn_source.take-off_angle              ? 
_diffrn_source.pdbx_wavelength_list        0.97923 
_diffrn_source.pdbx_wavelength             ? 
_diffrn_source.pdbx_synchrotron_beamline   XALOC 
_diffrn_source.pdbx_synchrotron_site       ALBA 
# 
_reflns.B_iso_Wilson_estimate            ? 
_reflns.entry_id                         6H9W 
_reflns.data_reduction_details           ? 
_reflns.data_reduction_method            ? 
_reflns.d_resolution_high                1.35 
_reflns.d_resolution_low                 65.9500 
_reflns.details                          ? 
_reflns.limit_h_max                      ? 
_reflns.limit_h_min                      ? 
_reflns.limit_k_max                      ? 
_reflns.limit_k_min                      ? 
_reflns.limit_l_max                      ? 
_reflns.limit_l_min                      ? 
_reflns.number_all                       ? 
_reflns.number_obs                       52302 
_reflns.observed_criterion               ? 
_reflns.observed_criterion_F_max         ? 
_reflns.observed_criterion_F_min         ? 
_reflns.observed_criterion_I_max         ? 
_reflns.observed_criterion_I_min         ? 
_reflns.observed_criterion_sigma_F       ? 
_reflns.observed_criterion_sigma_I       ? 
_reflns.percent_possible_obs             99.9 
_reflns.R_free_details                   ? 
_reflns.Rmerge_F_all                     ? 
_reflns.Rmerge_F_obs                     ? 
_reflns.Friedel_coverage                 ? 
_reflns.number_gt                        ? 
_reflns.threshold_expression             ? 
_reflns.pdbx_redundancy                  10.0 
_reflns.pdbx_Rmerge_I_obs                ? 
_reflns.pdbx_Rmerge_I_all                ? 
_reflns.pdbx_Rsym_value                  ? 
_reflns.pdbx_netI_over_av_sigmaI         ? 
_reflns.pdbx_netI_over_sigmaI            15.9 
_reflns.pdbx_res_netI_over_av_sigmaI_2   ? 
_reflns.pdbx_res_netI_over_sigmaI_2      ? 
_reflns.pdbx_chi_squared                 ? 
_reflns.pdbx_scaling_rejects             ? 
_reflns.pdbx_d_res_high_opt              ? 
_reflns.pdbx_d_res_low_opt               ? 
_reflns.pdbx_d_res_opt_method            ? 
_reflns.phase_calculation_details        ? 
_reflns.pdbx_Rrim_I_all                  ? 
_reflns.pdbx_Rpim_I_all                  0.021 
_reflns.pdbx_d_opt                       ? 
_reflns.pdbx_number_measured_all         ? 
_reflns.pdbx_diffrn_id                   1 
_reflns.pdbx_ordinal                     1 
_reflns.pdbx_CC_half                     0.999 
_reflns.pdbx_R_split                     ? 
# 
_reflns_shell.d_res_high                  1.35 
_reflns_shell.d_res_low                   1.42 
_reflns_shell.meanI_over_sigI_all         ? 
_reflns_shell.meanI_over_sigI_obs         1.9 
_reflns_shell.number_measured_all         ? 
_reflns_shell.number_measured_obs         ? 
_reflns_shell.number_possible             ? 
_reflns_shell.number_unique_all           ? 
_reflns_shell.number_unique_obs           7527 
_reflns_shell.percent_possible_all        99.6 
_reflns_shell.percent_possible_obs        ? 
_reflns_shell.Rmerge_F_all                ? 
_reflns_shell.Rmerge_F_obs                ? 
_reflns_shell.Rmerge_I_all                ? 
_reflns_shell.Rmerge_I_obs                ? 
_reflns_shell.meanI_over_sigI_gt          ? 
_reflns_shell.meanI_over_uI_all           ? 
_reflns_shell.meanI_over_uI_gt            ? 
_reflns_shell.number_measured_gt          ? 
_reflns_shell.number_unique_gt            ? 
_reflns_shell.percent_possible_gt         ? 
_reflns_shell.Rmerge_F_gt                 ? 
_reflns_shell.Rmerge_I_gt                 ? 
_reflns_shell.pdbx_redundancy             5.8 
_reflns_shell.pdbx_Rsym_value             ? 
_reflns_shell.pdbx_chi_squared            ? 
_reflns_shell.pdbx_netI_over_sigmaI_all   ? 
_reflns_shell.pdbx_netI_over_sigmaI_obs   ? 
_reflns_shell.pdbx_Rrim_I_all             ? 
_reflns_shell.pdbx_Rpim_I_all             0.266 
_reflns_shell.pdbx_rejects                ? 
_reflns_shell.pdbx_ordinal                1 
_reflns_shell.pdbx_diffrn_id              1 
_reflns_shell.pdbx_CC_half                0.932 
_reflns_shell.pdbx_R_split                ? 
# 
_refine.aniso_B[1][1]                            0.7400 
_refine.aniso_B[1][2]                            0.3700 
_refine.aniso_B[1][3]                            0.0000 
_refine.aniso_B[2][2]                            0.7400 
_refine.aniso_B[2][3]                            -0.0000 
_refine.aniso_B[3][3]                            -2.3900 
_refine.B_iso_max                                79.200 
_refine.B_iso_mean                               27.1750 
_refine.B_iso_min                                14.520 
_refine.correlation_coeff_Fo_to_Fc               0.9670 
_refine.correlation_coeff_Fo_to_Fc_free          0.9610 
_refine.details                                  
'HYDROGENS HAVE BEEN ADDED IN THE RIDING POSITIONS U VALUES      : REFINED INDIVIDUALLY' 
_refine.diff_density_max                         ? 
_refine.diff_density_max_esd                     ? 
_refine.diff_density_min                         ? 
_refine.diff_density_min_esd                     ? 
_refine.diff_density_rms                         ? 
_refine.diff_density_rms_esd                     ? 
_refine.entry_id                                 6H9W 
_refine.pdbx_refine_id                           'X-RAY DIFFRACTION' 
_refine.ls_abs_structure_details                 ? 
_refine.ls_abs_structure_Flack                   ? 
_refine.ls_abs_structure_Flack_esd               ? 
_refine.ls_abs_structure_Rogers                  ? 
_refine.ls_abs_structure_Rogers_esd              ? 
_refine.ls_d_res_high                            1.3500 
_refine.ls_d_res_low                             65.9500 
_refine.ls_extinction_coef                       ? 
_refine.ls_extinction_coef_esd                   ? 
_refine.ls_extinction_expression                 ? 
_refine.ls_extinction_method                     ? 
_refine.ls_goodness_of_fit_all                   ? 
_refine.ls_goodness_of_fit_all_esd               ? 
_refine.ls_goodness_of_fit_obs                   ? 
_refine.ls_goodness_of_fit_obs_esd               ? 
_refine.ls_hydrogen_treatment                    ? 
_refine.ls_matrix_type                           ? 
_refine.ls_number_constraints                    ? 
_refine.ls_number_parameters                     ? 
_refine.ls_number_reflns_all                     ? 
_refine.ls_number_reflns_obs                     49656 
_refine.ls_number_reflns_R_free                  2612 
_refine.ls_number_reflns_R_work                  ? 
_refine.ls_number_restraints                     ? 
_refine.ls_percent_reflns_obs                    99.9200 
_refine.ls_percent_reflns_R_free                 5.0000 
_refine.ls_R_factor_all                          ? 
_refine.ls_R_factor_obs                          0.2069 
_refine.ls_R_factor_R_free                       0.2273 
_refine.ls_R_factor_R_free_error                 ? 
_refine.ls_R_factor_R_free_error_details         ? 
_refine.ls_R_factor_R_work                       0.2058 
_refine.ls_R_Fsqd_factor_obs                     ? 
_refine.ls_R_I_factor_obs                        ? 
_refine.ls_redundancy_reflns_all                 ? 
_refine.ls_redundancy_reflns_obs                 ? 
_refine.ls_restrained_S_all                      ? 
_refine.ls_restrained_S_obs                      ? 
_refine.ls_shift_over_esd_max                    ? 
_refine.ls_shift_over_esd_mean                   ? 
_refine.ls_structure_factor_coef                 ? 
_refine.ls_weighting_details                     ? 
_refine.ls_weighting_scheme                      ? 
_refine.ls_wR_factor_all                         ? 
_refine.ls_wR_factor_obs                         ? 
_refine.ls_wR_factor_R_free                      ? 
_refine.ls_wR_factor_R_work                      ? 
_refine.occupancy_max                            ? 
_refine.occupancy_min                            ? 
_refine.solvent_model_details                    ? 
_refine.solvent_model_param_bsol                 ? 
_refine.solvent_model_param_ksol                 ? 
_refine.ls_R_factor_gt                           ? 
_refine.ls_goodness_of_fit_gt                    ? 
_refine.ls_goodness_of_fit_ref                   ? 
_refine.ls_shift_over_su_max                     ? 
_refine.ls_shift_over_su_max_lt                  ? 
_refine.ls_shift_over_su_mean                    ? 
_refine.ls_shift_over_su_mean_lt                 ? 
_refine.pdbx_ls_sigma_I                          ? 
_refine.pdbx_ls_sigma_F                          0.000 
_refine.pdbx_ls_sigma_Fsqd                       ? 
_refine.pdbx_data_cutoff_high_absF               ? 
_refine.pdbx_data_cutoff_high_rms_absF           ? 
_refine.pdbx_data_cutoff_low_absF                ? 
_refine.pdbx_isotropic_thermal_model             ? 
_refine.pdbx_ls_cross_valid_method               THROUGHOUT 
_refine.pdbx_method_to_determine_struct          'MOLECULAR REPLACEMENT' 
_refine.pdbx_starting_model                      2I2S 
_refine.pdbx_stereochemistry_target_values       ? 
_refine.pdbx_R_Free_selection_details            RANDOM 
_refine.pdbx_stereochem_target_val_spec_case     ? 
_refine.pdbx_overall_ESU_R                       0.0540 
_refine.pdbx_overall_ESU_R_Free                  0.0550 
_refine.pdbx_solvent_vdw_probe_radii             1.2000 
_refine.pdbx_solvent_ion_probe_radii             0.8000 
_refine.pdbx_solvent_shrinkage_radii             0.8000 
_refine.pdbx_real_space_R                        ? 
_refine.pdbx_density_correlation                 ? 
_refine.pdbx_pd_number_of_powder_patterns        ? 
_refine.pdbx_pd_number_of_points                 ? 
_refine.pdbx_pd_meas_number_of_points            ? 
_refine.pdbx_pd_proc_ls_prof_R_factor            ? 
_refine.pdbx_pd_proc_ls_prof_wR_factor           ? 
_refine.pdbx_pd_Marquardt_correlation_coeff      ? 
_refine.pdbx_pd_Fsqrd_R_factor                   ? 
_refine.pdbx_pd_ls_matrix_band_width             ? 
_refine.pdbx_overall_phase_error                 ? 
_refine.pdbx_overall_SU_R_free_Cruickshank_DPI   ? 
_refine.pdbx_overall_SU_R_free_Blow_DPI          ? 
_refine.pdbx_overall_SU_R_Blow_DPI               ? 
_refine.pdbx_TLS_residual_ADP_flag               ? 
_refine.pdbx_diffrn_id                           1 
_refine.overall_SU_B                             1.2010 
_refine.overall_SU_ML                            0.0480 
_refine.overall_SU_R_Cruickshank_DPI             ? 
_refine.overall_SU_R_free                        ? 
_refine.overall_FOM_free_R_set                   ? 
_refine.overall_FOM_work_R_set                   ? 
_refine.pdbx_average_fsc_overall                 ? 
_refine.pdbx_average_fsc_work                    ? 
_refine.pdbx_average_fsc_free                    ? 
# 
_refine_hist.cycle_id                         final 
_refine_hist.pdbx_refine_id                   'X-RAY DIFFRACTION' 
_refine_hist.d_res_high                       1.3500 
_refine_hist.d_res_low                        65.9500 
_refine_hist.pdbx_number_atoms_ligand         41 
_refine_hist.number_atoms_solvent             211 
_refine_hist.number_atoms_total               1544 
_refine_hist.pdbx_number_residues_total       159 
_refine_hist.pdbx_B_iso_mean_ligand           38.74 
_refine_hist.pdbx_B_iso_mean_solvent          39.09 
_refine_hist.pdbx_number_atoms_protein        1292 
_refine_hist.pdbx_number_atoms_nucleic_acid   0 
# 
loop_
_refine_ls_restr.pdbx_refine_id 
_refine_ls_restr.criterion 
_refine_ls_restr.dev_ideal 
_refine_ls_restr.dev_ideal_target 
_refine_ls_restr.number 
_refine_ls_restr.rejects 
_refine_ls_restr.type 
_refine_ls_restr.weight 
_refine_ls_restr.pdbx_restraint_function 
'X-RAY DIFFRACTION' ? 0.032  0.020  1385 ? r_bond_refined_d       ? ? 
'X-RAY DIFFRACTION' ? 0.003  0.020  1164 ? r_bond_other_d         ? ? 
'X-RAY DIFFRACTION' ? 2.703  1.935  1894 ? r_angle_refined_deg    ? ? 
'X-RAY DIFFRACTION' ? 1.250  3.000  2711 ? r_angle_other_deg      ? ? 
'X-RAY DIFFRACTION' ? 7.050  5.000  166  ? r_dihedral_angle_1_deg ? ? 
'X-RAY DIFFRACTION' ? 31.939 24.474 76   ? r_dihedral_angle_2_deg ? ? 
'X-RAY DIFFRACTION' ? 11.848 15.000 209  ? r_dihedral_angle_3_deg ? ? 
'X-RAY DIFFRACTION' ? 11.539 15.000 9    ? r_dihedral_angle_4_deg ? ? 
'X-RAY DIFFRACTION' ? 0.164  0.200  204  ? r_chiral_restr         ? ? 
'X-RAY DIFFRACTION' ? 0.013  0.020  1548 ? r_gen_planes_refined   ? ? 
'X-RAY DIFFRACTION' ? 0.002  0.020  297  ? r_gen_planes_other     ? ? 
# 
_refine_ls_shell.pdbx_refine_id                   'X-RAY DIFFRACTION' 
_refine_ls_shell.d_res_high                       1.3470 
_refine_ls_shell.d_res_low                        1.3820 
_refine_ls_shell.number_reflns_all                3801 
_refine_ls_shell.number_reflns_obs                ? 
_refine_ls_shell.number_reflns_R_free             193 
_refine_ls_shell.number_reflns_R_work             3608 
_refine_ls_shell.percent_reflns_obs               99.1400 
_refine_ls_shell.percent_reflns_R_free            ? 
_refine_ls_shell.R_factor_all                     ? 
_refine_ls_shell.R_factor_obs                     ? 
_refine_ls_shell.R_factor_R_free                  0.3520 
_refine_ls_shell.R_factor_R_free_error            0.0000 
_refine_ls_shell.R_factor_R_work                  0.3400 
_refine_ls_shell.redundancy_reflns_all            ? 
_refine_ls_shell.redundancy_reflns_obs            ? 
_refine_ls_shell.wR_factor_all                    ? 
_refine_ls_shell.wR_factor_obs                    ? 
_refine_ls_shell.wR_factor_R_free                 ? 
_refine_ls_shell.wR_factor_R_work                 ? 
_refine_ls_shell.pdbx_total_number_of_bins_used   20 
_refine_ls_shell.pdbx_phase_error                 ? 
_refine_ls_shell.pdbx_fsc_work                    ? 
_refine_ls_shell.pdbx_fsc_free                    ? 
# 
_struct.entry_id                     6H9W 
_struct.title                        
'Unraveling the role of the secretor antigen in human rotavirus attachment to histo-blood group antigens' 
_struct.pdbx_model_details           ? 
_struct.pdbx_formula_weight          ? 
_struct.pdbx_formula_weight_method   ? 
_struct.pdbx_model_type_details      ? 
_struct.pdbx_CASP_flag               N 
# 
_struct_keywords.entry_id        6H9W 
_struct_keywords.text            'histo-blood group antigen rotavirus, VIRAL PROTEIN' 
_struct_keywords.pdbx_keywords   'VIRAL PROTEIN' 
# 
loop_
_struct_asym.id 
_struct_asym.pdbx_blank_PDB_chainid_flag 
_struct_asym.pdbx_modified 
_struct_asym.entity_id 
_struct_asym.details 
A N N 1 ? 
B N N 2 ? 
C N N 2 ? 
D N N 2 ? 
E N N 2 ? 
F N N 3 ? 
G N N 4 ? 
H N N 4 ? 
I N N 5 ? 
# 
_struct_ref.id                         1 
_struct_ref.db_name                    UNP 
_struct_ref.db_code                    A0A0S0VKY7_9REOV 
_struct_ref.pdbx_db_accession          A0A0S0VKY7 
_struct_ref.pdbx_db_isoform            ? 
_struct_ref.entity_id                  1 
_struct_ref.pdbx_seq_one_letter_code   
;LDGPYQPTTFTPPSDYWILINSNTNGVVYESTNNSDFWTAVIAVEPHVDPVDRQYNVFGENKQFNVRNDSDKWKFLEMFR
GSSQNDFYNRRTLTSDTRLVGILKYGGRIWTFHGETPRATTDSSNTANLNGISITIHSEFYIIPRSQESKCNEYINNGL
;
_struct_ref.pdbx_align_begin           2 
# 
_struct_ref_seq.align_id                      1 
_struct_ref_seq.ref_id                        1 
_struct_ref_seq.pdbx_PDB_id_code              6H9W 
_struct_ref_seq.pdbx_strand_id                A 
_struct_ref_seq.seq_align_beg                 4 
_struct_ref_seq.pdbx_seq_align_beg_ins_code   ? 
_struct_ref_seq.seq_align_end                 162 
_struct_ref_seq.pdbx_seq_align_end_ins_code   ? 
_struct_ref_seq.pdbx_db_accession             A0A0S0VKY7 
_struct_ref_seq.db_align_beg                  2 
_struct_ref_seq.pdbx_db_align_beg_ins_code    ? 
_struct_ref_seq.db_align_end                  160 
_struct_ref_seq.pdbx_db_align_end_ins_code    ? 
_struct_ref_seq.pdbx_auth_seq_align_beg       4 
_struct_ref_seq.pdbx_auth_seq_align_end       162 
# 
loop_
_struct_ref_seq_dif.align_id 
_struct_ref_seq_dif.pdbx_pdb_id_code 
_struct_ref_seq_dif.mon_id 
_struct_ref_seq_dif.pdbx_pdb_strand_id 
_struct_ref_seq_dif.seq_num 
_struct_ref_seq_dif.pdbx_pdb_ins_code 
_struct_ref_seq_dif.pdbx_seq_db_name 
_struct_ref_seq_dif.pdbx_seq_db_accession_code 
_struct_ref_seq_dif.db_mon_id 
_struct_ref_seq_dif.pdbx_seq_db_seq_num 
_struct_ref_seq_dif.details 
_struct_ref_seq_dif.pdbx_auth_seq_num 
_struct_ref_seq_dif.pdbx_ordinal 
1 6H9W GLY A 1  ? UNP A0A0S0VKY7 ?   ?  'expression tag' 1  1 
1 6H9W SER A 2  ? UNP A0A0S0VKY7 ?   ?  'expression tag' 2  2 
1 6H9W MET A 3  ? UNP A0A0S0VKY7 ?   ?  'expression tag' 3  3 
1 6H9W ASN A 99 ? UNP A0A0S0VKY7 ASP 97 conflict         99 4 
# 
_pdbx_struct_assembly.id                   1 
_pdbx_struct_assembly.details              author_and_software_defined_assembly 
_pdbx_struct_assembly.method_details       PISA 
_pdbx_struct_assembly.oligomeric_details   monomeric 
_pdbx_struct_assembly.oligomeric_count     1 
# 
loop_
_pdbx_struct_assembly_prop.biol_id 
_pdbx_struct_assembly_prop.type 
_pdbx_struct_assembly_prop.value 
_pdbx_struct_assembly_prop.details 
1 'ABSA (A^2)' 1080 ? 
1 MORE         -27  ? 
1 'SSA (A^2)'  7900 ? 
# 
_pdbx_struct_assembly_gen.assembly_id       1 
_pdbx_struct_assembly_gen.oper_expression   1 
_pdbx_struct_assembly_gen.asym_id_list      A,B,C,D,E,F,G,H,I 
# 
_pdbx_struct_assembly_auth_evidence.id                     1 
_pdbx_struct_assembly_auth_evidence.assembly_id            1 
_pdbx_struct_assembly_auth_evidence.experimental_support   'gel filtration' 
_pdbx_struct_assembly_auth_evidence.details                ? 
# 
_pdbx_struct_oper_list.id                   1 
_pdbx_struct_oper_list.type                 'identity operation' 
_pdbx_struct_oper_list.name                 1_555 
_pdbx_struct_oper_list.symmetry_operation   x,y,z 
_pdbx_struct_oper_list.matrix[1][1]         1.0000000000 
_pdbx_struct_oper_list.matrix[1][2]         0.0000000000 
_pdbx_struct_oper_list.matrix[1][3]         0.0000000000 
_pdbx_struct_oper_list.vector[1]            0.0000000000 
_pdbx_struct_oper_list.matrix[2][1]         0.0000000000 
_pdbx_struct_oper_list.matrix[2][2]         1.0000000000 
_pdbx_struct_oper_list.matrix[2][3]         0.0000000000 
_pdbx_struct_oper_list.vector[2]            0.0000000000 
_pdbx_struct_oper_list.matrix[3][1]         0.0000000000 
_pdbx_struct_oper_list.matrix[3][2]         0.0000000000 
_pdbx_struct_oper_list.matrix[3][3]         1.0000000000 
_pdbx_struct_oper_list.vector[3]            0.0000000000 
# 
_struct_conf.conf_type_id            HELX_P 
_struct_conf.id                      HELX_P1 
_struct_conf.pdbx_PDB_helix_id       AA1 
_struct_conf.beg_label_comp_id       GLN 
_struct_conf.beg_label_asym_id       A 
_struct_conf.beg_label_seq_id        150 
_struct_conf.pdbx_beg_PDB_ins_code   ? 
_struct_conf.end_label_comp_id       GLY 
_struct_conf.end_label_asym_id       A 
_struct_conf.end_label_seq_id        161 
_struct_conf.pdbx_end_PDB_ins_code   ? 
_struct_conf.beg_auth_comp_id        GLN 
_struct_conf.beg_auth_asym_id        A 
_struct_conf.beg_auth_seq_id         150 
_struct_conf.end_auth_comp_id        GLY 
_struct_conf.end_auth_asym_id        A 
_struct_conf.end_auth_seq_id         161 
_struct_conf.pdbx_PDB_helix_class    1 
_struct_conf.details                 ? 
_struct_conf.pdbx_PDB_helix_length   12 
# 
_struct_conf_type.id          HELX_P 
_struct_conf_type.criteria    ? 
_struct_conf_type.reference   ? 
# 
loop_
_struct_mon_prot_cis.pdbx_id 
_struct_mon_prot_cis.label_comp_id 
_struct_mon_prot_cis.label_seq_id 
_struct_mon_prot_cis.label_asym_id 
_struct_mon_prot_cis.label_alt_id 
_struct_mon_prot_cis.pdbx_PDB_ins_code 
_struct_mon_prot_cis.auth_comp_id 
_struct_mon_prot_cis.auth_seq_id 
_struct_mon_prot_cis.auth_asym_id 
_struct_mon_prot_cis.pdbx_label_comp_id_2 
_struct_mon_prot_cis.pdbx_label_seq_id_2 
_struct_mon_prot_cis.pdbx_label_asym_id_2 
_struct_mon_prot_cis.pdbx_PDB_ins_code_2 
_struct_mon_prot_cis.pdbx_auth_comp_id_2 
_struct_mon_prot_cis.pdbx_auth_seq_id_2 
_struct_mon_prot_cis.pdbx_auth_asym_id_2 
_struct_mon_prot_cis.pdbx_PDB_model_num 
_struct_mon_prot_cis.pdbx_omega_angle 
1 GLY 6   A . ? GLY 6   A PRO 7   A ? PRO 7   A 1 6.45  
2 THR 119 A . ? THR 119 A PRO 120 A ? PRO 120 A 1 -1.15 
# 
loop_
_struct_sheet.id 
_struct_sheet.type 
_struct_sheet.number_strands 
_struct_sheet.details 
AA1 ? 11 ? 
AA2 ? 6  ? 
AA3 ? 2  ? 
# 
loop_
_struct_sheet_order.sheet_id 
_struct_sheet_order.range_id_1 
_struct_sheet_order.range_id_2 
_struct_sheet_order.offset 
_struct_sheet_order.sense 
AA1 1  2  ? anti-parallel 
AA1 2  3  ? anti-parallel 
AA1 3  4  ? anti-parallel 
AA1 4  5  ? anti-parallel 
AA1 5  6  ? parallel      
AA1 6  7  ? anti-parallel 
AA1 7  8  ? anti-parallel 
AA1 8  9  ? anti-parallel 
AA1 9  10 ? anti-parallel 
AA1 10 11 ? anti-parallel 
AA2 1  2  ? anti-parallel 
AA2 2  3  ? anti-parallel 
AA2 3  4  ? anti-parallel 
AA2 4  5  ? anti-parallel 
AA2 5  6  ? anti-parallel 
AA3 1  2  ? anti-parallel 
# 
loop_
_struct_sheet_range.sheet_id 
_struct_sheet_range.id 
_struct_sheet_range.beg_label_comp_id 
_struct_sheet_range.beg_label_asym_id 
_struct_sheet_range.beg_label_seq_id 
_struct_sheet_range.pdbx_beg_PDB_ins_code 
_struct_sheet_range.end_label_comp_id 
_struct_sheet_range.end_label_asym_id 
_struct_sheet_range.end_label_seq_id 
_struct_sheet_range.pdbx_end_PDB_ins_code 
_struct_sheet_range.beg_auth_comp_id 
_struct_sheet_range.beg_auth_asym_id 
_struct_sheet_range.beg_auth_seq_id 
_struct_sheet_range.end_auth_comp_id 
_struct_sheet_range.end_auth_asym_id 
_struct_sheet_range.end_auth_seq_id 
AA1 1  ASP A 5   ? TYR A 8   ? ASP A 5   TYR A 8   
AA1 2  PHE A 143 ? PRO A 147 ? PHE A 143 PRO A 147 
AA1 3  TYR A 19  ? ASN A 24  ? TYR A 19  ASN A 24  
AA1 4  LEU A 102 ? TYR A 108 ? LEU A 102 TYR A 108 
AA1 5  ARG A 111 ? GLU A 118 ? ARG A 111 GLU A 118 
AA1 6  TYR A 91  ? SER A 98  ? TYR A 91  SER A 98  
AA1 7  TRP A 76  ? ARG A 83  ? TRP A 76  ARG A 83  
AA1 8  TRP A 41  ? VAL A 47  ? TRP A 41  VAL A 47  
AA1 9  GLY A 29  ? THR A 35  ? GLY A 29  THR A 35  
AA1 10 SER A 136 ? ILE A 139 ? SER A 136 ILE A 139 
AA1 11 THR A 11  ? PHE A 13  ? THR A 11  PHE A 13  
AA2 1  ASP A 5   ? TYR A 8   ? ASP A 5   TYR A 8   
AA2 2  PHE A 143 ? PRO A 147 ? PHE A 143 PRO A 147 
AA2 3  TYR A 19  ? ASN A 24  ? TYR A 19  ASN A 24  
AA2 4  LEU A 102 ? TYR A 108 ? LEU A 102 TYR A 108 
AA2 5  ARG A 111 ? GLU A 118 ? ARG A 111 GLU A 118 
AA2 6  THR A 123 ? ASN A 128 ? THR A 123 ASN A 128 
AA3 1  VAL A 54  ? VAL A 60  ? VAL A 54  VAL A 60  
AA3 2  GLU A 63  ? VAL A 69  ? GLU A 63  VAL A 69  
# 
loop_
_pdbx_struct_sheet_hbond.sheet_id 
_pdbx_struct_sheet_hbond.range_id_1 
_pdbx_struct_sheet_hbond.range_id_2 
_pdbx_struct_sheet_hbond.range_1_label_atom_id 
_pdbx_struct_sheet_hbond.range_1_label_comp_id 
_pdbx_struct_sheet_hbond.range_1_label_asym_id 
_pdbx_struct_sheet_hbond.range_1_label_seq_id 
_pdbx_struct_sheet_hbond.range_1_PDB_ins_code 
_pdbx_struct_sheet_hbond.range_1_auth_atom_id 
_pdbx_struct_sheet_hbond.range_1_auth_comp_id 
_pdbx_struct_sheet_hbond.range_1_auth_asym_id 
_pdbx_struct_sheet_hbond.range_1_auth_seq_id 
_pdbx_struct_sheet_hbond.range_2_label_atom_id 
_pdbx_struct_sheet_hbond.range_2_label_comp_id 
_pdbx_struct_sheet_hbond.range_2_label_asym_id 
_pdbx_struct_sheet_hbond.range_2_label_seq_id 
_pdbx_struct_sheet_hbond.range_2_PDB_ins_code 
_pdbx_struct_sheet_hbond.range_2_auth_atom_id 
_pdbx_struct_sheet_hbond.range_2_auth_comp_id 
_pdbx_struct_sheet_hbond.range_2_auth_asym_id 
_pdbx_struct_sheet_hbond.range_2_auth_seq_id 
AA1 1  2  N TYR A 8   ? N TYR A 8   O PHE A 143 ? O PHE A 143 
AA1 2  3  O ILE A 146 ? O ILE A 146 N TRP A 20  ? N TRP A 20  
AA1 3  4  N ILE A 23  ? N ILE A 23  O VAL A 103 ? O VAL A 103 
AA1 4  5  N LEU A 106 ? N LEU A 106 O TRP A 113 ? O TRP A 113 
AA1 5  6  O GLY A 117 ? O GLY A 117 N THR A 97  ? N THR A 97  
AA1 6  7  O ARG A 94  ? O ARG A 94  N GLU A 80  ? N GLU A 80  
AA1 7  8  O MET A 81  ? O MET A 81  N ALA A 43  ? N ALA A 43  
AA1 8  9  O VAL A 44  ? O VAL A 44  N VAL A 31  ? N VAL A 31  
AA1 9  10 N GLU A 33  ? N GLU A 33  O THR A 138 ? O THR A 138 
AA1 10 11 O ILE A 139 ? O ILE A 139 N THR A 11  ? N THR A 11  
AA2 1  2  N TYR A 8   ? N TYR A 8   O PHE A 143 ? O PHE A 143 
AA2 2  3  O ILE A 146 ? O ILE A 146 N TRP A 20  ? N TRP A 20  
AA2 3  4  N ILE A 23  ? N ILE A 23  O VAL A 103 ? O VAL A 103 
AA2 4  5  N LEU A 106 ? N LEU A 106 O TRP A 113 ? O TRP A 113 
AA2 5  6  N HIS A 116 ? N HIS A 116 O THR A 123 ? O THR A 123 
AA3 1  2  N TYR A 58  ? N TYR A 58  O LYS A 65  ? O LYS A 65  
# 
loop_
_struct_site.id 
_struct_site.pdbx_evidence_code 
_struct_site.pdbx_auth_asym_id 
_struct_site.pdbx_auth_comp_id 
_struct_site.pdbx_auth_seq_id 
_struct_site.pdbx_auth_ins_code 
_struct_site.pdbx_num_residues 
_struct_site.details 
AC1 Software A SO4 201 ? 6  'binding site for residue SO4 A 201' 
AC2 Software A SO4 202 ? 7  'binding site for residue SO4 A 202' 
AC3 Software A SO4 203 ? 11 'binding site for residue SO4 A 203' 
AC4 Software A SO4 204 ? 1  'binding site for residue SO4 A 204' 
AC5 Software A CIT 205 ? 7  'binding site for residue CIT A 205' 
AC6 Software A IPA 206 ? 5  'binding site for residue IPA A 206' 
AC7 Software A IPA 207 ? 6  'binding site for residue IPA A 207' 
# 
loop_
_struct_site_gen.id 
_struct_site_gen.site_id 
_struct_site_gen.pdbx_num_res 
_struct_site_gen.label_comp_id 
_struct_site_gen.label_asym_id 
_struct_site_gen.label_seq_id 
_struct_site_gen.pdbx_auth_ins_code 
_struct_site_gen.auth_comp_id 
_struct_site_gen.auth_asym_id 
_struct_site_gen.auth_seq_id 
_struct_site_gen.label_atom_id 
_struct_site_gen.label_alt_id 
_struct_site_gen.symmetry 
_struct_site_gen.details 
1  AC1 6  SER A 17  ? SER A 17  . ? 1_555 ? 
2  AC1 6  ASP A 18  ? ASP A 18  . ? 1_555 ? 
3  AC1 6  TYR A 108 ? TYR A 108 . ? 1_555 ? 
4  AC1 6  GLY A 109 ? GLY A 109 . ? 1_555 ? 
5  AC1 6  GLY A 110 ? GLY A 110 . ? 1_555 ? 
6  AC1 6  HOH I .   ? HOH A 327 . ? 1_555 ? 
7  AC2 7  ARG A 101 ? ARG A 101 . ? 2_564 ? 
8  AC2 7  ARG A 111 ? ARG A 111 . ? 1_555 ? 
9  AC2 7  ASN A 128 ? ASN A 128 . ? 1_555 ? 
10 AC2 7  HOH I .   ? HOH A 305 . ? 1_555 ? 
11 AC2 7  HOH I .   ? HOH A 315 . ? 1_555 ? 
12 AC2 7  HOH I .   ? HOH A 341 . ? 1_555 ? 
13 AC2 7  HOH I .   ? HOH A 395 . ? 1_555 ? 
14 AC3 11 ASN A 24  ? ASN A 24  . ? 2_564 ? 
15 AC3 11 ASN A 26  ? ASN A 26  . ? 2_564 ? 
16 AC3 11 ASN A 128 ? ASN A 128 . ? 1_555 ? 
17 AC3 11 HOH I .   ? HOH A 322 . ? 1_555 ? 
18 AC3 11 HOH I .   ? HOH A 334 . ? 1_555 ? 
19 AC3 11 HOH I .   ? HOH A 340 . ? 1_555 ? 
20 AC3 11 HOH I .   ? HOH A 368 . ? 1_555 ? 
21 AC3 11 HOH I .   ? HOH A 377 . ? 1_555 ? 
22 AC3 11 HOH I .   ? HOH A 384 . ? 1_555 ? 
23 AC3 11 HOH I .   ? HOH A 386 . ? 1_555 ? 
24 AC3 11 HOH I .   ? HOH A 416 . ? 1_555 ? 
25 AC4 1  ARG A 111 ? ARG A 111 . ? 1_555 ? 
26 AC5 7  PHE A 13  ? PHE A 13  . ? 1_555 ? 
27 AC5 7  PHE A 13  ? PHE A 13  . ? 6_554 ? 
28 AC5 7  PRO A 16  ? PRO A 16  . ? 1_555 ? 
29 AC5 7  TYR A 19  ? TYR A 19  . ? 1_555 ? 
30 AC5 7  ILE A 145 ? ILE A 145 . ? 1_555 ? 
31 AC5 7  HOH I .   ? HOH A 391 . ? 6_554 ? 
32 AC5 7  HOH I .   ? HOH A 391 . ? 1_555 ? 
33 AC6 5  ALA A 130 ? ALA A 130 . ? 1_555 ? 
34 AC6 5  ASN A 131 ? ASN A 131 . ? 1_555 ? 
35 AC6 5  LEU A 132 ? LEU A 132 . ? 1_555 ? 
36 AC6 5  ASN A 133 ? ASN A 133 . ? 1_555 ? 
37 AC6 5  HOH I .   ? HOH A 318 . ? 1_555 ? 
38 AC7 6  TYR A 91  ? TYR A 91  . ? 1_555 ? 
39 AC7 6  ASN A 92  ? ASN A 92  . ? 1_555 ? 
40 AC7 6  HOH I .   ? HOH A 362 . ? 1_555 ? 
41 AC7 6  HOH I .   ? HOH A 421 . ? 1_555 ? 
42 AC7 6  HOH I .   ? HOH A 483 . ? 1_555 ? 
43 AC7 6  HOH I .   ? HOH A 503 . ? 1_555 ? 
# 
loop_
_pdbx_validate_torsion.id 
_pdbx_validate_torsion.PDB_model_num 
_pdbx_validate_torsion.auth_comp_id 
_pdbx_validate_torsion.auth_asym_id 
_pdbx_validate_torsion.auth_seq_id 
_pdbx_validate_torsion.PDB_ins_code 
_pdbx_validate_torsion.label_alt_id 
_pdbx_validate_torsion.phi 
_pdbx_validate_torsion.psi 
1 1 ASP A 18  ? ? 81.51   20.26  
2 1 ASP A 18  ? ? 86.07   16.42  
3 1 SER A 38  ? ? -130.46 -50.42 
4 1 PRO A 53  ? ? -66.16  96.91  
5 1 ARG A 70  ? ? -167.36 107.88 
6 1 ASP A 72  ? ? -102.40 58.04  
7 1 ASP A 74  ? ? -46.32  -9.18  
8 1 TYR A 108 ? ? -171.15 139.57 
# 
_pdbx_struct_special_symmetry.id              1 
_pdbx_struct_special_symmetry.PDB_model_num   1 
_pdbx_struct_special_symmetry.auth_asym_id    A 
_pdbx_struct_special_symmetry.auth_comp_id    CIT 
_pdbx_struct_special_symmetry.auth_seq_id     205 
_pdbx_struct_special_symmetry.PDB_ins_code    ? 
_pdbx_struct_special_symmetry.label_asym_id   F 
_pdbx_struct_special_symmetry.label_comp_id   CIT 
_pdbx_struct_special_symmetry.label_seq_id    . 
# 
loop_
_pdbx_distant_solvent_atoms.id 
_pdbx_distant_solvent_atoms.PDB_model_num 
_pdbx_distant_solvent_atoms.auth_atom_id 
_pdbx_distant_solvent_atoms.label_alt_id 
_pdbx_distant_solvent_atoms.auth_asym_id 
_pdbx_distant_solvent_atoms.auth_comp_id 
_pdbx_distant_solvent_atoms.auth_seq_id 
_pdbx_distant_solvent_atoms.PDB_ins_code 
_pdbx_distant_solvent_atoms.neighbor_macromolecule_distance 
_pdbx_distant_solvent_atoms.neighbor_ligand_distance 
1 1 O ? A HOH 507 ? 6.63  . 
2 1 O ? A HOH 508 ? 6.93  . 
3 1 O ? A HOH 509 ? 7.33  . 
4 1 O ? A HOH 510 ? 7.72  . 
5 1 O ? A HOH 511 ? 10.14 . 
# 
loop_
_pdbx_unobs_or_zero_occ_residues.id 
_pdbx_unobs_or_zero_occ_residues.PDB_model_num 
_pdbx_unobs_or_zero_occ_residues.polymer_flag 
_pdbx_unobs_or_zero_occ_residues.occupancy_flag 
_pdbx_unobs_or_zero_occ_residues.auth_asym_id 
_pdbx_unobs_or_zero_occ_residues.auth_comp_id 
_pdbx_unobs_or_zero_occ_residues.auth_seq_id 
_pdbx_unobs_or_zero_occ_residues.PDB_ins_code 
_pdbx_unobs_or_zero_occ_residues.label_asym_id 
_pdbx_unobs_or_zero_occ_residues.label_comp_id 
_pdbx_unobs_or_zero_occ_residues.label_seq_id 
1 1 Y 1 A GLY 1 ? A GLY 1 
2 1 Y 1 A SER 2 ? A SER 2 
3 1 Y 1 A MET 3 ? A MET 3 
# 
loop_
_chem_comp_atom.comp_id 
_chem_comp_atom.atom_id 
_chem_comp_atom.type_symbol 
_chem_comp_atom.pdbx_aromatic_flag 
_chem_comp_atom.pdbx_stereo_config 
_chem_comp_atom.pdbx_ordinal 
ALA N    N N N 1   
ALA CA   C N S 2   
ALA C    C N N 3   
ALA O    O N N 4   
ALA CB   C N N 5   
ALA OXT  O N N 6   
ALA H    H N N 7   
ALA H2   H N N 8   
ALA HA   H N N 9   
ALA HB1  H N N 10  
ALA HB2  H N N 11  
ALA HB3  H N N 12  
ALA HXT  H N N 13  
ARG N    N N N 14  
ARG CA   C N S 15  
ARG C    C N N 16  
ARG O    O N N 17  
ARG CB   C N N 18  
ARG CG   C N N 19  
ARG CD   C N N 20  
ARG NE   N N N 21  
ARG CZ   C N N 22  
ARG NH1  N N N 23  
ARG NH2  N N N 24  
ARG OXT  O N N 25  
ARG H    H N N 26  
ARG H2   H N N 27  
ARG HA   H N N 28  
ARG HB2  H N N 29  
ARG HB3  H N N 30  
ARG HG2  H N N 31  
ARG HG3  H N N 32  
ARG HD2  H N N 33  
ARG HD3  H N N 34  
ARG HE   H N N 35  
ARG HH11 H N N 36  
ARG HH12 H N N 37  
ARG HH21 H N N 38  
ARG HH22 H N N 39  
ARG HXT  H N N 40  
ASN N    N N N 41  
ASN CA   C N S 42  
ASN C    C N N 43  
ASN O    O N N 44  
ASN CB   C N N 45  
ASN CG   C N N 46  
ASN OD1  O N N 47  
ASN ND2  N N N 48  
ASN OXT  O N N 49  
ASN H    H N N 50  
ASN H2   H N N 51  
ASN HA   H N N 52  
ASN HB2  H N N 53  
ASN HB3  H N N 54  
ASN HD21 H N N 55  
ASN HD22 H N N 56  
ASN HXT  H N N 57  
ASP N    N N N 58  
ASP CA   C N S 59  
ASP C    C N N 60  
ASP O    O N N 61  
ASP CB   C N N 62  
ASP CG   C N N 63  
ASP OD1  O N N 64  
ASP OD2  O N N 65  
ASP OXT  O N N 66  
ASP H    H N N 67  
ASP H2   H N N 68  
ASP HA   H N N 69  
ASP HB2  H N N 70  
ASP HB3  H N N 71  
ASP HD2  H N N 72  
ASP HXT  H N N 73  
CIT C1   C N N 74  
CIT O1   O N N 75  
CIT O2   O N N 76  
CIT C2   C N N 77  
CIT C3   C N N 78  
CIT O7   O N N 79  
CIT C4   C N N 80  
CIT C5   C N N 81  
CIT O3   O N N 82  
CIT O4   O N N 83  
CIT C6   C N N 84  
CIT O5   O N N 85  
CIT O6   O N N 86  
CIT HO2  H N N 87  
CIT H21  H N N 88  
CIT H22  H N N 89  
CIT HO7  H N N 90  
CIT H41  H N N 91  
CIT H42  H N N 92  
CIT HO4  H N N 93  
CIT HO6  H N N 94  
CYS N    N N N 95  
CYS CA   C N R 96  
CYS C    C N N 97  
CYS O    O N N 98  
CYS CB   C N N 99  
CYS SG   S N N 100 
CYS OXT  O N N 101 
CYS H    H N N 102 
CYS H2   H N N 103 
CYS HA   H N N 104 
CYS HB2  H N N 105 
CYS HB3  H N N 106 
CYS HG   H N N 107 
CYS HXT  H N N 108 
GLN N    N N N 109 
GLN CA   C N S 110 
GLN C    C N N 111 
GLN O    O N N 112 
GLN CB   C N N 113 
GLN CG   C N N 114 
GLN CD   C N N 115 
GLN OE1  O N N 116 
GLN NE2  N N N 117 
GLN OXT  O N N 118 
GLN H    H N N 119 
GLN H2   H N N 120 
GLN HA   H N N 121 
GLN HB2  H N N 122 
GLN HB3  H N N 123 
GLN HG2  H N N 124 
GLN HG3  H N N 125 
GLN HE21 H N N 126 
GLN HE22 H N N 127 
GLN HXT  H N N 128 
GLU N    N N N 129 
GLU CA   C N S 130 
GLU C    C N N 131 
GLU O    O N N 132 
GLU CB   C N N 133 
GLU CG   C N N 134 
GLU CD   C N N 135 
GLU OE1  O N N 136 
GLU OE2  O N N 137 
GLU OXT  O N N 138 
GLU H    H N N 139 
GLU H2   H N N 140 
GLU HA   H N N 141 
GLU HB2  H N N 142 
GLU HB3  H N N 143 
GLU HG2  H N N 144 
GLU HG3  H N N 145 
GLU HE2  H N N 146 
GLU HXT  H N N 147 
GLY N    N N N 148 
GLY CA   C N N 149 
GLY C    C N N 150 
GLY O    O N N 151 
GLY OXT  O N N 152 
GLY H    H N N 153 
GLY H2   H N N 154 
GLY HA2  H N N 155 
GLY HA3  H N N 156 
GLY HXT  H N N 157 
HIS N    N N N 158 
HIS CA   C N S 159 
HIS C    C N N 160 
HIS O    O N N 161 
HIS CB   C N N 162 
HIS CG   C Y N 163 
HIS ND1  N Y N 164 
HIS CD2  C Y N 165 
HIS CE1  C Y N 166 
HIS NE2  N Y N 167 
HIS OXT  O N N 168 
HIS H    H N N 169 
HIS H2   H N N 170 
HIS HA   H N N 171 
HIS HB2  H N N 172 
HIS HB3  H N N 173 
HIS HD1  H N N 174 
HIS HD2  H N N 175 
HIS HE1  H N N 176 
HIS HE2  H N N 177 
HIS HXT  H N N 178 
HOH O    O N N 179 
HOH H1   H N N 180 
HOH H2   H N N 181 
ILE N    N N N 182 
ILE CA   C N S 183 
ILE C    C N N 184 
ILE O    O N N 185 
ILE CB   C N S 186 
ILE CG1  C N N 187 
ILE CG2  C N N 188 
ILE CD1  C N N 189 
ILE OXT  O N N 190 
ILE H    H N N 191 
ILE H2   H N N 192 
ILE HA   H N N 193 
ILE HB   H N N 194 
ILE HG12 H N N 195 
ILE HG13 H N N 196 
ILE HG21 H N N 197 
ILE HG22 H N N 198 
ILE HG23 H N N 199 
ILE HD11 H N N 200 
ILE HD12 H N N 201 
ILE HD13 H N N 202 
ILE HXT  H N N 203 
IPA C1   C N N 204 
IPA C2   C N N 205 
IPA C3   C N N 206 
IPA O2   O N N 207 
IPA H11  H N N 208 
IPA H12  H N N 209 
IPA H13  H N N 210 
IPA H2   H N N 211 
IPA H31  H N N 212 
IPA H32  H N N 213 
IPA H33  H N N 214 
IPA HO2  H N N 215 
LEU N    N N N 216 
LEU CA   C N S 217 
LEU C    C N N 218 
LEU O    O N N 219 
LEU CB   C N N 220 
LEU CG   C N N 221 
LEU CD1  C N N 222 
LEU CD2  C N N 223 
LEU OXT  O N N 224 
LEU H    H N N 225 
LEU H2   H N N 226 
LEU HA   H N N 227 
LEU HB2  H N N 228 
LEU HB3  H N N 229 
LEU HG   H N N 230 
LEU HD11 H N N 231 
LEU HD12 H N N 232 
LEU HD13 H N N 233 
LEU HD21 H N N 234 
LEU HD22 H N N 235 
LEU HD23 H N N 236 
LEU HXT  H N N 237 
LYS N    N N N 238 
LYS CA   C N S 239 
LYS C    C N N 240 
LYS O    O N N 241 
LYS CB   C N N 242 
LYS CG   C N N 243 
LYS CD   C N N 244 
LYS CE   C N N 245 
LYS NZ   N N N 246 
LYS OXT  O N N 247 
LYS H    H N N 248 
LYS H2   H N N 249 
LYS HA   H N N 250 
LYS HB2  H N N 251 
LYS HB3  H N N 252 
LYS HG2  H N N 253 
LYS HG3  H N N 254 
LYS HD2  H N N 255 
LYS HD3  H N N 256 
LYS HE2  H N N 257 
LYS HE3  H N N 258 
LYS HZ1  H N N 259 
LYS HZ2  H N N 260 
LYS HZ3  H N N 261 
LYS HXT  H N N 262 
MET N    N N N 263 
MET CA   C N S 264 
MET C    C N N 265 
MET O    O N N 266 
MET CB   C N N 267 
MET CG   C N N 268 
MET SD   S N N 269 
MET CE   C N N 270 
MET OXT  O N N 271 
MET H    H N N 272 
MET H2   H N N 273 
MET HA   H N N 274 
MET HB2  H N N 275 
MET HB3  H N N 276 
MET HG2  H N N 277 
MET HG3  H N N 278 
MET HE1  H N N 279 
MET HE2  H N N 280 
MET HE3  H N N 281 
MET HXT  H N N 282 
PHE N    N N N 283 
PHE CA   C N S 284 
PHE C    C N N 285 
PHE O    O N N 286 
PHE CB   C N N 287 
PHE CG   C Y N 288 
PHE CD1  C Y N 289 
PHE CD2  C Y N 290 
PHE CE1  C Y N 291 
PHE CE2  C Y N 292 
PHE CZ   C Y N 293 
PHE OXT  O N N 294 
PHE H    H N N 295 
PHE H2   H N N 296 
PHE HA   H N N 297 
PHE HB2  H N N 298 
PHE HB3  H N N 299 
PHE HD1  H N N 300 
PHE HD2  H N N 301 
PHE HE1  H N N 302 
PHE HE2  H N N 303 
PHE HZ   H N N 304 
PHE HXT  H N N 305 
PRO N    N N N 306 
PRO CA   C N S 307 
PRO C    C N N 308 
PRO O    O N N 309 
PRO CB   C N N 310 
PRO CG   C N N 311 
PRO CD   C N N 312 
PRO OXT  O N N 313 
PRO H    H N N 314 
PRO HA   H N N 315 
PRO HB2  H N N 316 
PRO HB3  H N N 317 
PRO HG2  H N N 318 
PRO HG3  H N N 319 
PRO HD2  H N N 320 
PRO HD3  H N N 321 
PRO HXT  H N N 322 
SER N    N N N 323 
SER CA   C N S 324 
SER C    C N N 325 
SER O    O N N 326 
SER CB   C N N 327 
SER OG   O N N 328 
SER OXT  O N N 329 
SER H    H N N 330 
SER H2   H N N 331 
SER HA   H N N 332 
SER HB2  H N N 333 
SER HB3  H N N 334 
SER HG   H N N 335 
SER HXT  H N N 336 
SO4 S    S N N 337 
SO4 O1   O N N 338 
SO4 O2   O N N 339 
SO4 O3   O N N 340 
SO4 O4   O N N 341 
THR N    N N N 342 
THR CA   C N S 343 
THR C    C N N 344 
THR O    O N N 345 
THR CB   C N R 346 
THR OG1  O N N 347 
THR CG2  C N N 348 
THR OXT  O N N 349 
THR H    H N N 350 
THR H2   H N N 351 
THR HA   H N N 352 
THR HB   H N N 353 
THR HG1  H N N 354 
THR HG21 H N N 355 
THR HG22 H N N 356 
THR HG23 H N N 357 
THR HXT  H N N 358 
TRP N    N N N 359 
TRP CA   C N S 360 
TRP C    C N N 361 
TRP O    O N N 362 
TRP CB   C N N 363 
TRP CG   C Y N 364 
TRP CD1  C Y N 365 
TRP CD2  C Y N 366 
TRP NE1  N Y N 367 
TRP CE2  C Y N 368 
TRP CE3  C Y N 369 
TRP CZ2  C Y N 370 
TRP CZ3  C Y N 371 
TRP CH2  C Y N 372 
TRP OXT  O N N 373 
TRP H    H N N 374 
TRP H2   H N N 375 
TRP HA   H N N 376 
TRP HB2  H N N 377 
TRP HB3  H N N 378 
TRP HD1  H N N 379 
TRP HE1  H N N 380 
TRP HE3  H N N 381 
TRP HZ2  H N N 382 
TRP HZ3  H N N 383 
TRP HH2  H N N 384 
TRP HXT  H N N 385 
TYR N    N N N 386 
TYR CA   C N S 387 
TYR C    C N N 388 
TYR O    O N N 389 
TYR CB   C N N 390 
TYR CG   C Y N 391 
TYR CD1  C Y N 392 
TYR CD2  C Y N 393 
TYR CE1  C Y N 394 
TYR CE2  C Y N 395 
TYR CZ   C Y N 396 
TYR OH   O N N 397 
TYR OXT  O N N 398 
TYR H    H N N 399 
TYR H2   H N N 400 
TYR HA   H N N 401 
TYR HB2  H N N 402 
TYR HB3  H N N 403 
TYR HD1  H N N 404 
TYR HD2  H N N 405 
TYR HE1  H N N 406 
TYR HE2  H N N 407 
TYR HH   H N N 408 
TYR HXT  H N N 409 
VAL N    N N N 410 
VAL CA   C N S 411 
VAL C    C N N 412 
VAL O    O N N 413 
VAL CB   C N N 414 
VAL CG1  C N N 415 
VAL CG2  C N N 416 
VAL OXT  O N N 417 
VAL H    H N N 418 
VAL H2   H N N 419 
VAL HA   H N N 420 
VAL HB   H N N 421 
VAL HG11 H N N 422 
VAL HG12 H N N 423 
VAL HG13 H N N 424 
VAL HG21 H N N 425 
VAL HG22 H N N 426 
VAL HG23 H N N 427 
VAL HXT  H N N 428 
# 
loop_
_chem_comp_bond.comp_id 
_chem_comp_bond.atom_id_1 
_chem_comp_bond.atom_id_2 
_chem_comp_bond.value_order 
_chem_comp_bond.pdbx_aromatic_flag 
_chem_comp_bond.pdbx_stereo_config 
_chem_comp_bond.pdbx_ordinal 
ALA N   CA   sing N N 1   
ALA N   H    sing N N 2   
ALA N   H2   sing N N 3   
ALA CA  C    sing N N 4   
ALA CA  CB   sing N N 5   
ALA CA  HA   sing N N 6   
ALA C   O    doub N N 7   
ALA C   OXT  sing N N 8   
ALA CB  HB1  sing N N 9   
ALA CB  HB2  sing N N 10  
ALA CB  HB3  sing N N 11  
ALA OXT HXT  sing N N 12  
ARG N   CA   sing N N 13  
ARG N   H    sing N N 14  
ARG N   H2   sing N N 15  
ARG CA  C    sing N N 16  
ARG CA  CB   sing N N 17  
ARG CA  HA   sing N N 18  
ARG C   O    doub N N 19  
ARG C   OXT  sing N N 20  
ARG CB  CG   sing N N 21  
ARG CB  HB2  sing N N 22  
ARG CB  HB3  sing N N 23  
ARG CG  CD   sing N N 24  
ARG CG  HG2  sing N N 25  
ARG CG  HG3  sing N N 26  
ARG CD  NE   sing N N 27  
ARG CD  HD2  sing N N 28  
ARG CD  HD3  sing N N 29  
ARG NE  CZ   sing N N 30  
ARG NE  HE   sing N N 31  
ARG CZ  NH1  sing N N 32  
ARG CZ  NH2  doub N N 33  
ARG NH1 HH11 sing N N 34  
ARG NH1 HH12 sing N N 35  
ARG NH2 HH21 sing N N 36  
ARG NH2 HH22 sing N N 37  
ARG OXT HXT  sing N N 38  
ASN N   CA   sing N N 39  
ASN N   H    sing N N 40  
ASN N   H2   sing N N 41  
ASN CA  C    sing N N 42  
ASN CA  CB   sing N N 43  
ASN CA  HA   sing N N 44  
ASN C   O    doub N N 45  
ASN C   OXT  sing N N 46  
ASN CB  CG   sing N N 47  
ASN CB  HB2  sing N N 48  
ASN CB  HB3  sing N N 49  
ASN CG  OD1  doub N N 50  
ASN CG  ND2  sing N N 51  
ASN ND2 HD21 sing N N 52  
ASN ND2 HD22 sing N N 53  
ASN OXT HXT  sing N N 54  
ASP N   CA   sing N N 55  
ASP N   H    sing N N 56  
ASP N   H2   sing N N 57  
ASP CA  C    sing N N 58  
ASP CA  CB   sing N N 59  
ASP CA  HA   sing N N 60  
ASP C   O    doub N N 61  
ASP C   OXT  sing N N 62  
ASP CB  CG   sing N N 63  
ASP CB  HB2  sing N N 64  
ASP CB  HB3  sing N N 65  
ASP CG  OD1  doub N N 66  
ASP CG  OD2  sing N N 67  
ASP OD2 HD2  sing N N 68  
ASP OXT HXT  sing N N 69  
CIT C1  O1   doub N N 70  
CIT C1  O2   sing N N 71  
CIT C1  C2   sing N N 72  
CIT O2  HO2  sing N N 73  
CIT C2  C3   sing N N 74  
CIT C2  H21  sing N N 75  
CIT C2  H22  sing N N 76  
CIT C3  O7   sing N N 77  
CIT C3  C4   sing N N 78  
CIT C3  C6   sing N N 79  
CIT O7  HO7  sing N N 80  
CIT C4  C5   sing N N 81  
CIT C4  H41  sing N N 82  
CIT C4  H42  sing N N 83  
CIT C5  O3   doub N N 84  
CIT C5  O4   sing N N 85  
CIT O4  HO4  sing N N 86  
CIT C6  O5   doub N N 87  
CIT C6  O6   sing N N 88  
CIT O6  HO6  sing N N 89  
CYS N   CA   sing N N 90  
CYS N   H    sing N N 91  
CYS N   H2   sing N N 92  
CYS CA  C    sing N N 93  
CYS CA  CB   sing N N 94  
CYS CA  HA   sing N N 95  
CYS C   O    doub N N 96  
CYS C   OXT  sing N N 97  
CYS CB  SG   sing N N 98  
CYS CB  HB2  sing N N 99  
CYS CB  HB3  sing N N 100 
CYS SG  HG   sing N N 101 
CYS OXT HXT  sing N N 102 
GLN N   CA   sing N N 103 
GLN N   H    sing N N 104 
GLN N   H2   sing N N 105 
GLN CA  C    sing N N 106 
GLN CA  CB   sing N N 107 
GLN CA  HA   sing N N 108 
GLN C   O    doub N N 109 
GLN C   OXT  sing N N 110 
GLN CB  CG   sing N N 111 
GLN CB  HB2  sing N N 112 
GLN CB  HB3  sing N N 113 
GLN CG  CD   sing N N 114 
GLN CG  HG2  sing N N 115 
GLN CG  HG3  sing N N 116 
GLN CD  OE1  doub N N 117 
GLN CD  NE2  sing N N 118 
GLN NE2 HE21 sing N N 119 
GLN NE2 HE22 sing N N 120 
GLN OXT HXT  sing N N 121 
GLU N   CA   sing N N 122 
GLU N   H    sing N N 123 
GLU N   H2   sing N N 124 
GLU CA  C    sing N N 125 
GLU CA  CB   sing N N 126 
GLU CA  HA   sing N N 127 
GLU C   O    doub N N 128 
GLU C   OXT  sing N N 129 
GLU CB  CG   sing N N 130 
GLU CB  HB2  sing N N 131 
GLU CB  HB3  sing N N 132 
GLU CG  CD   sing N N 133 
GLU CG  HG2  sing N N 134 
GLU CG  HG3  sing N N 135 
GLU CD  OE1  doub N N 136 
GLU CD  OE2  sing N N 137 
GLU OE2 HE2  sing N N 138 
GLU OXT HXT  sing N N 139 
GLY N   CA   sing N N 140 
GLY N   H    sing N N 141 
GLY N   H2   sing N N 142 
GLY CA  C    sing N N 143 
GLY CA  HA2  sing N N 144 
GLY CA  HA3  sing N N 145 
GLY C   O    doub N N 146 
GLY C   OXT  sing N N 147 
GLY OXT HXT  sing N N 148 
HIS N   CA   sing N N 149 
HIS N   H    sing N N 150 
HIS N   H2   sing N N 151 
HIS CA  C    sing N N 152 
HIS CA  CB   sing N N 153 
HIS CA  HA   sing N N 154 
HIS C   O    doub N N 155 
HIS C   OXT  sing N N 156 
HIS CB  CG   sing N N 157 
HIS CB  HB2  sing N N 158 
HIS CB  HB3  sing N N 159 
HIS CG  ND1  sing Y N 160 
HIS CG  CD2  doub Y N 161 
HIS ND1 CE1  doub Y N 162 
HIS ND1 HD1  sing N N 163 
HIS CD2 NE2  sing Y N 164 
HIS CD2 HD2  sing N N 165 
HIS CE1 NE2  sing Y N 166 
HIS CE1 HE1  sing N N 167 
HIS NE2 HE2  sing N N 168 
HIS OXT HXT  sing N N 169 
HOH O   H1   sing N N 170 
HOH O   H2   sing N N 171 
ILE N   CA   sing N N 172 
ILE N   H    sing N N 173 
ILE N   H2   sing N N 174 
ILE CA  C    sing N N 175 
ILE CA  CB   sing N N 176 
ILE CA  HA   sing N N 177 
ILE C   O    doub N N 178 
ILE C   OXT  sing N N 179 
ILE CB  CG1  sing N N 180 
ILE CB  CG2  sing N N 181 
ILE CB  HB   sing N N 182 
ILE CG1 CD1  sing N N 183 
ILE CG1 HG12 sing N N 184 
ILE CG1 HG13 sing N N 185 
ILE CG2 HG21 sing N N 186 
ILE CG2 HG22 sing N N 187 
ILE CG2 HG23 sing N N 188 
ILE CD1 HD11 sing N N 189 
ILE CD1 HD12 sing N N 190 
ILE CD1 HD13 sing N N 191 
ILE OXT HXT  sing N N 192 
IPA C1  C2   sing N N 193 
IPA C1  H11  sing N N 194 
IPA C1  H12  sing N N 195 
IPA C1  H13  sing N N 196 
IPA C2  C3   sing N N 197 
IPA C2  O2   sing N N 198 
IPA C2  H2   sing N N 199 
IPA C3  H31  sing N N 200 
IPA C3  H32  sing N N 201 
IPA C3  H33  sing N N 202 
IPA O2  HO2  sing N N 203 
LEU N   CA   sing N N 204 
LEU N   H    sing N N 205 
LEU N   H2   sing N N 206 
LEU CA  C    sing N N 207 
LEU CA  CB   sing N N 208 
LEU CA  HA   sing N N 209 
LEU C   O    doub N N 210 
LEU C   OXT  sing N N 211 
LEU CB  CG   sing N N 212 
LEU CB  HB2  sing N N 213 
LEU CB  HB3  sing N N 214 
LEU CG  CD1  sing N N 215 
LEU CG  CD2  sing N N 216 
LEU CG  HG   sing N N 217 
LEU CD1 HD11 sing N N 218 
LEU CD1 HD12 sing N N 219 
LEU CD1 HD13 sing N N 220 
LEU CD2 HD21 sing N N 221 
LEU CD2 HD22 sing N N 222 
LEU CD2 HD23 sing N N 223 
LEU OXT HXT  sing N N 224 
LYS N   CA   sing N N 225 
LYS N   H    sing N N 226 
LYS N   H2   sing N N 227 
LYS CA  C    sing N N 228 
LYS CA  CB   sing N N 229 
LYS CA  HA   sing N N 230 
LYS C   O    doub N N 231 
LYS C   OXT  sing N N 232 
LYS CB  CG   sing N N 233 
LYS CB  HB2  sing N N 234 
LYS CB  HB3  sing N N 235 
LYS CG  CD   sing N N 236 
LYS CG  HG2  sing N N 237 
LYS CG  HG3  sing N N 238 
LYS CD  CE   sing N N 239 
LYS CD  HD2  sing N N 240 
LYS CD  HD3  sing N N 241 
LYS CE  NZ   sing N N 242 
LYS CE  HE2  sing N N 243 
LYS CE  HE3  sing N N 244 
LYS NZ  HZ1  sing N N 245 
LYS NZ  HZ2  sing N N 246 
LYS NZ  HZ3  sing N N 247 
LYS OXT HXT  sing N N 248 
MET N   CA   sing N N 249 
MET N   H    sing N N 250 
MET N   H2   sing N N 251 
MET CA  C    sing N N 252 
MET CA  CB   sing N N 253 
MET CA  HA   sing N N 254 
MET C   O    doub N N 255 
MET C   OXT  sing N N 256 
MET CB  CG   sing N N 257 
MET CB  HB2  sing N N 258 
MET CB  HB3  sing N N 259 
MET CG  SD   sing N N 260 
MET CG  HG2  sing N N 261 
MET CG  HG3  sing N N 262 
MET SD  CE   sing N N 263 
MET CE  HE1  sing N N 264 
MET CE  HE2  sing N N 265 
MET CE  HE3  sing N N 266 
MET OXT HXT  sing N N 267 
PHE N   CA   sing N N 268 
PHE N   H    sing N N 269 
PHE N   H2   sing N N 270 
PHE CA  C    sing N N 271 
PHE CA  CB   sing N N 272 
PHE CA  HA   sing N N 273 
PHE C   O    doub N N 274 
PHE C   OXT  sing N N 275 
PHE CB  CG   sing N N 276 
PHE CB  HB2  sing N N 277 
PHE CB  HB3  sing N N 278 
PHE CG  CD1  doub Y N 279 
PHE CG  CD2  sing Y N 280 
PHE CD1 CE1  sing Y N 281 
PHE CD1 HD1  sing N N 282 
PHE CD2 CE2  doub Y N 283 
PHE CD2 HD2  sing N N 284 
PHE CE1 CZ   doub Y N 285 
PHE CE1 HE1  sing N N 286 
PHE CE2 CZ   sing Y N 287 
PHE CE2 HE2  sing N N 288 
PHE CZ  HZ   sing N N 289 
PHE OXT HXT  sing N N 290 
PRO N   CA   sing N N 291 
PRO N   CD   sing N N 292 
PRO N   H    sing N N 293 
PRO CA  C    sing N N 294 
PRO CA  CB   sing N N 295 
PRO CA  HA   sing N N 296 
PRO C   O    doub N N 297 
PRO C   OXT  sing N N 298 
PRO CB  CG   sing N N 299 
PRO CB  HB2  sing N N 300 
PRO CB  HB3  sing N N 301 
PRO CG  CD   sing N N 302 
PRO CG  HG2  sing N N 303 
PRO CG  HG3  sing N N 304 
PRO CD  HD2  sing N N 305 
PRO CD  HD3  sing N N 306 
PRO OXT HXT  sing N N 307 
SER N   CA   sing N N 308 
SER N   H    sing N N 309 
SER N   H2   sing N N 310 
SER CA  C    sing N N 311 
SER CA  CB   sing N N 312 
SER CA  HA   sing N N 313 
SER C   O    doub N N 314 
SER C   OXT  sing N N 315 
SER CB  OG   sing N N 316 
SER CB  HB2  sing N N 317 
SER CB  HB3  sing N N 318 
SER OG  HG   sing N N 319 
SER OXT HXT  sing N N 320 
SO4 S   O1   doub N N 321 
SO4 S   O2   doub N N 322 
SO4 S   O3   sing N N 323 
SO4 S   O4   sing N N 324 
THR N   CA   sing N N 325 
THR N   H    sing N N 326 
THR N   H2   sing N N 327 
THR CA  C    sing N N 328 
THR CA  CB   sing N N 329 
THR CA  HA   sing N N 330 
THR C   O    doub N N 331 
THR C   OXT  sing N N 332 
THR CB  OG1  sing N N 333 
THR CB  CG2  sing N N 334 
THR CB  HB   sing N N 335 
THR OG1 HG1  sing N N 336 
THR CG2 HG21 sing N N 337 
THR CG2 HG22 sing N N 338 
THR CG2 HG23 sing N N 339 
THR OXT HXT  sing N N 340 
TRP N   CA   sing N N 341 
TRP N   H    sing N N 342 
TRP N   H2   sing N N 343 
TRP CA  C    sing N N 344 
TRP CA  CB   sing N N 345 
TRP CA  HA   sing N N 346 
TRP C   O    doub N N 347 
TRP C   OXT  sing N N 348 
TRP CB  CG   sing N N 349 
TRP CB  HB2  sing N N 350 
TRP CB  HB3  sing N N 351 
TRP CG  CD1  doub Y N 352 
TRP CG  CD2  sing Y N 353 
TRP CD1 NE1  sing Y N 354 
TRP CD1 HD1  sing N N 355 
TRP CD2 CE2  doub Y N 356 
TRP CD2 CE3  sing Y N 357 
TRP NE1 CE2  sing Y N 358 
TRP NE1 HE1  sing N N 359 
TRP CE2 CZ2  sing Y N 360 
TRP CE3 CZ3  doub Y N 361 
TRP CE3 HE3  sing N N 362 
TRP CZ2 CH2  doub Y N 363 
TRP CZ2 HZ2  sing N N 364 
TRP CZ3 CH2  sing Y N 365 
TRP CZ3 HZ3  sing N N 366 
TRP CH2 HH2  sing N N 367 
TRP OXT HXT  sing N N 368 
TYR N   CA   sing N N 369 
TYR N   H    sing N N 370 
TYR N   H2   sing N N 371 
TYR CA  C    sing N N 372 
TYR CA  CB   sing N N 373 
TYR CA  HA   sing N N 374 
TYR C   O    doub N N 375 
TYR C   OXT  sing N N 376 
TYR CB  CG   sing N N 377 
TYR CB  HB2  sing N N 378 
TYR CB  HB3  sing N N 379 
TYR CG  CD1  doub Y N 380 
TYR CG  CD2  sing Y N 381 
TYR CD1 CE1  sing Y N 382 
TYR CD1 HD1  sing N N 383 
TYR CD2 CE2  doub Y N 384 
TYR CD2 HD2  sing N N 385 
TYR CE1 CZ   doub Y N 386 
TYR CE1 HE1  sing N N 387 
TYR CE2 CZ   sing Y N 388 
TYR CE2 HE2  sing N N 389 
TYR CZ  OH   sing N N 390 
TYR OH  HH   sing N N 391 
TYR OXT HXT  sing N N 392 
VAL N   CA   sing N N 393 
VAL N   H    sing N N 394 
VAL N   H2   sing N N 395 
VAL CA  C    sing N N 396 
VAL CA  CB   sing N N 397 
VAL CA  HA   sing N N 398 
VAL C   O    doub N N 399 
VAL C   OXT  sing N N 400 
VAL CB  CG1  sing N N 401 
VAL CB  CG2  sing N N 402 
VAL CB  HB   sing N N 403 
VAL CG1 HG11 sing N N 404 
VAL CG1 HG12 sing N N 405 
VAL CG1 HG13 sing N N 406 
VAL CG2 HG21 sing N N 407 
VAL CG2 HG22 sing N N 408 
VAL CG2 HG23 sing N N 409 
VAL OXT HXT  sing N N 410 
# 
_pdbx_audit_support.funding_organization   'Spanish Ministry of Economy and Competitiveness' 
_pdbx_audit_support.country                Spain 
_pdbx_audit_support.grant_number           BIO2016-78571-P 
_pdbx_audit_support.ordinal                1 
# 
_pdbx_initial_refinement_model.id               1 
_pdbx_initial_refinement_model.entity_id_list   ? 
_pdbx_initial_refinement_model.type             'experimental model' 
_pdbx_initial_refinement_model.source_name      PDB 
_pdbx_initial_refinement_model.accession_code   2I2S 
_pdbx_initial_refinement_model.details          ? 
# 
_atom_sites.entry_id                    6H9W 
_atom_sites.fract_transf_matrix[1][1]   -0.00264160 
_atom_sites.fract_transf_matrix[1][2]   0.01371682 
_atom_sites.fract_transf_matrix[1][3]   -0.00589974 
_atom_sites.fract_transf_matrix[2][1]   0.00463293 
_atom_sites.fract_transf_matrix[2][2]   0.00322024 
_atom_sites.fract_transf_matrix[2][3]   -0.01407526 
_atom_sites.fract_transf_matrix[3][1]   -0.01247300 
_atom_sites.fract_transf_matrix[3][2]   -0.00462280 
_atom_sites.fract_transf_matrix[3][3]   -0.00516318 
_atom_sites.fract_transf_vector[1]      -0.222444 
_atom_sites.fract_transf_vector[2]      0.355915 
_atom_sites.fract_transf_vector[3]      -0.269690 
# 
loop_
_atom_type.symbol 
C 
N 
O 
S 
# 
loop_
_atom_site.group_PDB 
_atom_site.id 
_atom_site.type_symbol 
_atom_site.label_atom_id 
_atom_site.label_alt_id 
_atom_site.label_comp_id 
_atom_site.label_asym_id 
_atom_site.label_entity_id 
_atom_site.label_seq_id 
_atom_site.pdbx_PDB_ins_code 
_atom_site.Cartn_x 
_atom_site.Cartn_y 
_atom_site.Cartn_z 
_atom_site.occupancy 
_atom_site.B_iso_or_equiv 
_atom_site.pdbx_formal_charge 
_atom_site.auth_seq_id 
_atom_site.auth_comp_id 
_atom_site.auth_asym_id 
_atom_site.auth_atom_id 
_atom_site.pdbx_PDB_model_num 
ATOM   1    N N   . LEU A 1 4   ? -10.260 14.136  7.979   1.00 41.45 ? 4   LEU A N   1 
ATOM   2    C CA  . LEU A 1 4   ? -10.645 12.759  7.556   1.00 40.76 ? 4   LEU A CA  1 
ATOM   3    C C   . LEU A 1 4   ? -11.958 12.612  6.797   1.00 40.45 ? 4   LEU A C   1 
ATOM   4    O O   . LEU A 1 4   ? -13.012 12.579  7.373   1.00 35.36 ? 4   LEU A O   1 
ATOM   5    C CB  . LEU A 1 4   ? -10.718 11.835  8.759   1.00 42.78 ? 4   LEU A CB  1 
ATOM   6    C CG  . LEU A 1 4   ? -10.785 10.354  8.363   1.00 36.32 ? 4   LEU A CG  1 
ATOM   7    C CD1 . LEU A 1 4   ? -9.442  9.937   7.799   1.00 39.54 ? 4   LEU A CD1 1 
ATOM   8    C CD2 . LEU A 1 4   ? -11.161 9.464   9.540   1.00 42.68 ? 4   LEU A CD2 1 
ATOM   9    N N   . ASP A 1 5   ? -11.843 12.378  5.505   1.00 28.66 ? 5   ASP A N   1 
ATOM   10   C CA  . ASP A 1 5   ? -12.968 12.321  4.584   1.00 24.59 ? 5   ASP A CA  1 
ATOM   11   C C   . ASP A 1 5   ? -13.093 10.865  4.166   1.00 23.60 ? 5   ASP A C   1 
ATOM   12   O O   . ASP A 1 5   ? -12.052 10.139  4.059   1.00 23.71 ? 5   ASP A O   1 
ATOM   13   C CB  . ASP A 1 5   ? -12.605 13.160  3.382   1.00 22.88 ? 5   ASP A CB  1 
ATOM   14   C CG  . ASP A 1 5   ? -12.765 14.651  3.633   1.00 25.05 ? 5   ASP A CG  1 
ATOM   15   O OD1 . ASP A 1 5   ? -13.449 15.018  4.596   1.00 30.58 ? 5   ASP A OD1 1 
ATOM   16   O OD2 . ASP A 1 5   ? -12.205 15.436  2.867   1.00 26.13 ? 5   ASP A OD2 1 
ATOM   17   N N   . GLY A 1 6   ? -14.297 10.345  4.051   1.00 21.76 ? 6   GLY A N   1 
ATOM   18   C CA  . GLY A 1 6   ? -14.546 8.992   3.838   1.00 20.88 ? 6   GLY A CA  1 
ATOM   19   C C   . GLY A 1 6   ? -15.490 8.391   4.896   1.00 21.55 ? 6   GLY A C   1 
ATOM   20   O O   . GLY A 1 6   ? -16.026 9.151   5.691   1.00 24.82 ? 6   GLY A O   1 
ATOM   21   N N   . PRO A 1 7   ? -15.734 7.105   4.836   1.00 22.01 ? 7   PRO A N   1 
ATOM   22   C CA  . PRO A 1 7   ? -15.130 6.149   3.975   1.00 22.25 ? 7   PRO A CA  1 
ATOM   23   C C   . PRO A 1 7   ? -15.683 6.159   2.607   1.00 21.44 ? 7   PRO A C   1 
ATOM   24   O O   . PRO A 1 7   ? -16.881 6.413   2.417   1.00 23.46 ? 7   PRO A O   1 
ATOM   25   C CB  . PRO A 1 7   ? -15.464 4.804   4.655   1.00 24.90 ? 7   PRO A CB  1 
ATOM   26   C CG  . PRO A 1 7   ? -16.742 5.043   5.371   1.00 24.07 ? 7   PRO A CG  1 
ATOM   27   C CD  . PRO A 1 7   ? -16.633 6.458   5.852   1.00 23.96 ? 7   PRO A CD  1 
ATOM   28   N N   . TYR A 1 8   ? -14.867 5.725   1.631   1.00 19.34 ? 8   TYR A N   1 
ATOM   29   C CA  . TYR A 1 8   ? -15.291 5.578   0.256   1.00 18.97 ? 8   TYR A CA  1 
ATOM   30   C C   . TYR A 1 8   ? -15.156 4.122   -0.165  1.00 20.65 ? 8   TYR A C   1 
ATOM   31   O O   . TYR A 1 8   ? -14.240 3.370   0.330   1.00 20.81 ? 8   TYR A O   1 
ATOM   32   C CB  . TYR A 1 8   ? -14.349 6.443   -0.620  1.00 19.39 ? 8   TYR A CB  1 
ATOM   33   C CG  . TYR A 1 8   ? -14.342 7.871   -0.204  1.00 18.97 ? 8   TYR A CG  1 
ATOM   34   C CD1 . TYR A 1 8   ? -15.487 8.660   -0.331  1.00 18.95 ? 8   TYR A CD1 1 
ATOM   35   C CD2 . TYR A 1 8   ? -13.213 8.485   0.267   1.00 19.47 ? 8   TYR A CD2 1 
ATOM   36   C CE1 . TYR A 1 8   ? -15.545 9.978   0.026   1.00 20.24 ? 8   TYR A CE1 1 
ATOM   37   C CE2 . TYR A 1 8   ? -13.252 9.818   0.658   1.00 19.64 ? 8   TYR A CE2 1 
ATOM   38   C CZ  . TYR A 1 8   ? -14.392 10.564  0.456   1.00 19.77 ? 8   TYR A CZ  1 
ATOM   39   O OH  . TYR A 1 8   ? -14.400 11.922  0.853   1.00 20.73 ? 8   TYR A OH  1 
ATOM   40   N N   . GLN A 1 9   ? -15.976 3.685   -1.077  1.00 20.42 ? 9   GLN A N   1 
ATOM   41   C CA  . GLN A 1 9   ? -16.025 2.308   -1.461  1.00 19.84 ? 9   GLN A CA  1 
ATOM   42   C C   . GLN A 1 9   ? -14.894 1.906   -2.368  1.00 19.50 ? 9   GLN A C   1 
ATOM   43   O O   . GLN A 1 9   ? -14.290 2.772   -3.054  1.00 19.51 ? 9   GLN A O   1 
ATOM   44   C CB  . GLN A 1 9   ? -17.361 2.040   -2.173  1.00 21.77 ? 9   GLN A CB  1 
ATOM   45   C CG  . GLN A 1 9   ? -18.597 2.183   -1.226  1.00 22.76 ? 9   GLN A CG  1 
ATOM   46   C CD  . GLN A 1 9   ? -18.522 1.161   -0.108  1.00 27.01 ? 9   GLN A CD  1 
ATOM   47   O OE1 . GLN A 1 9   ? -18.482 -0.043  -0.390  1.00 30.95 ? 9   GLN A OE1 1 
ATOM   48   N NE2 . GLN A 1 9   ? -18.467 1.615   1.127   1.00 30.19 ? 9   GLN A NE2 1 
ATOM   49   N N   . PRO A 1 10  ? -14.517 0.660   -2.503  1.00 17.90 ? 10  PRO A N   1 
ATOM   50   C CA  . PRO A 1 10  ? -13.505 0.219   -3.414  1.00 19.14 ? 10  PRO A CA  1 
ATOM   51   C C   . PRO A 1 10  ? -13.683 0.766   -4.800  1.00 20.31 ? 10  PRO A C   1 
ATOM   52   O O   . PRO A 1 10  ? -14.768 0.702   -5.327  1.00 20.38 ? 10  PRO A O   1 
ATOM   53   C CB  . PRO A 1 10  ? -13.549 -1.343  -3.371  1.00 19.94 ? 10  PRO A CB  1 
ATOM   54   C CG  . PRO A 1 10  ? -14.122 -1.573  -2.046  1.00 21.73 ? 10  PRO A CG  1 
ATOM   55   C CD  . PRO A 1 10  ? -15.035 -0.494  -1.684  1.00 20.34 ? 10  PRO A CD  1 
ATOM   56   N N   . THR A 1 11  ? -12.595 1.206   -5.415  1.00 17.70 ? 11  THR A N   1 
ATOM   57   C CA  . THR A 1 11  ? -12.685 1.824   -6.755  1.00 18.01 ? 11  THR A CA  1 
ATOM   58   C C   . THR A 1 11  ? -11.322 1.923   -7.343  1.00 18.57 ? 11  THR A C   1 
ATOM   59   O O   . THR A 1 11  ? -10.298 1.572   -6.695  1.00 17.95 ? 11  THR A O   1 
ATOM   60   C CB  . THR A 1 11  ? -13.406 3.171   -6.647  1.00 19.92 ? 11  THR A CB  1 
ATOM   61   O OG1 . THR A 1 11  ? -13.723 3.533   -8.018  1.00 19.91 ? 11  THR A OG1 1 
ATOM   62   C CG2 . THR A 1 11  ? -12.616 4.228   -6.067  1.00 19.72 ? 11  THR A CG2 1 
ATOM   63   N N   . THR A 1 12  ? -11.276 2.451   -8.554  1.00 17.65 ? 12  THR A N   1 
ATOM   64   C CA  . THR A 1 12  ? -10.037 2.756   -9.245  1.00 17.89 ? 12  THR A CA  1 
ATOM   65   C C   . THR A 1 12  ? -10.079 4.242   -9.608  1.00 17.16 ? 12  THR A C   1 
ATOM   66   O O   . THR A 1 12  ? -11.055 4.676   -10.133 1.00 19.24 ? 12  THR A O   1 
ATOM   67   C CB  . THR A 1 12  ? -9.869  1.954   -10.539 1.00 20.17 ? 12  THR A CB  1 
ATOM   68   O OG1 . THR A 1 12  ? -9.716  0.590   -10.227 1.00 21.26 ? 12  THR A OG1 1 
ATOM   69   C CG2 . THR A 1 12  ? -8.636  2.369   -11.259 1.00 21.20 ? 12  THR A CG2 1 
ATOM   70   N N   . PHE A 1 13  ? -9.014  4.965   -9.296  1.00 17.67 ? 13  PHE A N   1 
ATOM   71   C CA  . PHE A 1 13  ? -8.901  6.379   -9.625  1.00 17.46 ? 13  PHE A CA  1 
ATOM   72   C C   . PHE A 1 13  ? -7.468  6.834   -9.560  1.00 18.39 ? 13  PHE A C   1 
ATOM   73   O O   . PHE A 1 13  ? -6.604  6.072   -9.293  1.00 18.30 ? 13  PHE A O   1 
ATOM   74   C CB  . PHE A 1 13  ? -9.819  7.251   -8.735  1.00 18.41 ? 13  PHE A CB  1 
ATOM   75   C CG  . PHE A 1 13  ? -9.303  7.589   -7.375  1.00 19.58 ? 13  PHE A CG  1 
ATOM   76   C CD1 . PHE A 1 13  ? -9.009  6.630   -6.457  1.00 20.57 ? 13  PHE A CD1 1 
ATOM   77   C CD2 . PHE A 1 13  ? -9.182  8.885   -7.014  1.00 20.10 ? 13  PHE A CD2 1 
ATOM   78   C CE1 . PHE A 1 13  ? -8.584  6.976   -5.215  1.00 21.36 ? 13  PHE A CE1 1 
ATOM   79   C CE2 . PHE A 1 13  ? -8.778  9.234   -5.777  1.00 20.32 ? 13  PHE A CE2 1 
ATOM   80   C CZ  . PHE A 1 13  ? -8.462  8.280   -4.875  1.00 20.64 ? 13  PHE A CZ  1 
ATOM   81   N N   . THR A 1 14  ? -7.244  8.099   -9.870  1.00 17.95 ? 14  THR A N   1 
ATOM   82   C CA  . THR A 1 14  ? -5.929  8.674   -9.758  1.00 18.86 ? 14  THR A CA  1 
ATOM   83   C C   . THR A 1 14  ? -6.058  9.871   -8.840  1.00 19.97 ? 14  THR A C   1 
ATOM   84   O O   . THR A 1 14  ? -6.588  10.864  -9.224  1.00 20.10 ? 14  THR A O   1 
ATOM   85   C CB  . THR A 1 14  ? -5.346  9.119   -11.106 1.00 19.25 ? 14  THR A CB  1 
ATOM   86   O OG1 . THR A 1 14  ? -5.276  8.029   -12.004 1.00 21.17 ? 14  THR A OG1 1 
ATOM   87   C CG2 . THR A 1 14  ? -3.989  9.716   -10.898 1.00 21.18 ? 14  THR A CG2 1 
ATOM   88   N N   . PRO A 1 15  ? -5.578  9.757   -7.607  1.00 19.89 ? 15  PRO A N   1 
ATOM   89   C CA  . PRO A 1 15  ? -5.690  10.855  -6.694  1.00 19.78 ? 15  PRO A CA  1 
ATOM   90   C C   . PRO A 1 15  ? -4.777  11.983  -7.111  1.00 20.15 ? 15  PRO A C   1 
ATOM   91   O O   . PRO A 1 15  ? -3.781  11.781  -7.678  1.00 20.12 ? 15  PRO A O   1 
ATOM   92   C CB  . PRO A 1 15  ? -5.213  10.288  -5.344  1.00 20.95 ? 15  PRO A CB  1 
ATOM   93   C CG  . PRO A 1 15  ? -4.405  9.174   -5.771  1.00 22.84 ? 15  PRO A CG  1 
ATOM   94   C CD  . PRO A 1 15  ? -4.942  8.553   -6.966  1.00 20.25 ? 15  PRO A CD  1 
ATOM   95   N N   . PRO A 1 16  ? -5.186  13.220  -6.739  1.00 18.62 ? 16  PRO A N   1 
ATOM   96   C CA  . PRO A 1 16  ? -4.227  14.286  -6.799  1.00 21.70 ? 16  PRO A CA  1 
ATOM   97   C C   . PRO A 1 16  ? -3.009  14.088  -5.952  1.00 20.10 ? 16  PRO A C   1 
ATOM   98   O O   . PRO A 1 16  ? -3.065  13.371  -4.956  1.00 20.48 ? 16  PRO A O   1 
ATOM   99   C CB  . PRO A 1 16  ? -5.028  15.533  -6.276  1.00 20.86 ? 16  PRO A CB  1 
ATOM   100  C CG  . PRO A 1 16  ? -6.387  15.085  -6.005  1.00 23.27 ? 16  PRO A CG  1 
ATOM   101  C CD  . PRO A 1 16  ? -6.259  13.577  -5.819  1.00 20.07 ? 16  PRO A CD  1 
ATOM   102  N N   . SER A 1 17  ? -1.943  14.862  -6.191  1.00 19.72 ? 17  SER A N   1 
ATOM   103  C CA  . SER A 1 17  ? -0.923  14.972  -5.261  1.00 19.12 ? 17  SER A CA  1 
ATOM   104  C C   . SER A 1 17  ? -1.364  15.605  -3.951  1.00 19.33 ? 17  SER A C   1 
ATOM   105  O O   . SER A 1 17  ? -2.403  16.377  -3.990  1.00 21.34 ? 17  SER A O   1 
ATOM   106  C CB  . SER A 1 17  ? 0.180   15.866  -5.834  1.00 24.99 ? 17  SER A CB  1 
ATOM   107  O OG  . SER A 1 17  ? 0.878   15.130  -6.850  1.00 25.91 ? 17  SER A OG  1 
ATOM   108  N N   . ASP A 1 18  ? -0.734  15.382  -2.852  1.00 19.77 ? 18  ASP A N   1 
ATOM   109  C CA  A ASP A 1 18  ? -0.917  16.041  -1.560  0.50 19.31 ? 18  ASP A CA  1 
ATOM   110  C CA  B ASP A 1 18  ? -0.902  16.083  -1.627  0.50 18.99 ? 18  ASP A CA  1 
ATOM   111  C C   . ASP A 1 18  ? -2.036  15.553  -0.718  1.00 19.43 ? 18  ASP A C   1 
ATOM   112  O O   . ASP A 1 18  ? -2.487  16.185  0.268   1.00 21.31 ? 18  ASP A O   1 
ATOM   113  C CB  A ASP A 1 18  ? -0.994  17.584  -1.667  0.50 21.42 ? 18  ASP A CB  1 
ATOM   114  C CB  B ASP A 1 18  ? -1.038  17.598  -1.991  0.50 20.01 ? 18  ASP A CB  1 
ATOM   115  C CG  A ASP A 1 18  ? 0.159   18.146  -2.435  0.50 24.23 ? 18  ASP A CG  1 
ATOM   116  C CG  B ASP A 1 18  ? -0.304  18.509  -1.052  0.50 23.36 ? 18  ASP A CG  1 
ATOM   117  O OD1 A ASP A 1 18  ? 1.156   17.442  -2.690  0.50 26.76 ? 18  ASP A OD1 1 
ATOM   118  O OD1 B ASP A 1 18  ? 0.581   18.082  -0.282  0.50 23.36 ? 18  ASP A OD1 1 
ATOM   119  O OD2 A ASP A 1 18  ? 0.105   19.336  -2.826  0.50 30.10 ? 18  ASP A OD2 1 
ATOM   120  O OD2 B ASP A 1 18  ? -0.632  19.715  -1.083  0.50 27.17 ? 18  ASP A OD2 1 
ATOM   121  N N   . TYR A 1 19  ? -2.505  14.343  -0.980  1.00 19.16 ? 19  TYR A N   1 
ATOM   122  C CA  . TYR A 1 19  ? -3.460  13.646  -0.163  1.00 19.64 ? 19  TYR A CA  1 
ATOM   123  C C   . TYR A 1 19  ? -3.032  12.233  0.205   1.00 19.12 ? 19  TYR A C   1 
ATOM   124  O O   . TYR A 1 19  ? -2.679  11.458  -0.701  1.00 19.20 ? 19  TYR A O   1 
ATOM   125  C CB  . TYR A 1 19  ? -4.815  13.540  -0.932  1.00 20.90 ? 19  TYR A CB  1 
ATOM   126  C CG  . TYR A 1 19  ? -5.465  14.894  -1.206  1.00 20.03 ? 19  TYR A CG  1 
ATOM   127  C CD1 . TYR A 1 19  ? -6.311  15.435  -0.276  1.00 21.19 ? 19  TYR A CD1 1 
ATOM   128  C CD2 . TYR A 1 19  ? -5.158  15.603  -2.366  1.00 20.71 ? 19  TYR A CD2 1 
ATOM   129  C CE1 . TYR A 1 19  ? -6.871  16.706  -0.553  1.00 21.52 ? 19  TYR A CE1 1 
ATOM   130  C CE2 . TYR A 1 19  ? -5.780  16.805  -2.639  1.00 20.17 ? 19  TYR A CE2 1 
ATOM   131  C CZ  . TYR A 1 19  ? -6.588  17.349  -1.677  1.00 21.95 ? 19  TYR A CZ  1 
ATOM   132  O OH  . TYR A 1 19  ? -7.217  18.613  -1.930  1.00 24.40 ? 19  TYR A OH  1 
ATOM   133  N N   . TRP A 1 20  ? -3.044  11.930  1.495   1.00 17.66 ? 20  TRP A N   1 
ATOM   134  C CA  . TRP A 1 20  ? -2.920  10.512  1.929   1.00 18.99 ? 20  TRP A CA  1 
ATOM   135  C C   . TRP A 1 20  ? -4.199  9.775   1.626   1.00 19.41 ? 20  TRP A C   1 
ATOM   136  O O   . TRP A 1 20  ? -5.294  10.205  1.979   1.00 21.00 ? 20  TRP A O   1 
ATOM   137  C CB  . TRP A 1 20  ? -2.656  10.392  3.419   1.00 20.12 ? 20  TRP A CB  1 
ATOM   138  C CG  . TRP A 1 20  ? -1.268  10.703  3.794   1.00 20.46 ? 20  TRP A CG  1 
ATOM   139  C CD1 . TRP A 1 20  ? -0.723  11.884  4.272   1.00 22.59 ? 20  TRP A CD1 1 
ATOM   140  C CD2 . TRP A 1 20  ? -0.164  9.791   3.674   1.00 18.66 ? 20  TRP A CD2 1 
ATOM   141  N NE1 . TRP A 1 20  ? 0.615   11.773  4.402   1.00 22.06 ? 20  TRP A NE1 1 
ATOM   142  C CE2 . TRP A 1 20  ? 0.995   10.480  4.041   1.00 18.05 ? 20  TRP A CE2 1 
ATOM   143  C CE3 . TRP A 1 20  ? -0.026  8.477   3.234   1.00 19.10 ? 20  TRP A CE3 1 
ATOM   144  C CZ2 . TRP A 1 20  ? 2.246   9.889   3.992   1.00 19.22 ? 20  TRP A CZ2 1 
ATOM   145  C CZ3 . TRP A 1 20  ? 1.180   7.893   3.169   1.00 19.79 ? 20  TRP A CZ3 1 
ATOM   146  C CH2 . TRP A 1 20  ? 2.335   8.582   3.580   1.00 20.38 ? 20  TRP A CH2 1 
ATOM   147  N N   . ILE A 1 21  ? -4.065  8.598   1.019   1.00 18.24 ? 21  ILE A N   1 
ATOM   148  C CA  . ILE A 1 21  ? -5.090  7.561   0.887   1.00 18.41 ? 21  ILE A CA  1 
ATOM   149  C C   . ILE A 1 21  ? -4.840  6.575   2.016   1.00 18.38 ? 21  ILE A C   1 
ATOM   150  O O   . ILE A 1 21  ? -3.738  6.006   2.112   1.00 18.93 ? 21  ILE A O   1 
ATOM   151  C CB  . ILE A 1 21  ? -4.992  6.865   -0.445  1.00 19.35 ? 21  ILE A CB  1 
ATOM   152  C CG1 . ILE A 1 21  ? -5.256  7.823   -1.612  1.00 25.37 ? 21  ILE A CG1 1 
ATOM   153  C CG2 . ILE A 1 21  ? -5.912  5.669   -0.529  1.00 21.65 ? 21  ILE A CG2 1 
ATOM   154  C CD1 . ILE A 1 21  ? -5.646  9.235   -1.500  1.00 34.19 ? 21  ILE A CD1 1 
ATOM   155  N N   . LEU A 1 22  ? -5.844  6.406   2.866   1.00 18.00 ? 22  LEU A N   1 
ATOM   156  C CA  . LEU A 1 22  ? -5.717  5.529   4.068   1.00 18.81 ? 22  LEU A CA  1 
ATOM   157  C C   . LEU A 1 22  ? -6.690  4.367   3.880   1.00 18.84 ? 22  LEU A C   1 
ATOM   158  O O   . LEU A 1 22  ? -7.919  4.594   3.871   1.00 19.01 ? 22  LEU A O   1 
ATOM   159  C CB  . LEU A 1 22  ? -6.007  6.313   5.321   1.00 21.46 ? 22  LEU A CB  1 
ATOM   160  C CG  . LEU A 1 22  ? -5.933  5.625   6.628   1.00 24.64 ? 22  LEU A CG  1 
ATOM   161  C CD1 . LEU A 1 22  ? -4.527  5.219   6.894   1.00 28.18 ? 22  LEU A CD1 1 
ATOM   162  C CD2 . LEU A 1 22  ? -6.471  6.561   7.717   1.00 30.44 ? 22  LEU A CD2 1 
ATOM   163  N N   . ILE A 1 23  ? -6.196  3.190   3.607   1.00 18.51 ? 23  ILE A N   1 
ATOM   164  C CA  . ILE A 1 23  ? -7.010  2.042   3.187   1.00 20.36 ? 23  ILE A CA  1 
ATOM   165  C C   . ILE A 1 23  ? -7.262  1.222   4.460   1.00 18.89 ? 23  ILE A C   1 
ATOM   166  O O   . ILE A 1 23  ? -6.239  0.767   5.097   1.00 18.54 ? 23  ILE A O   1 
ATOM   167  C CB  . ILE A 1 23  ? -6.328  1.209   2.097   1.00 19.51 ? 23  ILE A CB  1 
ATOM   168  C CG1 . ILE A 1 23  ? -6.056  2.123   0.869   1.00 20.95 ? 23  ILE A CG1 1 
ATOM   169  C CG2 . ILE A 1 23  ? -7.210  0.043   1.734   1.00 19.50 ? 23  ILE A CG2 1 
ATOM   170  C CD1 . ILE A 1 23  ? -5.144  1.456   -0.117  1.00 24.40 ? 23  ILE A CD1 1 
ATOM   171  N N   . ASN A 1 24  ? -8.522  0.884   4.731   1.00 18.38 ? 24  ASN A N   1 
ATOM   172  C CA  . ASN A 1 24  ? -8.879  -0.012  5.858   1.00 18.83 ? 24  ASN A CA  1 
ATOM   173  C C   . ASN A 1 24  ? -8.946  -1.417  5.291   1.00 18.61 ? 24  ASN A C   1 
ATOM   174  O O   . ASN A 1 24  ? -10.003 -1.868  4.801   1.00 21.14 ? 24  ASN A O   1 
ATOM   175  C CB  . ASN A 1 24  ? -10.182 0.454   6.400   1.00 23.35 ? 24  ASN A CB  1 
ATOM   176  C CG  . ASN A 1 24  ? -10.638 -0.402  7.591   1.00 24.87 ? 24  ASN A CG  1 
ATOM   177  O OD1 . ASN A 1 24  ? -9.829  -1.169  8.120   1.00 26.40 ? 24  ASN A OD1 1 
ATOM   178  N ND2 . ASN A 1 24  ? -11.910 -0.241  8.005   1.00 30.87 ? 24  ASN A ND2 1 
ATOM   179  N N   . SER A 1 25  ? -7.848  -2.147  5.291   1.00 19.09 ? 25  SER A N   1 
ATOM   180  C CA  . SER A 1 25  ? -7.810  -3.449  4.793   1.00 18.41 ? 25  SER A CA  1 
ATOM   181  C C   . SER A 1 25  ? -8.580  -4.418  5.651   1.00 20.19 ? 25  SER A C   1 
ATOM   182  O O   . SER A 1 25  ? -8.149  -4.679  6.788   1.00 22.49 ? 25  SER A O   1 
ATOM   183  C CB  . SER A 1 25  ? -6.383  -3.962  4.641   1.00 19.49 ? 25  SER A CB  1 
ATOM   184  O OG  . SER A 1 25  ? -6.351  -5.235  4.137   1.00 21.19 ? 25  SER A OG  1 
ATOM   185  N N   . ASN A 1 26  ? -9.574  -5.074  5.090   1.00 17.98 ? 26  ASN A N   1 
ATOM   186  C CA  . ASN A 1 26  ? -10.369 -6.010  5.870   1.00 19.18 ? 26  ASN A CA  1 
ATOM   187  C C   . ASN A 1 26  ? -10.458 -7.380  5.238   1.00 19.17 ? 26  ASN A C   1 
ATOM   188  O O   . ASN A 1 26  ? -11.329 -8.156  5.492   1.00 21.61 ? 26  ASN A O   1 
ATOM   189  C CB  . ASN A 1 26  ? -11.740 -5.425  6.153   1.00 22.67 ? 26  ASN A CB  1 
ATOM   190  C CG  . ASN A 1 26  ? -12.562 -5.228  4.909   1.00 23.47 ? 26  ASN A CG  1 
ATOM   191  O OD1 . ASN A 1 26  ? -12.081 -5.354  3.831   1.00 24.09 ? 26  ASN A OD1 1 
ATOM   192  N ND2 . ASN A 1 26  ? -13.814 -4.911  5.094   1.00 26.70 ? 26  ASN A ND2 1 
ATOM   193  N N   . THR A 1 27  ? -9.550  -7.654  4.353   1.00 18.28 ? 27  THR A N   1 
ATOM   194  C CA  . THR A 1 27  ? -9.525  -8.888  3.652   1.00 20.13 ? 27  THR A CA  1 
ATOM   195  C C   . THR A 1 27  ? -8.085  -9.228  3.432   1.00 23.66 ? 27  THR A C   1 
ATOM   196  O O   . THR A 1 27  ? -7.299  -8.370  3.212   1.00 29.89 ? 27  THR A O   1 
ATOM   197  C CB  . THR A 1 27  ? -10.281 -8.746  2.248   1.00 21.47 ? 27  THR A CB  1 
ATOM   198  O OG1 . THR A 1 27  ? -11.600 -8.246  2.421   1.00 26.34 ? 27  THR A OG1 1 
ATOM   199  C CG2 . THR A 1 27  ? -10.381 -9.985  1.534   1.00 24.94 ? 27  THR A CG2 1 
ATOM   200  N N   . ASN A 1 28  ? -7.723  -10.497 3.400   1.00 23.97 ? 28  ASN A N   1 
ATOM   201  C CA  . ASN A 1 28  ? -6.363  -10.810 3.039   1.00 28.68 ? 28  ASN A CA  1 
ATOM   202  C C   . ASN A 1 28  ? -6.231  -10.766 1.455   1.00 24.37 ? 28  ASN A C   1 
ATOM   203  O O   . ASN A 1 28  ? -7.178  -10.550 0.725   1.00 29.44 ? 28  ASN A O   1 
ATOM   204  C CB  . ASN A 1 28  ? -5.766  -11.988 3.809   1.00 27.05 ? 28  ASN A CB  1 
ATOM   205  C CG  . ASN A 1 28  ? -6.430  -13.289 3.509   1.00 33.59 ? 28  ASN A CG  1 
ATOM   206  O OD1 . ASN A 1 28  ? -7.301  -13.346 2.738   1.00 31.49 ? 28  ASN A OD1 1 
ATOM   207  N ND2 . ASN A 1 28  ? -5.984  -14.323 4.142   1.00 34.96 ? 28  ASN A ND2 1 
ATOM   208  N N   . GLY A 1 29  ? -5.067  -10.947 0.943   1.00 32.24 ? 29  GLY A N   1 
ATOM   209  C CA  . GLY A 1 29  ? -4.900  -10.857 -0.478  1.00 24.74 ? 29  GLY A CA  1 
ATOM   210  C C   . GLY A 1 29  ? -4.535  -9.429  -0.851  1.00 23.50 ? 29  GLY A C   1 
ATOM   211  O O   . GLY A 1 29  ? -4.012  -8.726  -0.071  1.00 22.53 ? 29  GLY A O   1 
ATOM   212  N N   . VAL A 1 30  ? -4.872  -9.049  -2.068  1.00 20.87 ? 30  VAL A N   1 
ATOM   213  C CA  . VAL A 1 30  ? -4.480  -7.771  -2.607  1.00 19.85 ? 30  VAL A CA  1 
ATOM   214  C C   . VAL A 1 30  ? -5.220  -6.615  -2.004  1.00 19.73 ? 30  VAL A C   1 
ATOM   215  O O   . VAL A 1 30  ? -6.402  -6.596  -2.012  1.00 19.47 ? 30  VAL A O   1 
ATOM   216  C CB  . VAL A 1 30  ? -4.634  -7.779  -4.117  1.00 19.48 ? 30  VAL A CB  1 
ATOM   217  C CG1 . VAL A 1 30  ? -4.200  -6.439  -4.681  1.00 20.60 ? 30  VAL A CG1 1 
ATOM   218  C CG2 . VAL A 1 30  ? -3.856  -8.915  -4.733  1.00 20.07 ? 30  VAL A CG2 1 
ATOM   219  N N   . VAL A 1 31  ? -4.464  -5.674  -1.464  1.00 19.58 ? 31  VAL A N   1 
ATOM   220  C CA  . VAL A 1 31  ? -5.006  -4.503  -0.822  1.00 18.81 ? 31  VAL A CA  1 
ATOM   221  C C   . VAL A 1 31  ? -5.187  -3.360  -1.831  1.00 18.91 ? 31  VAL A C   1 
ATOM   222  O O   . VAL A 1 31  ? -6.172  -2.707  -1.849  1.00 18.88 ? 31  VAL A O   1 
ATOM   223  C CB  . VAL A 1 31  ? -4.109  -4.045  0.326   1.00 19.15 ? 31  VAL A CB  1 
ATOM   224  C CG1 . VAL A 1 31  ? -4.677  -2.823  0.972   1.00 20.37 ? 31  VAL A CG1 1 
ATOM   225  C CG2 . VAL A 1 31  ? -3.974  -5.160  1.363   1.00 21.19 ? 31  VAL A CG2 1 
ATOM   226  N N   . TYR A 1 32  ? -4.157  -3.133  -2.599  1.00 18.65 ? 32  TYR A N   1 
ATOM   227  C CA  . TYR A 1 32  ? -4.189  -2.145  -3.734  1.00 19.47 ? 32  TYR A CA  1 
ATOM   228  C C   . TYR A 1 32  ? -3.229  -2.477  -4.777  1.00 19.79 ? 32  TYR A C   1 
ATOM   229  O O   . TYR A 1 32  ? -2.250  -3.246  -4.547  1.00 20.03 ? 32  TYR A O   1 
ATOM   230  C CB  . TYR A 1 32  ? -3.996  -0.714  -3.278  1.00 19.59 ? 32  TYR A CB  1 
ATOM   231  C CG  . TYR A 1 32  ? -2.580  -0.340  -2.824  1.00 19.32 ? 32  TYR A CG  1 
ATOM   232  C CD1 . TYR A 1 32  ? -1.604  -0.042  -3.764  1.00 19.26 ? 32  TYR A CD1 1 
ATOM   233  C CD2 . TYR A 1 32  ? -2.249  -0.218  -1.492  1.00 19.54 ? 32  TYR A CD2 1 
ATOM   234  C CE1 . TYR A 1 32  ? -0.370  0.393   -3.377  1.00 19.56 ? 32  TYR A CE1 1 
ATOM   235  C CE2 . TYR A 1 32  ? -0.997  0.242   -1.088  1.00 19.96 ? 32  TYR A CE2 1 
ATOM   236  C CZ  . TYR A 1 32  ? -0.074  0.486   -2.031  1.00 19.94 ? 32  TYR A CZ  1 
ATOM   237  O OH  . TYR A 1 32  ? 1.171   0.978   -1.642  1.00 23.31 ? 32  TYR A OH  1 
ATOM   238  N N   . GLU A 1 33  ? -3.450  -1.980  -5.981  1.00 18.21 ? 33  GLU A N   1 
ATOM   239  C CA  . GLU A 1 33  ? -2.590  -2.091  -7.104  1.00 17.77 ? 33  GLU A CA  1 
ATOM   240  C C   . GLU A 1 33  ? -2.318  -0.694  -7.658  1.00 18.89 ? 33  GLU A C   1 
ATOM   241  O O   . GLU A 1 33  ? -3.313  -0.056  -8.061  1.00 20.80 ? 33  GLU A O   1 
ATOM   242  C CB  . GLU A 1 33  ? -3.208  -2.952  -8.182  1.00 20.43 ? 33  GLU A CB  1 
ATOM   243  C CG  . GLU A 1 33  ? -3.653  -4.370  -7.768  1.00 20.14 ? 33  GLU A CG  1 
ATOM   244  C CD  . GLU A 1 33  ? -4.712  -4.897  -8.710  1.00 23.14 ? 33  GLU A CD  1 
ATOM   245  O OE1 . GLU A 1 33  ? -4.344  -5.382  -9.781  1.00 24.59 ? 33  GLU A OE1 1 
ATOM   246  O OE2 . GLU A 1 33  ? -5.906  -4.692  -8.385  1.00 24.30 ? 33  GLU A OE2 1 
ATOM   247  N N   . SER A 1 34  ? -1.091  -0.274  -7.811  1.00 18.63 ? 34  SER A N   1 
ATOM   248  C CA  . SER A 1 34  ? -0.818  1.123   -8.286  1.00 18.76 ? 34  SER A CA  1 
ATOM   249  C C   . SER A 1 34  ? 0.250   1.047   -9.338  1.00 17.95 ? 34  SER A C   1 
ATOM   250  O O   . SER A 1 34  ? 1.306   0.470   -9.130  1.00 18.87 ? 34  SER A O   1 
ATOM   251  C CB  . SER A 1 34  ? -0.363  1.880   -7.128  1.00 19.04 ? 34  SER A CB  1 
ATOM   252  O OG  . SER A 1 34  ? -0.102  3.194   -7.522  1.00 23.31 ? 34  SER A OG  1 
ATOM   253  N N   . THR A 1 35  ? 0.050   1.678   -10.503 1.00 18.55 ? 35  THR A N   1 
ATOM   254  C CA  . THR A 1 35  ? 1.005   1.793   -11.542 1.00 19.26 ? 35  THR A CA  1 
ATOM   255  C C   . THR A 1 35  ? 0.776   3.011   -12.453 1.00 18.60 ? 35  THR A C   1 
ATOM   256  O O   . THR A 1 35  ? -0.350  3.456   -12.553 1.00 18.69 ? 35  THR A O   1 
ATOM   257  C CB  . THR A 1 35  ? 1.016   0.504   -12.387 1.00 19.88 ? 35  THR A CB  1 
ATOM   258  O OG1 . THR A 1 35  ? 2.094   0.455   -13.312 1.00 20.42 ? 35  THR A OG1 1 
ATOM   259  C CG2 . THR A 1 35  ? -0.279  0.262   -13.156 1.00 21.05 ? 35  THR A CG2 1 
ATOM   260  N N   . ASN A 1 36  ? 1.872   3.378   -13.114 1.00 20.19 ? 36  ASN A N   1 
ATOM   261  C CA  . ASN A 1 36  ? 1.816   4.286   -14.257 1.00 19.46 ? 36  ASN A CA  1 
ATOM   262  C C   . ASN A 1 36  ? 2.111   3.534   -15.555 1.00 22.60 ? 36  ASN A C   1 
ATOM   263  O O   . ASN A 1 36  ? 2.209   4.202   -16.570 1.00 23.64 ? 36  ASN A O   1 
ATOM   264  C CB  . ASN A 1 36  ? 2.765   5.415   -14.090 1.00 20.21 ? 36  ASN A CB  1 
ATOM   265  C CG  . ASN A 1 36  ? 4.188   5.004   -13.850 1.00 20.94 ? 36  ASN A CG  1 
ATOM   266  O OD1 . ASN A 1 36  ? 4.551   3.871   -14.102 1.00 20.09 ? 36  ASN A OD1 1 
ATOM   267  N ND2 . ASN A 1 36  ? 4.996   5.943   -13.322 1.00 21.31 ? 36  ASN A ND2 1 
ATOM   268  N N   . ASN A 1 37  ? 2.247   2.229   -15.514 1.00 21.69 ? 37  ASN A N   1 
ATOM   269  C CA  A ASN A 1 37  ? 2.561   1.391   -16.706 0.50 22.69 ? 37  ASN A CA  1 
ATOM   270  C CA  B ASN A 1 37  ? 2.557   1.393   -16.698 0.50 22.64 ? 37  ASN A CA  1 
ATOM   271  C C   . ASN A 1 37  ? 3.877   1.720   -17.375 1.00 25.09 ? 37  ASN A C   1 
ATOM   272  O O   . ASN A 1 37  ? 4.097   1.297   -18.555 1.00 26.09 ? 37  ASN A O   1 
ATOM   273  C CB  A ASN A 1 37  ? 1.420   1.383   -17.753 0.50 24.73 ? 37  ASN A CB  1 
ATOM   274  C CB  B ASN A 1 37  ? 1.387   1.329   -17.722 0.50 24.40 ? 37  ASN A CB  1 
ATOM   275  C CG  A ASN A 1 37  ? 0.137   0.955   -17.146 0.50 27.53 ? 37  ASN A CG  1 
ATOM   276  C CG  B ASN A 1 37  ? 0.505   0.158   -17.466 0.50 28.07 ? 37  ASN A CG  1 
ATOM   277  O OD1 A ASN A 1 37  ? -0.810  1.697   -17.089 0.50 34.13 ? 37  ASN A OD1 1 
ATOM   278  O OD1 B ASN A 1 37  ? -0.635  0.312   -16.979 0.50 33.56 ? 37  ASN A OD1 1 
ATOM   279  N ND2 A ASN A 1 37  ? 0.150   -0.259  -16.585 0.50 32.58 ? 37  ASN A ND2 1 
ATOM   280  N ND2 B ASN A 1 37  ? 1.032   -1.026  -17.736 0.50 30.10 ? 37  ASN A ND2 1 
ATOM   281  N N   . SER A 1 38  ? 4.780   2.430   -16.684 1.00 23.81 ? 38  SER A N   1 
ATOM   282  C CA  . SER A 1 38  ? 6.109   2.740   -17.280 1.00 25.01 ? 38  SER A CA  1 
ATOM   283  C C   . SER A 1 38  ? 7.302   2.426   -16.387 1.00 26.10 ? 38  SER A C   1 
ATOM   284  O O   . SER A 1 38  ? 8.220   1.720   -16.821 1.00 29.44 ? 38  SER A O   1 
ATOM   285  C CB  . SER A 1 38  ? 6.183   4.162   -17.727 1.00 27.71 ? 38  SER A CB  1 
ATOM   286  O OG  . SER A 1 38  ? 6.008   5.079   -16.685 1.00 27.28 ? 38  SER A OG  1 
ATOM   287  N N   . ASP A 1 39  ? 7.311   2.871   -15.156 1.00 22.63 ? 39  ASP A N   1 
ATOM   288  C CA  . ASP A 1 39  ? 8.432   2.754   -14.265 1.00 22.89 ? 39  ASP A CA  1 
ATOM   289  C C   . ASP A 1 39  ? 8.093   2.442   -12.826 1.00 23.11 ? 39  ASP A C   1 
ATOM   290  O O   . ASP A 1 39  ? 8.944   2.349   -11.984 1.00 22.61 ? 39  ASP A O   1 
ATOM   291  C CB  . ASP A 1 39  ? 9.419   3.940   -14.307 1.00 23.01 ? 39  ASP A CB  1 
ATOM   292  C CG  . ASP A 1 39  ? 8.917   5.199   -13.686 1.00 25.28 ? 39  ASP A CG  1 
ATOM   293  O OD1 . ASP A 1 39  ? 7.828   5.239   -13.081 1.00 23.30 ? 39  ASP A OD1 1 
ATOM   294  O OD2 . ASP A 1 39  ? 9.643   6.259   -13.803 1.00 28.59 ? 39  ASP A OD2 1 
ATOM   295  N N   . PHE A 1 40  ? 6.783   2.273   -12.565 1.00 22.67 ? 40  PHE A N   1 
ATOM   296  C CA  . PHE A 1 40  ? 6.370   2.078   -11.194 1.00 19.55 ? 40  PHE A CA  1 
ATOM   297  C C   . PHE A 1 40  ? 5.197   1.138   -11.180 1.00 19.85 ? 40  PHE A C   1 
ATOM   298  O O   . PHE A 1 40  ? 4.145   1.401   -11.744 1.00 18.88 ? 40  PHE A O   1 
ATOM   299  C CB  . PHE A 1 40  ? 5.944   3.451   -10.575 1.00 19.59 ? 40  PHE A CB  1 
ATOM   300  C CG  . PHE A 1 40  ? 5.504   3.352   -9.149  1.00 19.28 ? 40  PHE A CG  1 
ATOM   301  C CD1 . PHE A 1 40  ? 4.223   3.044   -8.828  1.00 19.98 ? 40  PHE A CD1 1 
ATOM   302  C CD2 . PHE A 1 40  ? 6.372   3.559   -8.144  1.00 20.39 ? 40  PHE A CD2 1 
ATOM   303  C CE1 . PHE A 1 40  ? 3.817   2.963   -7.461  1.00 21.26 ? 40  PHE A CE1 1 
ATOM   304  C CE2 . PHE A 1 40  ? 5.964   3.481   -6.797  1.00 19.27 ? 40  PHE A CE2 1 
ATOM   305  C CZ  . PHE A 1 40  ? 4.696   3.143   -6.504  1.00 19.95 ? 40  PHE A CZ  1 
ATOM   306  N N   . TRP A 1 41  ? 5.348   0.048   -10.449 1.00 18.35 ? 41  TRP A N   1 
ATOM   307  C CA  . TRP A 1 41  ? 4.247   -0.897  -10.098 1.00 19.26 ? 41  TRP A CA  1 
ATOM   308  C C   . TRP A 1 41  ? 4.362   -1.232  -8.628  1.00 18.95 ? 41  TRP A C   1 
ATOM   309  O O   . TRP A 1 41  ? 5.419   -1.776  -8.263  1.00 21.32 ? 41  TRP A O   1 
ATOM   310  C CB  . TRP A 1 41  ? 4.293   -2.210  -10.874 1.00 19.58 ? 41  TRP A CB  1 
ATOM   311  C CG  . TRP A 1 41  ? 3.902   -2.162  -12.318 1.00 20.90 ? 41  TRP A CG  1 
ATOM   312  C CD1 . TRP A 1 41  ? 2.685   -2.643  -12.859 1.00 20.88 ? 41  TRP A CD1 1 
ATOM   313  C CD2 . TRP A 1 41  ? 4.660   -1.698  -13.426 1.00 21.30 ? 41  TRP A CD2 1 
ATOM   314  N NE1 . TRP A 1 41  ? 2.720   -2.483  -14.220 1.00 21.89 ? 41  TRP A NE1 1 
ATOM   315  C CE2 . TRP A 1 41  ? 3.874   -1.935  -14.595 1.00 20.91 ? 41  TRP A CE2 1 
ATOM   316  C CE3 . TRP A 1 41  ? 5.923   -1.136  -13.559 1.00 21.72 ? 41  TRP A CE3 1 
ATOM   317  C CZ2 . TRP A 1 41  ? 4.316   -1.563  -15.860 1.00 22.65 ? 41  TRP A CZ2 1 
ATOM   318  C CZ3 . TRP A 1 41  ? 6.357   -0.787  -14.745 1.00 22.87 ? 41  TRP A CZ3 1 
ATOM   319  C CH2 . TRP A 1 41  ? 5.533   -1.025  -15.932 1.00 22.92 ? 41  TRP A CH2 1 
ATOM   320  N N   . THR A 1 42  ? 3.386   -1.004  -7.782  1.00 19.14 ? 42  THR A N   1 
ATOM   321  C CA  A THR A 1 42  ? 3.362   -1.536  -6.435  0.50 16.98 ? 42  THR A CA  1 
ATOM   322  C CA  B THR A 1 42  ? 3.348   -1.552  -6.431  0.50 19.39 ? 42  THR A CA  1 
ATOM   323  C C   . THR A 1 42  ? 2.018   -2.150  -6.223  1.00 18.97 ? 42  THR A C   1 
ATOM   324  O O   . THR A 1 42  ? 0.960   -1.534  -6.422  1.00 20.67 ? 42  THR A O   1 
ATOM   325  C CB  A THR A 1 42  ? 3.684   -0.463  -5.380  0.50 15.55 ? 42  THR A CB  1 
ATOM   326  C CB  B THR A 1 42  ? 3.522   -0.549  -5.284  0.50 21.11 ? 42  THR A CB  1 
ATOM   327  O OG1 A THR A 1 42  ? 4.953   0.105   -5.662  0.50 17.13 ? 42  THR A OG1 1 
ATOM   328  O OG1 B THR A 1 42  ? 2.568   0.507   -5.430  0.50 31.38 ? 42  THR A OG1 1 
ATOM   329  C CG2 A THR A 1 42  ? 3.627   -1.004  -3.971  0.50 14.52 ? 42  THR A CG2 1 
ATOM   330  C CG2 B THR A 1 42  ? 4.817   0.025   -5.282  0.50 21.51 ? 42  THR A CG2 1 
ATOM   331  N N   . ALA A 1 43  ? 1.994   -3.417  -5.787  1.00 18.95 ? 43  ALA A N   1 
ATOM   332  C CA  . ALA A 1 43  ? 0.791   -4.044  -5.195  1.00 18.70 ? 43  ALA A CA  1 
ATOM   333  C C   . ALA A 1 43  ? 1.056   -4.378  -3.778  1.00 18.10 ? 43  ALA A C   1 
ATOM   334  O O   . ALA A 1 43  ? 2.151   -4.995  -3.522  1.00 19.73 ? 43  ALA A O   1 
ATOM   335  C CB  . ALA A 1 43  ? 0.375   -5.310  -5.946  1.00 19.98 ? 43  ALA A CB  1 
ATOM   336  N N   . VAL A 1 44  ? 0.200   -4.046  -2.874  1.00 18.27 ? 44  VAL A N   1 
ATOM   337  C CA  . VAL A 1 44  ? 0.296   -4.448  -1.470  1.00 18.52 ? 44  VAL A CA  1 
ATOM   338  C C   . VAL A 1 44  ? -0.533  -5.694  -1.184  1.00 20.13 ? 44  VAL A C   1 
ATOM   339  O O   . VAL A 1 44  ? -1.721  -5.755  -1.634  1.00 20.93 ? 44  VAL A O   1 
ATOM   340  C CB  . VAL A 1 44  ? -0.043  -3.360  -0.509  1.00 19.09 ? 44  VAL A CB  1 
ATOM   341  C CG1 . VAL A 1 44  ? -0.262  -3.851  0.944   1.00 19.03 ? 44  VAL A CG1 1 
ATOM   342  C CG2 . VAL A 1 44  ? 1.113   -2.326  -0.546  1.00 20.94 ? 44  VAL A CG2 1 
ATOM   343  N N   . ILE A 1 45  ? 0.037   -6.659  -0.472  1.00 21.05 ? 45  ILE A N   1 
ATOM   344  C CA  . ILE A 1 45  ? -0.670  -7.891  -0.144  1.00 22.04 ? 45  ILE A CA  1 
ATOM   345  C C   . ILE A 1 45  ? -0.782  -8.077  1.366   1.00 22.90 ? 45  ILE A C   1 
ATOM   346  O O   . ILE A 1 45  ? 0.225   -8.146  2.069   1.00 22.65 ? 45  ILE A O   1 
ATOM   347  C CB  . ILE A 1 45  ? 0.026   -9.121  -0.753  1.00 30.70 ? 45  ILE A CB  1 
ATOM   348  C CG1 . ILE A 1 45  ? 1.503   -9.150  -0.354  1.00 32.58 ? 45  ILE A CG1 1 
ATOM   349  C CG2 . ILE A 1 45  ? -0.123  -9.124  -2.267  1.00 35.18 ? 45  ILE A CG2 1 
ATOM   350  C CD1 . ILE A 1 45  ? 2.271   -10.318 -0.935  1.00 40.16 ? 45  ILE A CD1 1 
ATOM   351  N N   . ALA A 1 46  ? -2.014  -8.157  1.857   1.00 21.26 ? 46  ALA A N   1 
ATOM   352  C CA  . ALA A 1 46  ? -2.261  -8.334  3.283   1.00 22.91 ? 46  ALA A CA  1 
ATOM   353  C C   . ALA A 1 46  ? -2.083  -9.792  3.698   1.00 25.73 ? 46  ALA A C   1 
ATOM   354  O O   . ALA A 1 46  ? -2.618  -10.698 3.059   1.00 24.30 ? 46  ALA A O   1 
ATOM   355  C CB  . ALA A 1 46  ? -3.654  -7.844  3.646   1.00 22.17 ? 46  ALA A CB  1 
ATOM   356  N N   . VAL A 1 47  ? -1.328  -10.008 4.769   1.00 23.60 ? 47  VAL A N   1 
ATOM   357  C CA  . VAL A 1 47  ? -1.079  -11.355 5.271   1.00 24.72 ? 47  VAL A CA  1 
ATOM   358  C C   . VAL A 1 47  ? -1.537  -11.497 6.718   1.00 25.69 ? 47  VAL A C   1 
ATOM   359  O O   . VAL A 1 47  ? -1.121  -10.732 7.589   1.00 26.11 ? 47  VAL A O   1 
ATOM   360  C CB  . VAL A 1 47  ? 0.413   -11.725 5.176   1.00 27.15 ? 47  VAL A CB  1 
ATOM   361  C CG1 . VAL A 1 47  ? 0.672   -13.061 5.856   1.00 27.26 ? 47  VAL A CG1 1 
ATOM   362  C CG2 . VAL A 1 47  ? 0.858   -11.765 3.722   1.00 25.70 ? 47  VAL A CG2 1 
ATOM   363  N N   . GLU A 1 48  ? -2.396  -12.479 6.968   1.00 28.80 ? 48  GLU A N   1 
ATOM   364  C CA  . GLU A 1 48  ? -2.914  -12.722 8.310   1.00 27.37 ? 48  GLU A CA  1 
ATOM   365  C C   . GLU A 1 48  ? -1.823  -13.252 9.235   1.00 26.33 ? 48  GLU A C   1 
ATOM   366  O O   . GLU A 1 48  ? -0.869  -13.883 8.781   1.00 28.61 ? 48  GLU A O   1 
ATOM   367  C CB  . GLU A 1 48  ? -4.085  -13.705 8.263   1.00 33.19 ? 48  GLU A CB  1 
ATOM   368  C CG  . GLU A 1 48  ? -3.674  -15.152 8.042   1.00 31.70 ? 48  GLU A CG  1 
ATOM   369  C CD  . GLU A 1 48  ? -3.613  -15.523 6.574   1.00 39.48 ? 48  GLU A CD  1 
ATOM   370  O OE1 . GLU A 1 48  ? -3.480  -14.609 5.733   1.00 41.45 ? 48  GLU A OE1 1 
ATOM   371  O OE2 . GLU A 1 48  ? -3.697  -16.729 6.260   1.00 36.70 ? 48  GLU A OE2 1 
ATOM   372  N N   . PRO A 1 49  ? -1.972  -13.021 10.521  1.00 26.99 ? 49  PRO A N   1 
ATOM   373  C CA  . PRO A 1 49  ? -1.007  -13.432 11.536  1.00 34.95 ? 49  PRO A CA  1 
ATOM   374  C C   . PRO A 1 49  ? -0.811  -14.894 11.617  1.00 39.46 ? 49  PRO A C   1 
ATOM   375  O O   . PRO A 1 49  ? -1.737  -15.620 11.392  1.00 42.24 ? 49  PRO A O   1 
ATOM   376  C CB  . PRO A 1 49  ? -1.668  -13.010 12.815  1.00 34.23 ? 49  PRO A CB  1 
ATOM   377  C CG  . PRO A 1 49  ? -2.566  -11.929 12.446  1.00 37.91 ? 49  PRO A CG  1 
ATOM   378  C CD  . PRO A 1 49  ? -3.058  -12.258 11.109  1.00 32.19 ? 49  PRO A CD  1 
ATOM   379  N N   . HIS A 1 50  ? 0.402   -15.292 11.996  1.00 39.46 ? 50  HIS A N   1 
ATOM   380  C CA  . HIS A 1 50  ? 0.798   -16.694 12.172  1.00 37.41 ? 50  HIS A CA  1 
ATOM   381  C C   . HIS A 1 50  ? 0.695   -17.592 10.996  1.00 39.74 ? 50  HIS A C   1 
ATOM   382  O O   . HIS A 1 50  ? -0.008  -18.568 11.036  1.00 43.12 ? 50  HIS A O   1 
ATOM   383  C CB  . HIS A 1 50  ? 0.077   -17.307 13.379  1.00 35.56 ? 50  HIS A CB  1 
ATOM   384  C CG  . HIS A 1 50  ? 0.227   -16.506 14.620  1.00 35.53 ? 50  HIS A CG  1 
ATOM   385  N ND1 . HIS A 1 50  ? 1.449   -16.233 15.169  1.00 36.99 ? 50  HIS A ND1 1 
ATOM   386  C CD2 . HIS A 1 50  ? -0.680  -15.882 15.393  1.00 35.93 ? 50  HIS A CD2 1 
ATOM   387  C CE1 . HIS A 1 50  ? 1.293   -15.468 16.222  1.00 41.27 ? 50  HIS A CE1 1 
ATOM   388  N NE2 . HIS A 1 50  ? 0.007   -15.233 16.376  1.00 40.83 ? 50  HIS A NE2 1 
ATOM   389  N N   . VAL A 1 51  ? 1.356   -17.225 9.924   1.00 32.90 ? 51  VAL A N   1 
ATOM   390  C CA  . VAL A 1 51  ? 1.381   -17.949 8.707   1.00 31.41 ? 51  VAL A CA  1 
ATOM   391  C C   . VAL A 1 51  ? 2.775   -18.479 8.374   1.00 42.44 ? 51  VAL A C   1 
ATOM   392  O O   . VAL A 1 51  ? 3.695   -17.750 8.270   1.00 35.83 ? 51  VAL A O   1 
ATOM   393  C CB  . VAL A 1 51  ? 0.877   -17.046 7.538   1.00 30.00 ? 51  VAL A CB  1 
ATOM   394  C CG1 . VAL A 1 51  ? 1.153   -17.649 6.209   1.00 30.00 ? 51  VAL A CG1 1 
ATOM   395  C CG2 . VAL A 1 51  ? -0.565  -16.658 7.721   1.00 30.00 ? 51  VAL A CG2 1 
ATOM   396  N N   . ASP A 1 52  ? 2.892   -19.785 8.148   1.00 44.28 ? 52  ASP A N   1 
ATOM   397  C CA  . ASP A 1 52  ? 4.139   -20.448 7.784   1.00 42.79 ? 52  ASP A CA  1 
ATOM   398  C C   . ASP A 1 52  ? 4.504   -20.166 6.366   1.00 45.27 ? 52  ASP A C   1 
ATOM   399  O O   . ASP A 1 52  ? 3.669   -19.784 5.596   1.00 45.94 ? 52  ASP A O   1 
ATOM   400  C CB  . ASP A 1 52  ? 4.011   -21.951 7.917   1.00 30.00 ? 52  ASP A CB  1 
ATOM   401  C CG  . ASP A 1 52  ? 4.237   -22.438 9.292   1.00 30.00 ? 52  ASP A CG  1 
ATOM   402  O OD1 . ASP A 1 52  ? 4.105   -21.709 10.263  1.00 30.00 ? 52  ASP A OD1 1 
ATOM   403  O OD2 . ASP A 1 52  ? 4.543   -23.622 9.385   1.00 30.00 ? 52  ASP A OD2 1 
ATOM   404  N N   . PRO A 1 53  ? 5.731   -20.440 5.964   1.00 36.63 ? 53  PRO A N   1 
ATOM   405  C CA  . PRO A 1 53  ? 6.096   -20.090 4.614   1.00 38.82 ? 53  PRO A CA  1 
ATOM   406  C C   . PRO A 1 53  ? 5.337   -20.890 3.592   1.00 45.27 ? 53  PRO A C   1 
ATOM   407  O O   . PRO A 1 53  ? 5.719   -21.945 3.134   1.00 45.08 ? 53  PRO A O   1 
ATOM   408  C CB  . PRO A 1 53  ? 7.556   -20.484 4.573   1.00 30.00 ? 53  PRO A CB  1 
ATOM   409  C CG  . PRO A 1 53  ? 7.994   -20.201 5.924   1.00 30.00 ? 53  PRO A CG  1 
ATOM   410  C CD  . PRO A 1 53  ? 6.917   -20.707 6.780   1.00 30.00 ? 53  PRO A CD  1 
ATOM   411  N N   . VAL A 1 54  ? 4.286   -20.250 3.124   1.00 38.24 ? 54  VAL A N   1 
ATOM   412  C CA  . VAL A 1 54  ? 3.351   -20.845 2.183   1.00 40.81 ? 54  VAL A CA  1 
ATOM   413  C C   . VAL A 1 54  ? 3.296   -20.030 0.924   1.00 38.91 ? 54  VAL A C   1 
ATOM   414  O O   . VAL A 1 54  ? 3.440   -18.837 0.978   1.00 35.18 ? 54  VAL A O   1 
ATOM   415  C CB  . VAL A 1 54  ? 1.930   -20.883 2.790   1.00 30.00 ? 54  VAL A CB  1 
ATOM   416  C CG1 . VAL A 1 54  ? 1.811   -21.824 3.999   1.00 30.00 ? 54  VAL A CG1 1 
ATOM   417  C CG2 . VAL A 1 54  ? 1.515   -19.490 3.226   1.00 30.00 ? 54  VAL A CG2 1 
ATOM   418  N N   . ASP A 1 55  ? 3.221   -20.684 -0.222  1.00 41.52 ? 55  ASP A N   1 
ATOM   419  C CA  . ASP A 1 55  ? 3.075   -19.986 -1.493  1.00 46.00 ? 55  ASP A CA  1 
ATOM   420  C C   . ASP A 1 55  ? 1.613   -19.641 -1.653  1.00 47.94 ? 55  ASP A C   1 
ATOM   421  O O   . ASP A 1 55  ? 0.735   -20.398 -1.225  1.00 32.50 ? 55  ASP A O   1 
ATOM   422  C CB  . ASP A 1 55  ? 3.453   -20.774 -2.716  1.00 30.00 ? 55  ASP A CB  1 
ATOM   423  C CG  . ASP A 1 55  ? 4.903   -21.148 -2.770  1.00 30.00 ? 55  ASP A CG  1 
ATOM   424  O OD1 . ASP A 1 55  ? 5.767   -20.348 -3.177  1.00 30.00 ? 55  ASP A OD1 1 
ATOM   425  O OD2 . ASP A 1 55  ? 5.156   -22.311 -2.460  1.00 30.00 ? 55  ASP A OD2 1 
ATOM   426  N N   . ARG A 1 56  ? 1.389   -18.470 -2.242  1.00 39.47 ? 56  ARG A N   1 
ATOM   427  C CA  . ARG A 1 56  ? 0.077   -17.939 -2.477  1.00 38.25 ? 56  ARG A CA  1 
ATOM   428  C C   . ARG A 1 56  ? -0.005  -17.272 -3.848  1.00 37.41 ? 56  ARG A C   1 
ATOM   429  O O   . ARG A 1 56  ? 0.966   -16.789 -4.389  1.00 38.65 ? 56  ARG A O   1 
ATOM   430  C CB  . ARG A 1 56  ? -0.341  -17.052 -1.325  1.00 30.00 ? 56  ARG A CB  1 
ATOM   431  C CG  . ARG A 1 56  ? -0.763  -17.787 -0.095  1.00 30.00 ? 56  ARG A CG  1 
ATOM   432  C CD  . ARG A 1 56  ? -1.162  -16.932 1.037   1.00 30.00 ? 56  ARG A CD  1 
ATOM   433  N NE  . ARG A 1 56  ? -1.446  -17.689 2.222   1.00 30.00 ? 56  ARG A NE  1 
ATOM   434  C CZ  . ARG A 1 56  ? -1.962  -17.172 3.307   1.00 30.00 ? 56  ARG A CZ  1 
ATOM   435  N NH1 . ARG A 1 56  ? -2.217  -15.880 3.386   1.00 30.00 ? 56  ARG A NH1 1 
ATOM   436  N NH2 . ARG A 1 56  ? -2.201  -17.914 4.352   1.00 30.00 ? 56  ARG A NH2 1 
ATOM   437  N N   . GLN A 1 57  ? -1.204  -17.327 -4.412  1.00 42.06 ? 57  GLN A N   1 
ATOM   438  C CA  . GLN A 1 57  ? -1.497  -16.786 -5.712  1.00 43.27 ? 57  GLN A CA  1 
ATOM   439  C C   . GLN A 1 57  ? -2.184  -15.450 -5.551  1.00 23.24 ? 57  GLN A C   1 
ATOM   440  O O   . GLN A 1 57  ? -3.014  -15.313 -4.700  1.00 28.49 ? 57  GLN A O   1 
ATOM   441  C CB  . GLN A 1 57  ? -2.442  -17.699 -6.471  1.00 51.85 ? 57  GLN A CB  1 
ATOM   442  C CG  . GLN A 1 57  ? -1.905  -19.099 -6.643  1.00 63.26 ? 57  GLN A CG  1 
ATOM   443  C CD  . GLN A 1 57  ? -0.677  -19.172 -7.503  1.00 61.34 ? 57  GLN A CD  1 
ATOM   444  O OE1 . GLN A 1 57  ? -0.656  -18.680 -8.634  1.00 58.94 ? 57  GLN A OE1 1 
ATOM   445  N NE2 . GLN A 1 57  ? 0.359   -19.792 -6.964  1.00 62.23 ? 57  GLN A NE2 1 
ATOM   446  N N   . TYR A 1 58  ? -1.729  -14.501 -6.364  1.00 30.57 ? 58  TYR A N   1 
ATOM   447  C CA  . TYR A 1 58  ? -2.230  -13.133 -6.303  1.00 27.73 ? 58  TYR A CA  1 
ATOM   448  C C   . TYR A 1 58  ? -2.354  -12.524 -7.695  1.00 26.40 ? 58  TYR A C   1 
ATOM   449  O O   . TYR A 1 58  ? -1.354  -12.310 -8.381  1.00 30.30 ? 58  TYR A O   1 
ATOM   450  C CB  . TYR A 1 58  ? -1.316  -12.267 -5.432  1.00 27.80 ? 58  TYR A CB  1 
ATOM   451  C CG  . TYR A 1 58  ? -1.227  -12.724 -3.993  1.00 24.73 ? 58  TYR A CG  1 
ATOM   452  C CD1 . TYR A 1 58  ? -2.281  -12.521 -3.112  1.00 28.61 ? 58  TYR A CD1 1 
ATOM   453  C CD2 . TYR A 1 58  ? -0.087  -13.356 -3.516  1.00 29.77 ? 58  TYR A CD2 1 
ATOM   454  C CE1 . TYR A 1 58  ? -2.203  -12.938 -1.797  1.00 31.10 ? 58  TYR A CE1 1 
ATOM   455  C CE2 . TYR A 1 58  ? 0.001   -13.776 -2.202  1.00 24.60 ? 58  TYR A CE2 1 
ATOM   456  C CZ  . TYR A 1 58  ? -1.060  -13.564 -1.347  1.00 28.48 ? 58  TYR A CZ  1 
ATOM   457  O OH  . TYR A 1 58  ? -0.978  -13.980 -0.038  1.00 29.40 ? 58  TYR A OH  1 
ATOM   458  N N   . ASN A 1 59  ? -3.587  -12.248 -8.108  1.00 24.38 ? 59  ASN A N   1 
ATOM   459  C CA  . ASN A 1 59  ? -3.843  -11.661 -9.417  1.00 25.14 ? 59  ASN A CA  1 
ATOM   460  C C   . ASN A 1 59  ? -3.660  -10.148 -9.380  1.00 22.43 ? 59  ASN A C   1 
ATOM   461  O O   . ASN A 1 59  ? -4.582  -9.411  -9.031  1.00 24.86 ? 59  ASN A O   1 
ATOM   462  C CB  . ASN A 1 59  ? -5.254  -12.009 -9.895  1.00 26.68 ? 59  ASN A CB  1 
ATOM   463  C CG  . ASN A 1 59  ? -5.773  -11.037 -10.936 1.00 33.71 ? 59  ASN A CG  1 
ATOM   464  O OD1 . ASN A 1 59  ? -5.006  -10.487 -11.725 1.00 34.91 ? 59  ASN A OD1 1 
ATOM   465  N ND2 . ASN A 1 59  ? -7.083  -10.821 -10.941 1.00 37.54 ? 59  ASN A ND2 1 
ATOM   466  N N   . VAL A 1 60  ? -2.466  -9.692  -9.742  1.00 23.62 ? 60  VAL A N   1 
ATOM   467  C CA  . VAL A 1 60  ? -2.159  -8.266  -9.746  1.00 22.39 ? 60  VAL A CA  1 
ATOM   468  C C   . VAL A 1 60  ? -1.982  -7.742  -11.167 1.00 23.20 ? 60  VAL A C   1 
ATOM   469  O O   . VAL A 1 60  ? -1.451  -8.437  -12.034 1.00 24.18 ? 60  VAL A O   1 
ATOM   470  C CB  . VAL A 1 60  ? -0.886  -7.961  -8.934  1.00 23.67 ? 60  VAL A CB  1 
ATOM   471  C CG1 . VAL A 1 60  ? -1.149  -8.146  -7.448  1.00 26.68 ? 60  VAL A CG1 1 
ATOM   472  C CG2 . VAL A 1 60  ? 0.262   -8.845  -9.395  1.00 24.68 ? 60  VAL A CG2 1 
ATOM   473  N N   . PHE A 1 61  ? -2.429  -6.512  -11.398 1.00 22.56 ? 61  PHE A N   1 
ATOM   474  C CA  . PHE A 1 61  ? -2.321  -5.894  -12.707 1.00 23.06 ? 61  PHE A CA  1 
ATOM   475  C C   . PHE A 1 61  ? -2.762  -6.865  -13.821 1.00 23.89 ? 61  PHE A C   1 
ATOM   476  O O   . PHE A 1 61  ? -2.268  -6.790  -14.883 1.00 27.38 ? 61  PHE A O   1 
ATOM   477  C CB  . PHE A 1 61  ? -0.935  -5.329  -12.958 1.00 21.83 ? 61  PHE A CB  1 
ATOM   478  C CG  . PHE A 1 61  ? -0.404  -4.518  -11.850 1.00 20.49 ? 61  PHE A CG  1 
ATOM   479  C CD1 . PHE A 1 61  ? -0.846  -3.195  -11.690 1.00 21.20 ? 61  PHE A CD1 1 
ATOM   480  C CD2 . PHE A 1 61  ? 0.513   -5.015  -10.950 1.00 21.17 ? 61  PHE A CD2 1 
ATOM   481  C CE1 . PHE A 1 61  ? -0.425  -2.434  -10.651 1.00 21.13 ? 61  PHE A CE1 1 
ATOM   482  C CE2 . PHE A 1 61  ? 0.956   -4.241  -9.905  1.00 20.91 ? 61  PHE A CE2 1 
ATOM   483  C CZ  . PHE A 1 61  ? 0.481   -2.908  -9.751  1.00 21.29 ? 61  PHE A CZ  1 
ATOM   484  N N   . GLY A 1 62  ? -3.790  -7.636  -13.458 1.00 24.17 ? 62  GLY A N   1 
ATOM   485  C CA  . GLY A 1 62  ? -4.305  -8.685  -14.433 1.00 25.40 ? 62  GLY A CA  1 
ATOM   486  C C   . GLY A 1 62  ? -3.439  -9.883  -14.638 1.00 27.75 ? 62  GLY A C   1 
ATOM   487  O O   . GLY A 1 62  ? -3.753  -10.641 -15.533 1.00 34.19 ? 62  GLY A O   1 
ATOM   488  N N   . GLU A 1 63  ? -2.427  -10.087 -13.792 1.00 27.65 ? 63  GLU A N   1 
ATOM   489  C CA  . GLU A 1 63  ? -1.397  -11.121 -13.924 1.00 30.42 ? 63  GLU A CA  1 
ATOM   490  C C   . GLU A 1 63  ? -1.551  -11.992 -12.731 1.00 28.18 ? 63  GLU A C   1 
ATOM   491  O O   . GLU A 1 63  ? -1.724  -11.561 -11.560 1.00 31.17 ? 63  GLU A O   1 
ATOM   492  C CB  . GLU A 1 63  ? 0.004   -10.478 -13.928 1.00 26.79 ? 63  GLU A CB  1 
ATOM   493  C CG  . GLU A 1 63  ? 0.209   -9.463  -15.010 1.00 31.27 ? 63  GLU A CG  1 
ATOM   494  C CD  . GLU A 1 63  ? 1.577   -8.798  -15.038 1.00 33.40 ? 63  GLU A CD  1 
ATOM   495  O OE1 . GLU A 1 63  ? 2.502   -9.333  -14.423 1.00 34.45 ? 63  GLU A OE1 1 
ATOM   496  O OE2 . GLU A 1 63  ? 1.694   -7.747  -15.681 1.00 33.10 ? 63  GLU A OE2 1 
ATOM   497  N N   . ASN A 1 64  ? -1.531  -13.338 -12.953 1.00 27.29 ? 64  ASN A N   1 
ATOM   498  C CA  . ASN A 1 64  ? -1.652  -14.283 -11.815 1.00 29.38 ? 64  ASN A CA  1 
ATOM   499  C C   . ASN A 1 64  ? -0.259  -14.545 -11.303 1.00 33.57 ? 64  ASN A C   1 
ATOM   500  O O   . ASN A 1 64  ? 0.573   -15.096 -12.002 1.00 34.83 ? 64  ASN A O   1 
ATOM   501  C CB  . ASN A 1 64  ? -2.311  -15.607 -12.276 1.00 31.12 ? 64  ASN A CB  1 
ATOM   502  C CG  . ASN A 1 64  ? -2.534  -16.616 -11.147 1.00 38.75 ? 64  ASN A CG  1 
ATOM   503  O OD1 . ASN A 1 64  ? -2.437  -16.330 -9.972  1.00 40.69 ? 64  ASN A OD1 1 
ATOM   504  N ND2 . ASN A 1 64  ? -2.911  -17.850 -11.540 1.00 46.85 ? 64  ASN A ND2 1 
ATOM   505  N N   . LYS A 1 65  ? 0.050   -14.056 -10.124 1.00 32.23 ? 65  LYS A N   1 
ATOM   506  C CA  . LYS A 1 65  ? 1.387   -14.250 -9.524  1.00 32.95 ? 65  LYS A CA  1 
ATOM   507  C C   . LYS A 1 65  ? 1.355   -15.025 -8.361  1.00 28.32 ? 65  LYS A C   1 
ATOM   508  O O   . LYS A 1 65  ? 0.382   -15.118 -7.564  1.00 39.96 ? 65  LYS A O   1 
ATOM   509  C CB  . LYS A 1 65  ? 1.918   -12.898 -9.054  1.00 39.19 ? 65  LYS A CB  1 
ATOM   510  C CG  . LYS A 1 65  ? 2.126   -12.016 -10.169 1.00 32.92 ? 65  LYS A CG  1 
ATOM   511  C CD  . LYS A 1 65  ? 3.283   -12.456 -10.976 1.00 41.68 ? 65  LYS A CD  1 
ATOM   512  C CE  . LYS A 1 65  ? 3.347   -11.534 -12.123 1.00 39.13 ? 65  LYS A CE  1 
ATOM   513  N NZ  . LYS A 1 65  ? 4.288   -12.084 -13.073 1.00 42.30 ? 65  LYS A NZ  1 
ATOM   514  N N   . GLN A 1 66  ? 2.546   -15.645 -8.201  1.00 39.53 ? 66  GLN A N   1 
ATOM   515  C CA  . GLN A 1 66  ? 2.860   -16.499 -7.117  1.00 39.76 ? 66  GLN A CA  1 
ATOM   516  C C   . GLN A 1 66  ? 3.989   -15.849 -6.262  1.00 33.08 ? 66  GLN A C   1 
ATOM   517  O O   . GLN A 1 66  ? 4.996   -15.455 -6.819  1.00 41.39 ? 66  GLN A O   1 
ATOM   518  C CB  . GLN A 1 66  ? 3.378   -17.840 -7.664  1.00 46.44 ? 66  GLN A CB  1 
ATOM   519  C CG  . GLN A 1 66  ? 3.566   -18.864 -6.571  1.00 52.13 ? 66  GLN A CG  1 
ATOM   520  C CD  . GLN A 1 66  ? 4.136   -20.177 -7.100  1.00 58.90 ? 66  GLN A CD  1 
ATOM   521  O OE1 . GLN A 1 66  ? 5.100   -20.195 -7.889  1.00 63.20 ? 66  GLN A OE1 1 
ATOM   522  N NE2 . GLN A 1 66  ? 3.555   -21.282 -6.647  1.00 57.17 ? 66  GLN A NE2 1 
ATOM   523  N N   . PHE A 1 67  ? 3.662   -15.717 -4.975  1.00 34.97 ? 67  PHE A N   1 
ATOM   524  C CA  . PHE A 1 67  ? 4.656   -15.243 -3.954  1.00 38.51 ? 67  PHE A CA  1 
ATOM   525  C C   . PHE A 1 67  ? 4.660   -16.125 -2.746  1.00 37.47 ? 67  PHE A C   1 
ATOM   526  O O   . PHE A 1 67  ? 3.610   -16.462 -2.222  1.00 40.69 ? 67  PHE A O   1 
ATOM   527  C CB  . PHE A 1 67  ? 4.225   -13.864 -3.430  1.00 33.80 ? 67  PHE A CB  1 
ATOM   528  C CG  . PHE A 1 67  ? 4.030   -12.854 -4.468  1.00 33.42 ? 67  PHE A CG  1 
ATOM   529  C CD1 . PHE A 1 67  ? 4.921   -12.685 -5.507  1.00 32.95 ? 67  PHE A CD1 1 
ATOM   530  C CD2 . PHE A 1 67  ? 2.917   -12.032 -4.444  1.00 35.93 ? 67  PHE A CD2 1 
ATOM   531  C CE1 . PHE A 1 67  ? 4.721   -11.749 -6.486  1.00 35.08 ? 67  PHE A CE1 1 
ATOM   532  C CE2 . PHE A 1 67  ? 2.729   -11.078 -5.431  1.00 31.64 ? 67  PHE A CE2 1 
ATOM   533  C CZ  . PHE A 1 67  ? 3.630   -10.923 -6.453  1.00 32.77 ? 67  PHE A CZ  1 
ATOM   534  N N   . ASN A 1 68  ? 5.848   -16.333 -2.168  1.00 39.41 ? 68  ASN A N   1 
ATOM   535  C CA  . ASN A 1 68  ? 5.996   -17.067 -0.923  1.00 36.69 ? 68  ASN A CA  1 
ATOM   536  C C   . ASN A 1 68  ? 5.974   -16.055 0.177   1.00 33.24 ? 68  ASN A C   1 
ATOM   537  O O   . ASN A 1 68  ? 6.732   -15.135 0.199   1.00 40.68 ? 68  ASN A O   1 
ATOM   538  C CB  . ASN A 1 68  ? 7.294   -17.851 -0.818  1.00 43.33 ? 68  ASN A CB  1 
ATOM   539  C CG  . ASN A 1 68  ? 7.350   -18.696 0.442   1.00 41.11 ? 68  ASN A CG  1 
ATOM   540  O OD1 . ASN A 1 68  ? 7.841   -18.278 1.461   1.00 47.62 ? 68  ASN A OD1 1 
ATOM   541  N ND2 . ASN A 1 68  ? 6.808   -19.878 0.367   1.00 53.01 ? 68  ASN A ND2 1 
ATOM   542  N N   . VAL A 1 69  ? 5.088   -16.253 1.097   1.00 32.41 ? 69  VAL A N   1 
ATOM   543  C CA  . VAL A 1 69  ? 4.871   -15.323 2.139   1.00 33.09 ? 69  VAL A CA  1 
ATOM   544  C C   . VAL A 1 69  ? 4.901   -16.020 3.460   1.00 33.80 ? 69  VAL A C   1 
ATOM   545  O O   . VAL A 1 69  ? 4.754   -17.216 3.520   1.00 35.19 ? 69  VAL A O   1 
ATOM   546  C CB  . VAL A 1 69  ? 3.486   -14.631 1.946   1.00 33.03 ? 69  VAL A CB  1 
ATOM   547  C CG1 . VAL A 1 69  ? 3.373   -13.933 0.601   1.00 34.73 ? 69  VAL A CG1 1 
ATOM   548  C CG2 . VAL A 1 69  ? 2.375   -15.628 2.051   1.00 33.53 ? 69  VAL A CG2 1 
ATOM   549  N N   . ARG A 1 70  ? 5.090   -15.256 4.531   1.00 33.99 ? 70  ARG A N   1 
ATOM   550  C CA  . ARG A 1 70  ? 5.138   -15.825 5.873   1.00 27.36 ? 70  ARG A CA  1 
ATOM   551  C C   . ARG A 1 70  ? 5.054   -14.744 6.946   1.00 30.75 ? 70  ARG A C   1 
ATOM   552  O O   . ARG A 1 70  ? 6.004   -13.990 7.155   1.00 32.43 ? 70  ARG A O   1 
ATOM   553  C CB  . ARG A 1 70  ? 6.413   -16.651 6.059   1.00 32.59 ? 70  ARG A CB  1 
ATOM   554  C CG  . ARG A 1 70  ? 7.692   -15.831 6.035   1.00 38.15 ? 70  ARG A CG  1 
ATOM   555  C CD  . ARG A 1 70  ? 8.896   -16.674 6.426   1.00 39.05 ? 70  ARG A CD  1 
ATOM   556  N NE  . ARG A 1 70  ? 8.796   -17.161 7.799   1.00 47.07 ? 70  ARG A NE  1 
ATOM   557  C CZ  . ARG A 1 70  ? 9.651   -18.018 8.351   1.00 51.95 ? 70  ARG A CZ  1 
ATOM   558  N NH1 . ARG A 1 70  ? 10.672  -18.485 7.646   1.00 45.53 ? 70  ARG A NH1 1 
ATOM   559  N NH2 . ARG A 1 70  ? 9.483   -18.408 9.607   1.00 55.93 ? 70  ARG A NH2 1 
ATOM   560  N N   . ASN A 1 71  ? 3.912   -14.675 7.621   1.00 29.99 ? 71  ASN A N   1 
ATOM   561  C CA  . ASN A 1 71  ? 3.701   -13.686 8.672   1.00 27.23 ? 71  ASN A CA  1 
ATOM   562  C C   . ASN A 1 71  ? 3.782   -14.325 10.054  1.00 39.60 ? 71  ASN A C   1 
ATOM   563  O O   . ASN A 1 71  ? 2.817   -14.925 10.528  1.00 36.06 ? 71  ASN A O   1 
ATOM   564  C CB  . ASN A 1 71  ? 2.351   -12.991 8.491   1.00 27.76 ? 71  ASN A CB  1 
ATOM   565  C CG  . ASN A 1 71  ? 2.024   -12.046 9.631   1.00 34.15 ? 71  ASN A CG  1 
ATOM   566  O OD1 . ASN A 1 71  ? 2.846   -11.820 10.520  1.00 36.34 ? 71  ASN A OD1 1 
ATOM   567  N ND2 . ASN A 1 71  ? 0.819   -11.490 9.611   1.00 28.02 ? 71  ASN A ND2 1 
ATOM   568  N N   . ASP A 1 72  ? 4.937   -14.192 10.697  1.00 37.87 ? 72  ASP A N   1 
ATOM   569  C CA  . ASP A 1 72  ? 5.146   -14.756 12.025  1.00 42.56 ? 72  ASP A CA  1 
ATOM   570  C C   . ASP A 1 72  ? 5.055   -13.679 13.100  1.00 47.72 ? 72  ASP A C   1 
ATOM   571  O O   . ASP A 1 72  ? 5.998   -13.470 13.864  1.00 50.66 ? 72  ASP A O   1 
ATOM   572  C CB  . ASP A 1 72  ? 6.501   -15.463 12.101  1.00 39.67 ? 72  ASP A CB  1 
ATOM   573  C CG  . ASP A 1 72  ? 6.390   -16.958 11.882  1.00 45.14 ? 72  ASP A CG  1 
ATOM   574  O OD1 . ASP A 1 72  ? 5.423   -17.395 11.223  1.00 53.68 ? 72  ASP A OD1 1 
ATOM   575  O OD2 . ASP A 1 72  ? 7.271   -17.699 12.368  1.00 50.26 ? 72  ASP A OD2 1 
ATOM   576  N N   . SER A 1 73  ? 3.915   -12.998 13.155  1.00 35.69 ? 73  SER A N   1 
ATOM   577  C CA  . SER A 1 73  ? 3.701   -11.942 14.137  1.00 34.57 ? 73  SER A CA  1 
ATOM   578  C C   . SER A 1 73  ? 2.220   -11.793 14.474  1.00 31.41 ? 73  SER A C   1 
ATOM   579  O O   . SER A 1 73  ? 1.369   -11.779 13.585  1.00 34.89 ? 73  SER A O   1 
ATOM   580  C CB  . SER A 1 73  ? 4.258   -10.612 13.624  1.00 43.89 ? 73  SER A CB  1 
ATOM   581  O OG  . SER A 1 73  ? 3.269   -9.881  12.920  1.00 48.37 ? 73  SER A OG  1 
ATOM   582  N N   . ASP A 1 74  ? 1.922   -11.682 15.764  1.00 36.81 ? 74  ASP A N   1 
ATOM   583  C CA  . ASP A 1 74  ? 0.519   -11.531 16.231  1.00 41.19 ? 74  ASP A CA  1 
ATOM   584  C C   . ASP A 1 74  ? -0.152  -10.473 15.357  1.00 37.57 ? 74  ASP A C   1 
ATOM   585  O O   . ASP A 1 74  ? -1.332  -10.187 15.509  1.00 34.80 ? 74  ASP A O   1 
ATOM   586  C CB  . ASP A 1 74  ? 0.439   -10.996 17.686  1.00 47.87 ? 74  ASP A CB  1 
ATOM   587  C CG  . ASP A 1 74  ? 0.687   -12.058 18.734  1.00 58.97 ? 74  ASP A CG  1 
ATOM   588  O OD1 . ASP A 1 74  ? 1.230   -13.136 18.390  1.00 59.13 ? 74  ASP A OD1 1 
ATOM   589  O OD2 . ASP A 1 74  ? 0.333   -11.778 19.913  1.00 60.31 ? 74  ASP A OD2 1 
ATOM   590  N N   . LYS A 1 75  ? 0.657   -9.802  14.541  1.00 31.77 ? 75  LYS A N   1 
ATOM   591  C CA  . LYS A 1 75  ? 0.136   -8.638  13.788  1.00 32.82 ? 75  LYS A CA  1 
ATOM   592  C C   . LYS A 1 75  ? -0.056  -9.052  12.383  1.00 26.90 ? 75  LYS A C   1 
ATOM   593  O O   . LYS A 1 75  ? 0.496   -9.982  11.808  1.00 28.38 ? 75  LYS A O   1 
ATOM   594  C CB  . LYS A 1 75  ? 1.173   -7.511  13.875  1.00 28.88 ? 75  LYS A CB  1 
ATOM   595  C CG  . LYS A 1 75  ? 1.184   -6.828  15.217  1.00 30.84 ? 75  LYS A CG  1 
ATOM   596  C CD  . LYS A 1 75  ? 2.132   -5.642  15.468  1.00 34.15 ? 75  LYS A CD  1 
ATOM   597  C CE  . LYS A 1 75  ? 2.579   -5.708  16.934  1.00 39.62 ? 75  LYS A CE  1 
ATOM   598  N NZ  . LYS A 1 75  ? 3.260   -4.504  17.403  1.00 44.11 ? 75  LYS A NZ  1 
ATOM   599  N N   . TRP A 1 76  ? -0.867  -8.173  11.694  1.00 26.97 ? 76  TRP A N   1 
ATOM   600  C CA  . TRP A 1 76  ? -0.914  -8.358  10.289  1.00 23.36 ? 76  TRP A CA  1 
ATOM   601  C C   . TRP A 1 76  ? 0.405   -7.907  9.455   1.00 21.01 ? 76  TRP A C   1 
ATOM   602  O O   . TRP A 1 76  ? 1.058   -7.043  9.952   1.00 26.78 ? 76  TRP A O   1 
ATOM   603  C CB  . TRP A 1 76  ? -2.173  -7.614  9.704   1.00 23.40 ? 76  TRP A CB  1 
ATOM   604  C CG  . TRP A 1 76  ? -3.471  -8.343  9.932   1.00 27.08 ? 76  TRP A CG  1 
ATOM   605  C CD1 . TRP A 1 76  ? -4.173  -8.447  11.098  1.00 26.69 ? 76  TRP A CD1 1 
ATOM   606  C CD2 . TRP A 1 76  ? -4.171  -9.023  8.949   1.00 24.74 ? 76  TRP A CD2 1 
ATOM   607  N NE1 . TRP A 1 76  ? -5.308  -9.180  10.904  1.00 29.85 ? 76  TRP A NE1 1 
ATOM   608  C CE2 . TRP A 1 76  ? -5.281  -9.636  9.605   1.00 24.21 ? 76  TRP A CE2 1 
ATOM   609  C CE3 . TRP A 1 76  ? -3.972  -9.275  7.591   1.00 21.79 ? 76  TRP A CE3 1 
ATOM   610  C CZ2 . TRP A 1 76  ? -6.266  -10.374 8.885   1.00 27.62 ? 76  TRP A CZ2 1 
ATOM   611  C CZ3 . TRP A 1 76  ? -4.898  -10.014 6.865   1.00 23.07 ? 76  TRP A CZ3 1 
ATOM   612  C CH2 . TRP A 1 76  ? -6.014  -10.654 7.568   1.00 22.16 ? 76  TRP A CH2 1 
ATOM   613  N N   . LYS A 1 77  ? 0.666   -8.449  8.297   1.00 21.07 ? 77  LYS A N   1 
ATOM   614  C CA  . LYS A 1 77  ? 1.775   -7.988  7.480   1.00 25.83 ? 77  LYS A CA  1 
ATOM   615  C C   . LYS A 1 77  ? 1.293   -7.554  6.107   1.00 26.73 ? 77  LYS A C   1 
ATOM   616  O O   . LYS A 1 77  ? 0.607   -8.276  5.450   1.00 23.98 ? 77  LYS A O   1 
ATOM   617  C CB  . LYS A 1 77  ? 2.867   -9.023  7.322   1.00 31.87 ? 77  LYS A CB  1 
ATOM   618  C CG  . LYS A 1 77  ? 3.840   -9.039  8.466   1.00 36.25 ? 77  LYS A CG  1 
ATOM   619  C CD  . LYS A 1 77  ? 5.007   -9.944  8.179   1.00 40.39 ? 77  LYS A CD  1 
ATOM   620  C CE  . LYS A 1 77  ? 5.816   -10.091 9.438   1.00 42.11 ? 77  LYS A CE  1 
ATOM   621  N NZ  . LYS A 1 77  ? 6.619   -8.906  9.787   1.00 44.16 ? 77  LYS A NZ  1 
ATOM   622  N N   . PHE A 1 78  ? 1.680   -6.356  5.721   1.00 22.33 ? 78  PHE A N   1 
ATOM   623  C CA  . PHE A 1 78  ? 1.327   -5.791  4.430   1.00 22.00 ? 78  PHE A CA  1 
ATOM   624  C C   . PHE A 1 78  ? 2.591   -5.652  3.612   1.00 19.56 ? 78  PHE A C   1 
ATOM   625  O O   . PHE A 1 78  ? 3.420   -4.873  3.917   1.00 23.09 ? 78  PHE A O   1 
ATOM   626  C CB  . PHE A 1 78  ? 0.606   -4.472  4.630   1.00 21.86 ? 78  PHE A CB  1 
ATOM   627  C CG  . PHE A 1 78  ? -0.674  -4.631  5.389   1.00 21.70 ? 78  PHE A CG  1 
ATOM   628  C CD1 . PHE A 1 78  ? -1.826  -5.029  4.753   1.00 20.47 ? 78  PHE A CD1 1 
ATOM   629  C CD2 . PHE A 1 78  ? -0.703  -4.451  6.716   1.00 24.50 ? 78  PHE A CD2 1 
ATOM   630  C CE1 . PHE A 1 78  ? -2.989  -5.208  5.448   1.00 22.43 ? 78  PHE A CE1 1 
ATOM   631  C CE2 . PHE A 1 78  ? -1.852  -4.630  7.429   1.00 25.46 ? 78  PHE A CE2 1 
ATOM   632  C CZ  . PHE A 1 78  ? -2.991  -5.024  6.796   1.00 23.65 ? 78  PHE A CZ  1 
ATOM   633  N N   . LEU A 1 79  ? 2.733   -6.508  2.607   1.00 21.40 ? 79  LEU A N   1 
ATOM   634  C CA  . LEU A 1 79  ? 3.933   -6.515  1.781   1.00 20.11 ? 79  LEU A CA  1 
ATOM   635  C C   . LEU A 1 79  ? 3.811   -5.694  0.509   1.00 21.55 ? 79  LEU A C   1 
ATOM   636  O O   . LEU A 1 79  ? 2.896   -5.892  -0.291  1.00 21.06 ? 79  LEU A O   1 
ATOM   637  C CB  . LEU A 1 79  ? 4.328   -7.953  1.434   1.00 22.85 ? 79  LEU A CB  1 
ATOM   638  C CG  . LEU A 1 79  ? 4.846   -8.812  2.589   1.00 30.87 ? 79  LEU A CG  1 
ATOM   639  C CD1 . LEU A 1 79  ? 3.749   -9.054  3.614   1.00 30.74 ? 79  LEU A CD1 1 
ATOM   640  C CD2 . LEU A 1 79  ? 5.400   -10.131 2.070   1.00 33.79 ? 79  LEU A CD2 1 
ATOM   641  N N   . GLU A 1 80  ? 4.747   -4.769  0.330   1.00 19.72 ? 80  GLU A N   1 
ATOM   642  C CA  . GLU A 1 80  ? 4.769   -3.933  -0.864  1.00 19.32 ? 80  GLU A CA  1 
ATOM   643  C C   . GLU A 1 80  ? 5.582   -4.628  -1.956  1.00 20.51 ? 80  GLU A C   1 
ATOM   644  O O   . GLU A 1 80  ? 6.811   -4.666  -1.898  1.00 22.81 ? 80  GLU A O   1 
ATOM   645  C CB  . GLU A 1 80  ? 5.366   -2.562  -0.551  1.00 21.03 ? 80  GLU A CB  1 
ATOM   646  C CG  . GLU A 1 80  ? 4.333   -1.478  -0.291  1.00 23.76 ? 80  GLU A CG  1 
ATOM   647  C CD  . GLU A 1 80  ? 4.963   -0.141  0.047   1.00 18.95 ? 80  GLU A CD  1 
ATOM   648  O OE1 . GLU A 1 80  ? 5.929   0.253   -0.641  1.00 22.99 ? 80  GLU A OE1 1 
ATOM   649  O OE2 . GLU A 1 80  ? 4.492   0.516   0.999   1.00 22.02 ? 80  GLU A OE2 1 
ATOM   650  N N   . MET A 1 81  ? 4.870   -5.200  -2.923  1.00 19.00 ? 81  MET A N   1 
ATOM   651  C CA  . MET A 1 81  ? 5.488   -5.884  -4.048  1.00 18.83 ? 81  MET A CA  1 
ATOM   652  C C   . MET A 1 81  ? 5.735   -4.847  -5.130  1.00 20.66 ? 81  MET A C   1 
ATOM   653  O O   . MET A 1 81  ? 4.798   -4.229  -5.637  1.00 20.73 ? 81  MET A O   1 
ATOM   654  C CB  . MET A 1 81  ? 4.579   -6.995  -4.571  1.00 21.71 ? 81  MET A CB  1 
ATOM   655  C CG  . MET A 1 81  ? 4.201   -8.032  -3.527  1.00 20.91 ? 81  MET A CG  1 
ATOM   656  S SD  . MET A 1 81  ? 5.629   -8.664  -2.626  1.00 22.94 ? 81  MET A SD  1 
ATOM   657  C CE  . MET A 1 81  ? 6.540   -9.459  -3.948  1.00 26.12 ? 81  MET A CE  1 
ATOM   658  N N   . PHE A 1 82  ? 6.989   -4.667  -5.490  1.00 19.52 ? 82  PHE A N   1 
ATOM   659  C CA  . PHE A 1 82  ? 7.359   -3.676  -6.463  1.00 18.62 ? 82  PHE A CA  1 
ATOM   660  C C   . PHE A 1 82  ? 8.129   -4.165  -7.686  1.00 19.79 ? 82  PHE A C   1 
ATOM   661  O O   . PHE A 1 82  ? 8.872   -5.086  -7.560  1.00 20.41 ? 82  PHE A O   1 
ATOM   662  C CB  . PHE A 1 82  ? 8.282   -2.619  -5.770  1.00 18.89 ? 82  PHE A CB  1 
ATOM   663  C CG  . PHE A 1 82  ? 8.809   -1.558  -6.702  1.00 18.04 ? 82  PHE A CG  1 
ATOM   664  C CD1 . PHE A 1 82  ? 8.056   -0.441  -6.971  1.00 18.88 ? 82  PHE A CD1 1 
ATOM   665  C CD2 . PHE A 1 82  ? 10.024  -1.681  -7.307  1.00 18.68 ? 82  PHE A CD2 1 
ATOM   666  C CE1 . PHE A 1 82  ? 8.507   0.515   -7.815  1.00 20.49 ? 82  PHE A CE1 1 
ATOM   667  C CE2 . PHE A 1 82  ? 10.475  -0.721  -8.166  1.00 19.81 ? 82  PHE A CE2 1 
ATOM   668  C CZ  . PHE A 1 82  ? 9.709   0.379   -8.414  1.00 20.26 ? 82  PHE A CZ  1 
ATOM   669  N N   . ARG A 1 83  ? 7.861   -3.582  -8.844  1.00 20.49 ? 83  ARG A N   1 
ATOM   670  C CA  . ARG A 1 83  ? 8.727   -3.709  -9.916  1.00 20.35 ? 83  ARG A CA  1 
ATOM   671  C C   . ARG A 1 83  ? 8.839   -2.397  -10.631 1.00 21.51 ? 83  ARG A C   1 
ATOM   672  O O   . ARG A 1 83  ? 7.888   -1.590  -10.607 1.00 21.36 ? 83  ARG A O   1 
ATOM   673  C CB  . ARG A 1 83  ? 8.331   -4.817  -10.988 1.00 21.20 ? 83  ARG A CB  1 
ATOM   674  C CG  . ARG A 1 83  ? 7.070   -4.504  -11.741 1.00 23.61 ? 83  ARG A CG  1 
ATOM   675  C CD  . ARG A 1 83  ? 6.541   -5.729  -12.494 1.00 22.00 ? 83  ARG A CD  1 
ATOM   676  N NE  . ARG A 1 83  ? 5.276   -5.353  -13.177 1.00 24.02 ? 83  ARG A NE  1 
ATOM   677  C CZ  . ARG A 1 83  ? 4.459   -6.190  -13.831 1.00 28.69 ? 83  ARG A CZ  1 
ATOM   678  N NH1 . ARG A 1 83  ? 4.676   -7.469  -13.883 1.00 26.91 ? 83  ARG A NH1 1 
ATOM   679  N NH2 . ARG A 1 83  ? 3.330   -5.733  -14.384 1.00 27.48 ? 83  ARG A NH2 1 
ATOM   680  N N   . GLY A 1 84  ? 9.993   -2.149  -11.232 1.00 23.51 ? 84  GLY A N   1 
ATOM   681  C CA  . GLY A 1 84  ? 10.217  -0.890  -11.962 1.00 22.95 ? 84  GLY A CA  1 
ATOM   682  C C   . GLY A 1 84  ? 10.166  -0.884  -13.484 1.00 23.53 ? 84  GLY A C   1 
ATOM   683  O O   . GLY A 1 84  ? 10.395  0.172   -14.103 1.00 25.73 ? 84  GLY A O   1 
ATOM   684  N N   . SER A 1 85  ? 9.794   -2.049  -14.029 1.00 24.43 ? 85  SER A N   1 
ATOM   685  C CA  . SER A 1 85  ? 9.627   -2.289  -15.504 1.00 27.61 ? 85  SER A CA  1 
ATOM   686  C C   . SER A 1 85  ? 8.664   -3.422  -15.532 1.00 25.46 ? 85  SER A C   1 
ATOM   687  O O   . SER A 1 85  ? 8.588   -4.299  -14.662 1.00 26.88 ? 85  SER A O   1 
ATOM   688  C CB  . SER A 1 85  ? 10.977  -2.701  -16.113 1.00 30.59 ? 85  SER A CB  1 
ATOM   689  O OG  . SER A 1 85  ? 10.833  -3.371  -17.371 1.00 43.62 ? 85  SER A OG  1 
ATOM   690  N N   . SER A 1 86  ? 7.963   -3.526  -16.693 1.00 28.27 ? 86  SER A N   1 
ATOM   691  C CA  . SER A 1 86  ? 6.974   -4.552  -16.826 1.00 29.40 ? 86  SER A CA  1 
ATOM   692  C C   . SER A 1 86  ? 7.543   -5.956  -16.874 1.00 27.52 ? 86  SER A C   1 
ATOM   693  O O   . SER A 1 86  ? 6.879   -6.907  -16.487 1.00 37.01 ? 86  SER A O   1 
ATOM   694  C CB  . SER A 1 86  ? 6.082   -4.346  -18.041 1.00 32.42 ? 86  SER A CB  1 
ATOM   695  O OG  . SER A 1 86  ? 6.883   -4.439  -19.166 1.00 34.03 ? 86  SER A OG  1 
ATOM   696  N N   . GLN A 1 87  ? 8.813   -6.012  -17.252 1.00 30.82 ? 87  GLN A N   1 
ATOM   697  C CA  . GLN A 1 87  ? 9.562   -7.259  -17.409 1.00 35.73 ? 87  GLN A CA  1 
ATOM   698  C C   . GLN A 1 87  ? 10.301  -7.708  -16.192 1.00 34.48 ? 87  GLN A C   1 
ATOM   699  O O   . GLN A 1 87  ? 10.546  -8.918  -16.047 1.00 38.49 ? 87  GLN A O   1 
ATOM   700  C CB  . GLN A 1 87  ? 10.495  -7.117  -18.580 1.00 38.60 ? 87  GLN A CB  1 
ATOM   701  C CG  . GLN A 1 87  ? 9.665   -7.234  -19.861 1.00 50.98 ? 87  GLN A CG  1 
ATOM   702  C CD  . GLN A 1 87  ? 10.451  -6.816  -21.050 1.00 62.44 ? 87  GLN A CD  1 
ATOM   703  O OE1 . GLN A 1 87  ? 11.071  -5.741  -21.039 1.00 79.20 ? 87  GLN A OE1 1 
ATOM   704  N NE2 . GLN A 1 87  ? 10.458  -7.659  -22.090 1.00 75.32 ? 87  GLN A NE2 1 
ATOM   705  N N   . ASN A 1 88  ? 10.576  -6.826  -15.250 1.00 26.91 ? 88  ASN A N   1 
ATOM   706  C CA  . ASN A 1 88  ? 11.278  -7.279  -14.028 1.00 26.54 ? 88  ASN A CA  1 
ATOM   707  C C   . ASN A 1 88  ? 10.345  -8.017  -13.114 1.00 26.71 ? 88  ASN A C   1 
ATOM   708  O O   . ASN A 1 88  ? 9.140   -7.723  -13.042 1.00 25.52 ? 88  ASN A O   1 
ATOM   709  C CB  . ASN A 1 88  ? 11.823  -6.028  -13.291 1.00 27.82 ? 88  ASN A CB  1 
ATOM   710  C CG  . ASN A 1 88  ? 12.932  -5.357  -13.987 1.00 28.10 ? 88  ASN A CG  1 
ATOM   711  O OD1 . ASN A 1 88  ? 13.542  -5.874  -14.909 1.00 34.47 ? 88  ASN A OD1 1 
ATOM   712  N ND2 . ASN A 1 88  ? 13.299  -4.197  -13.448 1.00 31.96 ? 88  ASN A ND2 1 
ATOM   713  N N   . ASP A 1 89  ? 10.829  -8.930  -12.266 1.00 25.43 ? 89  ASP A N   1 
ATOM   714  C CA  . ASP A 1 89  ? 10.070  -9.650  -11.327 1.00 25.22 ? 89  ASP A CA  1 
ATOM   715  C C   . ASP A 1 89  ? 9.672   -8.713  -10.153 1.00 23.84 ? 89  ASP A C   1 
ATOM   716  O O   . ASP A 1 89  ? 10.453  -7.798  -9.750  1.00 25.07 ? 89  ASP A O   1 
ATOM   717  C CB  . ASP A 1 89  ? 10.931  -10.746 -10.646 1.00 30.17 ? 89  ASP A CB  1 
ATOM   718  C CG  . ASP A 1 89  ? 11.344  -11.832 -11.594 1.00 37.52 ? 89  ASP A CG  1 
ATOM   719  O OD1 . ASP A 1 89  ? 10.622  -12.079 -12.577 1.00 37.41 ? 89  ASP A OD1 1 
ATOM   720  O OD2 . ASP A 1 89  ? 12.427  -12.379 -11.316 1.00 39.54 ? 89  ASP A OD2 1 
ATOM   721  N N   . PHE A 1 90  ? 8.519   -8.903  -9.603  1.00 22.63 ? 90  PHE A N   1 
ATOM   722  C CA  . PHE A 1 90  ? 8.164   -8.278  -8.369  1.00 22.31 ? 90  PHE A CA  1 
ATOM   723  C C   . PHE A 1 90  ? 9.108   -8.693  -7.291  1.00 22.62 ? 90  PHE A C   1 
ATOM   724  O O   . PHE A 1 90  ? 9.450   -9.884  -7.187  1.00 23.59 ? 90  PHE A O   1 
ATOM   725  C CB  . PHE A 1 90  ? 6.721   -8.551  -7.909  1.00 23.60 ? 90  PHE A CB  1 
ATOM   726  C CG  . PHE A 1 90  ? 5.671   -7.847  -8.733  1.00 25.29 ? 90  PHE A CG  1 
ATOM   727  C CD1 . PHE A 1 90  ? 5.380   -6.507  -8.483  1.00 23.79 ? 90  PHE A CD1 1 
ATOM   728  C CD2 . PHE A 1 90  ? 5.017   -8.490  -9.799  1.00 26.12 ? 90  PHE A CD2 1 
ATOM   729  C CE1 . PHE A 1 90  ? 4.441   -5.849  -9.286  1.00 23.80 ? 90  PHE A CE1 1 
ATOM   730  C CE2 . PHE A 1 90  ? 4.068   -7.830  -10.544 1.00 28.14 ? 90  PHE A CE2 1 
ATOM   731  C CZ  . PHE A 1 90  ? 3.818   -6.521  -10.291 1.00 26.05 ? 90  PHE A CZ  1 
ATOM   732  N N   . TYR A 1 91  ? 9.413   -7.795  -6.361  1.00 21.89 ? 91  TYR A N   1 
ATOM   733  C CA  . TYR A 1 91  ? 10.152  -8.134  -5.149  1.00 21.99 ? 91  TYR A CA  1 
ATOM   734  C C   . TYR A 1 91  ? 9.487   -7.437  -3.954  1.00 18.56 ? 91  TYR A C   1 
ATOM   735  O O   . TYR A 1 91  ? 8.811   -6.480  -4.149  1.00 19.83 ? 91  TYR A O   1 
ATOM   736  C CB  . TYR A 1 91  ? 11.652  -7.855  -5.259  1.00 20.92 ? 91  TYR A CB  1 
ATOM   737  C CG  . TYR A 1 91  ? 12.041  -6.403  -5.292  1.00 20.64 ? 91  TYR A CG  1 
ATOM   738  C CD1 . TYR A 1 91  ? 12.141  -5.729  -6.464  1.00 20.23 ? 91  TYR A CD1 1 
ATOM   739  C CD2 . TYR A 1 91  ? 12.348  -5.755  -4.140  1.00 22.04 ? 91  TYR A CD2 1 
ATOM   740  C CE1 . TYR A 1 91  ? 12.524  -4.418  -6.480  1.00 21.92 ? 91  TYR A CE1 1 
ATOM   741  C CE2 . TYR A 1 91  ? 12.717  -4.450  -4.135  1.00 21.59 ? 91  TYR A CE2 1 
ATOM   742  C CZ  . TYR A 1 91  ? 12.810  -3.789  -5.302  1.00 22.51 ? 91  TYR A CZ  1 
ATOM   743  O OH  . TYR A 1 91  ? 13.192  -2.488  -5.250  1.00 25.45 ? 91  TYR A OH  1 
ATOM   744  N N   . ASN A 1 92  ? 9.674   -7.935  -2.738  1.00 19.14 ? 92  ASN A N   1 
ATOM   745  C CA  . ASN A 1 92  ? 9.081   -7.442  -1.565  1.00 19.49 ? 92  ASN A CA  1 
ATOM   746  C C   . ASN A 1 92  ? 9.960   -6.278  -1.128  1.00 21.74 ? 92  ASN A C   1 
ATOM   747  O O   . ASN A 1 92  ? 11.017  -6.433  -0.502  1.00 20.60 ? 92  ASN A O   1 
ATOM   748  C CB  . ASN A 1 92  ? 8.987   -8.493  -0.444  1.00 20.26 ? 92  ASN A CB  1 
ATOM   749  C CG  . ASN A 1 92  ? 8.479   -8.006  0.852   1.00 24.35 ? 92  ASN A CG  1 
ATOM   750  O OD1 . ASN A 1 92  ? 8.730   -8.619  1.854   1.00 26.31 ? 92  ASN A OD1 1 
ATOM   751  N ND2 . ASN A 1 92  ? 7.697   -6.892  0.882   1.00 22.04 ? 92  ASN A ND2 1 
ATOM   752  N N   . ARG A 1 93  ? 9.604   -5.070  -1.548  1.00 19.11 ? 93  ARG A N   1 
ATOM   753  C CA  . ARG A 1 93  ? 10.450  -3.904  -1.255  1.00 20.46 ? 93  ARG A CA  1 
ATOM   754  C C   . ARG A 1 93  ? 10.371  -3.340  0.163   1.00 19.06 ? 93  ARG A C   1 
ATOM   755  O O   . ARG A 1 93  ? 11.366  -2.890  0.730   1.00 20.50 ? 93  ARG A O   1 
ATOM   756  C CB  . ARG A 1 93  ? 10.173  -2.787  -2.267  1.00 18.99 ? 93  ARG A CB  1 
ATOM   757  C CG  . ARG A 1 93  ? 11.142  -1.619  -2.183  1.00 17.35 ? 93  ARG A CG  1 
ATOM   758  C CD  . ARG A 1 93  ? 10.801  -0.543  -3.201  1.00 20.04 ? 93  ARG A CD  1 
ATOM   759  N NE  . ARG A 1 93  ? 11.665  0.627   -3.070  1.00 18.37 ? 93  ARG A NE  1 
ATOM   760  C CZ  . ARG A 1 93  ? 11.639  1.670   -3.894  1.00 20.04 ? 93  ARG A CZ  1 
ATOM   761  N NH1 . ARG A 1 93  ? 10.792  1.692   -4.913  1.00 21.38 ? 93  ARG A NH1 1 
ATOM   762  N NH2 . ARG A 1 93  ? 12.461  2.692   -3.698  1.00 19.93 ? 93  ARG A NH2 1 
ATOM   763  N N   . ARG A 1 94  ? 9.171   -3.376  0.715   1.00 17.61 ? 94  ARG A N   1 
ATOM   764  C CA  . ARG A 1 94  ? 8.864   -2.866  2.004   1.00 18.12 ? 94  ARG A CA  1 
ATOM   765  C C   . ARG A 1 94  ? 7.772   -3.653  2.731   1.00 20.66 ? 94  ARG A C   1 
ATOM   766  O O   . ARG A 1 94  ? 6.930   -4.241  2.012   1.00 22.46 ? 94  ARG A O   1 
ATOM   767  C CB  . ARG A 1 94  ? 8.410   -1.396  2.058   1.00 21.42 ? 94  ARG A CB  1 
ATOM   768  C CG  . ARG A 1 94  ? 9.335   -0.395  1.463   1.00 21.06 ? 94  ARG A CG  1 
ATOM   769  C CD  . ARG A 1 94  ? 8.717   1.029   1.673   1.00 20.14 ? 94  ARG A CD  1 
ATOM   770  N NE  . ARG A 1 94  ? 9.587   1.960   0.973   1.00 20.29 ? 94  ARG A NE  1 
ATOM   771  C CZ  . ARG A 1 94  ? 9.597   2.210   -0.302  1.00 19.10 ? 94  ARG A CZ  1 
ATOM   772  N NH1 . ARG A 1 94  ? 10.530  3.039   -0.845  1.00 20.51 ? 94  ARG A NH1 1 
ATOM   773  N NH2 . ARG A 1 94  ? 8.681   1.648   -1.091  1.00 18.86 ? 94  ARG A NH2 1 
ATOM   774  N N   . THR A 1 95  ? 7.754   -3.717  4.000   1.00 20.14 ? 95  THR A N   1 
ATOM   775  C CA  . THR A 1 95  ? 6.676   -4.455  4.725   1.00 21.77 ? 95  THR A CA  1 
ATOM   776  C C   . THR A 1 95  ? 6.233   -3.597  5.821   1.00 20.91 ? 95  THR A C   1 
ATOM   777  O O   . THR A 1 95  ? 6.983   -2.940  6.536   1.00 23.10 ? 95  THR A O   1 
ATOM   778  C CB  . THR A 1 95  ? 7.190   -5.911  5.161   1.00 22.73 ? 95  THR A CB  1 
ATOM   779  O OG1 . THR A 1 95  ? 7.599   -6.651  4.042   1.00 27.77 ? 95  THR A OG1 1 
ATOM   780  C CG2 . THR A 1 95  ? 5.987   -6.602  5.836   1.00 29.13 ? 95  THR A CG2 1 
ATOM   781  N N   . LEU A 1 96  ? 4.925   -3.550  6.019   1.00 22.59 ? 96  LEU A N   1 
ATOM   782  C CA  . LEU A 1 96  ? 4.294   -2.863  7.127   1.00 19.45 ? 96  LEU A CA  1 
ATOM   783  C C   . LEU A 1 96  ? 3.616   -3.902  8.047   1.00 24.15 ? 96  LEU A C   1 
ATOM   784  O O   . LEU A 1 96  ? 2.714   -4.544  7.656   1.00 23.19 ? 96  LEU A O   1 
ATOM   785  C CB  . LEU A 1 96  ? 3.231   -1.858  6.664   1.00 23.22 ? 96  LEU A CB  1 
ATOM   786  C CG  . LEU A 1 96  ? 2.308   -1.232  7.697   1.00 23.84 ? 96  LEU A CG  1 
ATOM   787  C CD1 . LEU A 1 96  ? 3.065   -0.399  8.691   1.00 25.42 ? 96  LEU A CD1 1 
ATOM   788  C CD2 . LEU A 1 96  ? 1.223   -0.363  7.058   1.00 25.36 ? 96  LEU A CD2 1 
ATOM   789  N N   . THR A 1 97  ? 4.091   -4.021  9.272   1.00 24.05 ? 97  THR A N   1 
ATOM   790  C CA  . THR A 1 97  ? 3.561   -4.977  10.240  1.00 25.47 ? 97  THR A CA  1 
ATOM   791  C C   . THR A 1 97  ? 2.675   -4.222  11.149  1.00 24.13 ? 97  THR A C   1 
ATOM   792  O O   . THR A 1 97  ? 3.091   -3.353  11.814  1.00 25.38 ? 97  THR A O   1 
ATOM   793  C CB  . THR A 1 97  ? 4.714   -5.674  10.961  1.00 27.00 ? 97  THR A CB  1 
ATOM   794  O OG1 . THR A 1 97  ? 5.549   -6.255  9.989   1.00 29.27 ? 97  THR A OG1 1 
ATOM   795  C CG2 . THR A 1 97  ? 4.210   -6.776  11.834  1.00 29.78 ? 97  THR A CG2 1 
ATOM   796  N N   . SER A 1 98  ? 1.383   -4.499  11.118  1.00 25.28 ? 98  SER A N   1 
ATOM   797  C CA  . SER A 1 98  ? 0.513   -3.708  11.968  1.00 24.76 ? 98  SER A CA  1 
ATOM   798  C C   . SER A 1 98  ? -0.717  -4.419  12.473  1.00 27.28 ? 98  SER A C   1 
ATOM   799  O O   . SER A 1 98  ? -1.215  -5.366  11.863  1.00 28.07 ? 98  SER A O   1 
ATOM   800  C CB  . SER A 1 98  ? 0.101   -2.421  11.245  1.00 23.20 ? 98  SER A CB  1 
ATOM   801  O OG  . SER A 1 98  ? -1.077  -1.874  11.810  1.00 24.31 ? 98  SER A OG  1 
ATOM   802  N N   . ASN A 1 99  ? -1.198  -3.937  13.608  1.00 27.02 ? 99  ASN A N   1 
ATOM   803  C CA  . ASN A 1 99  ? -2.380  -4.479  14.216  1.00 29.75 ? 99  ASN A CA  1 
ATOM   804  C C   . ASN A 1 99  ? -3.562  -3.530  14.052  1.00 34.41 ? 99  ASN A C   1 
ATOM   805  O O   . ASN A 1 99  ? -4.557  -3.668  14.685  1.00 31.91 ? 99  ASN A O   1 
ATOM   806  C CB  . ASN A 1 99  ? -2.151  -4.953  15.636  1.00 42.04 ? 99  ASN A CB  1 
ATOM   807  C CG  . ASN A 1 99  ? -1.994  -3.853  16.571  1.00 42.82 ? 99  ASN A CG  1 
ATOM   808  O OD1 . ASN A 1 99  ? -2.015  -2.709  16.196  1.00 46.24 ? 99  ASN A OD1 1 
ATOM   809  N ND2 . ASN A 1 99  ? -1.798  -4.189  17.822  1.00 49.64 ? 99  ASN A ND2 1 
ATOM   810  N N   . THR A 1 100 ? -3.446  -2.593  13.135  1.00 26.25 ? 100 THR A N   1 
ATOM   811  C CA  . THR A 1 100 ? -4.531  -1.697  12.862  1.00 24.83 ? 100 THR A CA  1 
ATOM   812  C C   . THR A 1 100 ? -5.169  -1.996  11.482  1.00 23.73 ? 100 THR A C   1 
ATOM   813  O O   . THR A 1 100 ? -6.252  -1.633  11.250  1.00 24.92 ? 100 THR A O   1 
ATOM   814  C CB  . THR A 1 100 ? -4.084  -0.245  12.873  1.00 24.78 ? 100 THR A CB  1 
ATOM   815  O OG1 . THR A 1 100 ? -3.221  -0.009  11.766  1.00 25.18 ? 100 THR A OG1 1 
ATOM   816  C CG2 . THR A 1 100 ? -3.368  0.074   14.144  1.00 26.90 ? 100 THR A CG2 1 
ATOM   817  N N   . ARG A 1 101 ? -4.412  -2.632  10.624  1.00 23.52 ? 101 ARG A N   1 
ATOM   818  C CA  . ARG A 1 101 ? -4.796  -3.076  9.250   1.00 23.05 ? 101 ARG A CA  1 
ATOM   819  C C   . ARG A 1 101 ? -5.025  -1.859  8.378   1.00 23.22 ? 101 ARG A C   1 
ATOM   820  O O   . ARG A 1 101 ? -5.691  -1.988  7.334   1.00 22.46 ? 101 ARG A O   1 
ATOM   821  C CB  . ARG A 1 101 ? -5.997  -4.019  9.315   1.00 23.24 ? 101 ARG A CB  1 
ATOM   822  C CG  . ARG A 1 101 ? -5.688  -5.282  10.095  1.00 24.78 ? 101 ARG A CG  1 
ATOM   823  C CD  . ARG A 1 101 ? -6.953  -6.181  10.221  1.00 24.91 ? 101 ARG A CD  1 
ATOM   824  N NE  . ARG A 1 101 ? -7.273  -6.799  8.990   1.00 22.89 ? 101 ARG A NE  1 
ATOM   825  C CZ  . ARG A 1 101 ? -8.167  -7.789  8.794   1.00 23.56 ? 101 ARG A CZ  1 
ATOM   826  N NH1 . ARG A 1 101 ? -8.797  -8.359  9.865   1.00 25.71 ? 101 ARG A NH1 1 
ATOM   827  N NH2 . ARG A 1 101 ? -8.402  -8.232  7.589   1.00 22.05 ? 101 ARG A NH2 1 
ATOM   828  N N   . LEU A 1 102 ? -4.444  -0.719  8.710   1.00 20.74 ? 102 LEU A N   1 
ATOM   829  C CA  . LEU A 1 102 ? -4.492  0.500   7.860   1.00 19.09 ? 102 LEU A CA  1 
ATOM   830  C C   . LEU A 1 102 ? -3.232  0.674   7.057   1.00 22.45 ? 102 LEU A C   1 
ATOM   831  O O   . LEU A 1 102 ? -2.125  0.508   7.601   1.00 21.86 ? 102 LEU A O   1 
ATOM   832  C CB  . LEU A 1 102 ? -4.755  1.706   8.697   1.00 21.77 ? 102 LEU A CB  1 
ATOM   833  C CG  . LEU A 1 102 ? -6.056  1.728   9.510   1.00 24.54 ? 102 LEU A CG  1 
ATOM   834  C CD1 . LEU A 1 102 ? -6.223  2.942   10.426  1.00 28.35 ? 102 LEU A CD1 1 
ATOM   835  C CD2 . LEU A 1 102 ? -7.346  1.407   8.795   1.00 30.67 ? 102 LEU A CD2 1 
ATOM   836  N N   . VAL A 1 103 ? -3.356  0.964   5.748   1.00 20.59 ? 103 VAL A N   1 
ATOM   837  C CA  . VAL A 1 103 ? -2.218  1.100   4.817   1.00 20.59 ? 103 VAL A CA  1 
ATOM   838  C C   . VAL A 1 103 ? -2.323  2.484   4.198   1.00 20.82 ? 103 VAL A C   1 
ATOM   839  O O   . VAL A 1 103 ? -3.465  2.932   3.906   1.00 22.97 ? 103 VAL A O   1 
ATOM   840  C CB  . VAL A 1 103 ? -2.312  0.025   3.714   1.00 23.28 ? 103 VAL A CB  1 
ATOM   841  C CG1 . VAL A 1 103 ? -1.244  0.093   2.656   1.00 26.54 ? 103 VAL A CG1 1 
ATOM   842  C CG2 . VAL A 1 103 ? -2.163  -1.351  4.434   1.00 24.59 ? 103 VAL A CG2 1 
ATOM   843  N N   . GLY A 1 104 ? -1.241  3.209   4.032   1.00 18.02 ? 104 GLY A N   1 
ATOM   844  C CA  . GLY A 1 104 ? -1.286  4.541   3.480   1.00 17.93 ? 104 GLY A CA  1 
ATOM   845  C C   . GLY A 1 104 ? -0.466  4.750   2.273   1.00 18.04 ? 104 GLY A C   1 
ATOM   846  O O   . GLY A 1 104 ? 0.631   4.201   2.112   1.00 20.32 ? 104 GLY A O   1 
ATOM   847  N N   . ILE A 1 105 ? -0.940  5.613   1.361   1.00 17.37 ? 105 ILE A N   1 
ATOM   848  C CA  . ILE A 1 105 ? -0.180  5.985   0.141   1.00 18.02 ? 105 ILE A CA  1 
ATOM   849  C C   . ILE A 1 105 ? -0.396  7.466   -0.133  1.00 18.72 ? 105 ILE A C   1 
ATOM   850  O O   . ILE A 1 105 ? -1.534  7.981   -0.088  1.00 18.85 ? 105 ILE A O   1 
ATOM   851  C CB  . ILE A 1 105 ? -0.569  5.206   -1.075  1.00 21.00 ? 105 ILE A CB  1 
ATOM   852  C CG1 . ILE A 1 105 ? 0.349   5.464   -2.260  1.00 19.85 ? 105 ILE A CG1 1 
ATOM   853  C CG2 . ILE A 1 105 ? -1.945  5.207   -1.434  1.00 26.29 ? 105 ILE A CG2 1 
ATOM   854  C CD1 . ILE A 1 105 ? 0.566   4.254   -3.182  1.00 29.67 ? 105 ILE A CD1 1 
ATOM   855  N N   . LEU A 1 106 ? 0.679   8.161   -0.483  1.00 17.37 ? 106 LEU A N   1 
ATOM   856  C CA  . LEU A 1 106 ? 0.641   9.622   -0.796  1.00 18.45 ? 106 LEU A CA  1 
ATOM   857  C C   . LEU A 1 106 ? 1.485   9.894   -2.013  1.00 18.17 ? 106 LEU A C   1 
ATOM   858  O O   . LEU A 1 106 ? 2.637   9.423   -2.149  1.00 18.53 ? 106 LEU A O   1 
ATOM   859  C CB  . LEU A 1 106 ? 1.276   10.367  0.378   1.00 18.16 ? 106 LEU A CB  1 
ATOM   860  C CG  . LEU A 1 106 ? 1.684   11.832  0.136   1.00 19.09 ? 106 LEU A CG  1 
ATOM   861  C CD1 . LEU A 1 106 ? 0.419   12.752  0.026   1.00 21.20 ? 106 LEU A CD1 1 
ATOM   862  C CD2 . LEU A 1 106 ? 2.565   12.296  1.268   1.00 20.87 ? 106 LEU A CD2 1 
ATOM   863  N N   . LYS A 1 107 ? 1.058   10.762  -2.814  1.00 18.24 ? 107 LYS A N   1 
ATOM   864  C CA  . LYS A 1 107 ? 1.773   11.209  -4.010  1.00 18.58 ? 107 LYS A CA  1 
ATOM   865  C C   . LYS A 1 107 ? 2.195   12.650  -3.703  1.00 20.15 ? 107 LYS A C   1 
ATOM   866  O O   . LYS A 1 107 ? 1.331   13.494  -3.471  1.00 22.30 ? 107 LYS A O   1 
ATOM   867  C CB  . LYS A 1 107 ? 0.866   11.163  -5.237  1.00 20.29 ? 107 LYS A CB  1 
ATOM   868  C CG  . LYS A 1 107 ? 0.499   9.757   -5.684  1.00 22.11 ? 107 LYS A CG  1 
ATOM   869  C CD  . LYS A 1 107 ? -0.518  9.787   -6.814  1.00 32.09 ? 107 LYS A CD  1 
ATOM   870  C CE  . LYS A 1 107 ? 0.066   10.420  -8.067  1.00 35.16 ? 107 LYS A CE  1 
ATOM   871  N NZ  . LYS A 1 107 ? -0.877  10.347  -9.216  1.00 22.98 ? 107 LYS A NZ  1 
ATOM   872  N N   . TYR A 1 108 ? 3.483   12.954  -3.692  1.00 18.67 ? 108 TYR A N   1 
ATOM   873  C CA  . TYR A 1 108 ? 3.862   14.327  -3.393  1.00 21.19 ? 108 TYR A CA  1 
ATOM   874  C C   . TYR A 1 108 ? 5.332   14.612  -3.615  1.00 25.84 ? 108 TYR A C   1 
ATOM   875  O O   . TYR A 1 108 ? 6.192   13.798  -3.275  1.00 21.85 ? 108 TYR A O   1 
ATOM   876  C CB  . TYR A 1 108 ? 3.476   14.682  -1.954  1.00 22.22 ? 108 TYR A CB  1 
ATOM   877  C CG  . TYR A 1 108 ? 4.204   15.889  -1.405  1.00 29.34 ? 108 TYR A CG  1 
ATOM   878  C CD1 . TYR A 1 108 ? 3.666   17.163  -1.527  1.00 30.57 ? 108 TYR A CD1 1 
ATOM   879  C CD2 . TYR A 1 108 ? 5.428   15.753  -0.765  1.00 32.81 ? 108 TYR A CD2 1 
ATOM   880  C CE1 . TYR A 1 108 ? 4.328   18.269  -1.026  1.00 33.26 ? 108 TYR A CE1 1 
ATOM   881  C CE2 . TYR A 1 108 ? 6.097   16.852  -0.261  1.00 36.29 ? 108 TYR A CE2 1 
ATOM   882  C CZ  . TYR A 1 108 ? 5.543   18.107  -0.395  1.00 38.18 ? 108 TYR A CZ  1 
ATOM   883  O OH  . TYR A 1 108 ? 6.205   19.204  0.106   1.00 46.36 ? 108 TYR A OH  1 
ATOM   884  N N   . GLY A 1 109 ? 5.637   15.765  -4.164  1.00 24.46 ? 109 GLY A N   1 
ATOM   885  C CA  . GLY A 1 109 ? 7.025   16.067  -4.359  1.00 24.18 ? 109 GLY A CA  1 
ATOM   886  C C   . GLY A 1 109 ? 7.648   15.167  -5.387  1.00 22.78 ? 109 GLY A C   1 
ATOM   887  O O   . GLY A 1 109 ? 8.810   14.956  -5.268  1.00 24.81 ? 109 GLY A O   1 
ATOM   888  N N   . GLY A 1 110 ? 6.827   14.510  -6.207  1.00 22.42 ? 110 GLY A N   1 
ATOM   889  C CA  . GLY A 1 110 ? 7.265   13.765  -7.373  1.00 22.63 ? 110 GLY A CA  1 
ATOM   890  C C   . GLY A 1 110 ? 7.636   12.333  -7.041  1.00 21.34 ? 110 GLY A C   1 
ATOM   891  O O   . GLY A 1 110 ? 8.121   11.593  -7.896  1.00 22.71 ? 110 GLY A O   1 
ATOM   892  N N   . ARG A 1 111 ? 7.405   11.944  -5.792  1.00 21.42 ? 111 ARG A N   1 
ATOM   893  C CA  . ARG A 1 111 ? 7.715   10.591  -5.341  1.00 20.09 ? 111 ARG A CA  1 
ATOM   894  C C   . ARG A 1 111 ? 6.588   10.024  -4.485  1.00 19.58 ? 111 ARG A C   1 
ATOM   895  O O   . ARG A 1 111 ? 5.866   10.768  -3.819  1.00 19.11 ? 111 ARG A O   1 
ATOM   896  C CB  . ARG A 1 111 ? 9.029   10.576  -4.558  1.00 20.76 ? 111 ARG A CB  1 
ATOM   897  C CG  . ARG A 1 111 ? 9.592   11.957  -4.264  1.00 21.73 ? 111 ARG A CG  1 
ATOM   898  C CD  . ARG A 1 111 ? 10.713  11.890  -3.239  1.00 22.81 ? 111 ARG A CD  1 
ATOM   899  N NE  . ARG A 1 111 ? 11.969  12.412  -3.768  1.00 25.20 ? 111 ARG A NE  1 
ATOM   900  C CZ  . ARG A 1 111 ? 12.378  13.668  -3.619  1.00 29.23 ? 111 ARG A CZ  1 
ATOM   901  N NH1 . ARG A 1 111 ? 13.538  14.055  -4.134  1.00 30.72 ? 111 ARG A NH1 1 
ATOM   902  N NH2 . ARG A 1 111 ? 11.628  14.537  -2.955  1.00 30.51 ? 111 ARG A NH2 1 
ATOM   903  N N   . ILE A 1 112 ? 6.442   8.704   -4.507  1.00 18.98 ? 112 ILE A N   1 
ATOM   904  C CA  . ILE A 1 112 ? 5.402   8.035   -3.733  1.00 18.68 ? 112 ILE A CA  1 
ATOM   905  C C   . ILE A 1 112 ? 5.854   7.794   -2.297  1.00 17.51 ? 112 ILE A C   1 
ATOM   906  O O   . ILE A 1 112 ? 6.985   7.372   -2.054  1.00 19.24 ? 112 ILE A O   1 
ATOM   907  C CB  . ILE A 1 112 ? 5.003   6.690   -4.367  1.00 18.56 ? 112 ILE A CB  1 
ATOM   908  C CG1 . ILE A 1 112 ? 4.418   6.913   -5.764  1.00 18.69 ? 112 ILE A CG1 1 
ATOM   909  C CG2 . ILE A 1 112 ? 4.011   5.956   -3.480  1.00 20.27 ? 112 ILE A CG2 1 
ATOM   910  C CD1 . ILE A 1 112 ? 2.980   7.384   -5.756  1.00 21.65 ? 112 ILE A CD1 1 
ATOM   911  N N   . TRP A 1 113 ? 4.964   8.068   -1.348  1.00 17.41 ? 113 TRP A N   1 
ATOM   912  C CA  . TRP A 1 113 ? 5.268   7.883   0.052   1.00 16.52 ? 113 TRP A CA  1 
ATOM   913  C C   . TRP A 1 113 ? 4.327   6.818   0.589   1.00 16.80 ? 113 TRP A C   1 
ATOM   914  O O   . TRP A 1 113 ? 3.116   6.868   0.345   1.00 17.32 ? 113 TRP A O   1 
ATOM   915  C CB  . TRP A 1 113 ? 5.146   9.189   0.845   1.00 19.42 ? 113 TRP A CB  1 
ATOM   916  C CG  . TRP A 1 113 ? 6.109   10.236  0.475   1.00 18.99 ? 113 TRP A CG  1 
ATOM   917  C CD1 . TRP A 1 113 ? 6.032   11.090  -0.646  1.00 20.75 ? 113 TRP A CD1 1 
ATOM   918  C CD2 . TRP A 1 113 ? 7.352   10.462  1.088   1.00 19.39 ? 113 TRP A CD2 1 
ATOM   919  N NE1 . TRP A 1 113 ? 7.171   11.861  -0.645  1.00 21.79 ? 113 TRP A NE1 1 
ATOM   920  C CE2 . TRP A 1 113 ? 7.973   11.519  0.378   1.00 20.59 ? 113 TRP A CE2 1 
ATOM   921  C CE3 . TRP A 1 113 ? 7.984   9.942   2.218   1.00 20.31 ? 113 TRP A CE3 1 
ATOM   922  C CZ2 . TRP A 1 113 ? 9.233   12.019  0.760   1.00 21.01 ? 113 TRP A CZ2 1 
ATOM   923  C CZ3 . TRP A 1 113 ? 9.260   10.486  2.627   1.00 21.97 ? 113 TRP A CZ3 1 
ATOM   924  C CH2 . TRP A 1 113 ? 9.809   11.501  1.858   1.00 22.06 ? 113 TRP A CH2 1 
ATOM   925  N N   . THR A 1 114 ? 4.849   5.899   1.403   1.00 17.50 ? 114 THR A N   1 
ATOM   926  C CA  . THR A 1 114 ? 4.098   4.839   2.067   1.00 17.33 ? 114 THR A CA  1 
ATOM   927  C C   . THR A 1 114 ? 4.644   4.642   3.468   1.00 18.95 ? 114 THR A C   1 
ATOM   928  O O   . THR A 1 114 ? 5.700   5.146   3.808   1.00 19.91 ? 114 THR A O   1 
ATOM   929  C CB  . THR A 1 114 ? 4.177   3.530   1.268   1.00 18.58 ? 114 THR A CB  1 
ATOM   930  O OG1 . THR A 1 114 ? 5.564   3.189   1.104   1.00 20.00 ? 114 THR A OG1 1 
ATOM   931  C CG2 . THR A 1 114 ? 3.511   3.622   -0.101  1.00 18.83 ? 114 THR A CG2 1 
ATOM   932  N N   . PHE A 1 115 ? 3.871   3.980   4.301   1.00 19.73 ? 115 PHE A N   1 
ATOM   933  C CA  . PHE A 1 115 ? 4.340   3.622   5.634   1.00 22.26 ? 115 PHE A CA  1 
ATOM   934  C C   . PHE A 1 115 ? 4.953   2.238   5.682   1.00 24.58 ? 115 PHE A C   1 
ATOM   935  O O   . PHE A 1 115 ? 4.412   1.294   5.106   1.00 23.72 ? 115 PHE A O   1 
ATOM   936  C CB  . PHE A 1 115 ? 3.255   3.676   6.617   1.00 20.44 ? 115 PHE A CB  1 
ATOM   937  C CG  . PHE A 1 115 ? 2.788   5.060   6.984   1.00 21.61 ? 115 PHE A CG  1 
ATOM   938  C CD1 . PHE A 1 115 ? 1.988   5.781   6.207   1.00 22.28 ? 115 PHE A CD1 1 
ATOM   939  C CD2 . PHE A 1 115 ? 3.260   5.703   8.173   1.00 22.98 ? 115 PHE A CD2 1 
ATOM   940  C CE1 . PHE A 1 115 ? 1.601   7.055   6.579   1.00 23.21 ? 115 PHE A CE1 1 
ATOM   941  C CE2 . PHE A 1 115 ? 2.887   6.935   8.528   1.00 24.61 ? 115 PHE A CE2 1 
ATOM   942  C CZ  . PHE A 1 115 ? 2.066   7.671   7.731   1.00 24.05 ? 115 PHE A CZ  1 
ATOM   943  N N   . HIS A 1 116 ? 5.962   2.069   6.520   1.00 24.95 ? 116 HIS A N   1 
ATOM   944  C CA  . HIS A 1 116 ? 6.580   0.777   6.688   1.00 30.08 ? 116 HIS A CA  1 
ATOM   945  C C   . HIS A 1 116 ? 7.040   0.707   8.190   1.00 26.21 ? 116 HIS A C   1 
ATOM   946  O O   . HIS A 1 116 ? 6.800   1.671   8.992   1.00 30.75 ? 116 HIS A O   1 
ATOM   947  C CB  . HIS A 1 116 ? 7.767   0.622   5.780   1.00 36.80 ? 116 HIS A CB  1 
ATOM   948  C CG  . HIS A 1 116 ? 8.859   1.568   6.173   1.00 38.92 ? 116 HIS A CG  1 
ATOM   949  N ND1 . HIS A 1 116 ? 9.738   1.280   7.200   1.00 36.48 ? 116 HIS A ND1 1 
ATOM   950  C CD2 . HIS A 1 116 ? 9.008   2.889   5.940   1.00 42.35 ? 116 HIS A CD2 1 
ATOM   951  C CE1 . HIS A 1 116 ? 10.497  2.345   7.456   1.00 40.95 ? 116 HIS A CE1 1 
ATOM   952  N NE2 . HIS A 1 116 ? 10.069  3.341   6.712   1.00 42.85 ? 116 HIS A NE2 1 
ATOM   953  N N   . GLY A 1 117 ? 7.582   -0.493  8.399   1.00 24.65 ? 117 GLY A N   1 
ATOM   954  C CA  . GLY A 1 117 ? 8.072   -0.793  9.782   1.00 25.92 ? 117 GLY A CA  1 
ATOM   955  C C   . GLY A 1 117 ? 6.964   -1.480  10.562  1.00 26.56 ? 117 GLY A C   1 
ATOM   956  O O   . GLY A 1 117 ? 6.147   -2.186  9.965   1.00 26.07 ? 117 GLY A O   1 
ATOM   957  N N   . GLU A 1 118 ? 6.931   -1.320  11.849  1.00 28.16 ? 118 GLU A N   1 
ATOM   958  C CA  . GLU A 1 118 ? 6.010   -2.149  12.653  1.00 27.13 ? 118 GLU A CA  1 
ATOM   959  C C   . GLU A 1 118 ? 5.293   -1.259  13.518  1.00 24.97 ? 118 GLU A C   1 
ATOM   960  O O   . GLU A 1 118 ? 5.862   -0.396  14.223  1.00 30.90 ? 118 GLU A O   1 
ATOM   961  C CB  . GLU A 1 118 ? 6.801   -3.115  13.518  1.00 30.87 ? 118 GLU A CB  1 
ATOM   962  C CG  . GLU A 1 118 ? 5.812   -3.925  14.362  1.00 32.49 ? 118 GLU A CG  1 
ATOM   963  C CD  . GLU A 1 118 ? 6.406   -5.225  14.891  1.00 41.48 ? 118 GLU A CD  1 
ATOM   964  O OE1 . GLU A 1 118 ? 7.532   -5.651  14.506  1.00 42.46 ? 118 GLU A OE1 1 
ATOM   965  O OE2 . GLU A 1 118 ? 5.706   -5.834  15.710  1.00 38.88 ? 118 GLU A OE2 1 
ATOM   966  N N   . THR A 1 119 ? 3.939   -1.345  13.567  1.00 24.84 ? 119 THR A N   1 
ATOM   967  C CA  . THR A 1 119 ? 3.203   -0.486  14.418  1.00 22.32 ? 119 THR A CA  1 
ATOM   968  C C   . THR A 1 119 ? 3.532   -0.811  15.963  1.00 28.92 ? 119 THR A C   1 
ATOM   969  O O   . THR A 1 119 ? 3.943   -1.911  16.249  1.00 32.95 ? 119 THR A O   1 
ATOM   970  C CB  . THR A 1 119 ? 1.655   -0.638  14.235  1.00 28.16 ? 119 THR A CB  1 
ATOM   971  O OG1 . THR A 1 119 ? 1.260   -1.949  14.535  1.00 28.76 ? 119 THR A OG1 1 
ATOM   972  C CG2 . THR A 1 119 ? 1.233   -0.358  12.725  1.00 26.28 ? 119 THR A CG2 1 
ATOM   973  N N   . PRO A 1 120 ? 3.418   0.136   16.817  1.00 29.03 ? 120 PRO A N   1 
ATOM   974  C CA  . PRO A 1 120 ? 3.052   1.487   16.596  1.00 31.04 ? 120 PRO A CA  1 
ATOM   975  C C   . PRO A 1 120 ? 4.200   2.443   16.168  1.00 24.60 ? 120 PRO A C   1 
ATOM   976  O O   . PRO A 1 120 ? 3.999   3.590   16.354  1.00 30.21 ? 120 PRO A O   1 
ATOM   977  C CB  . PRO A 1 120 ? 2.445   1.907   17.914  1.00 34.23 ? 120 PRO A CB  1 
ATOM   978  C CG  . PRO A 1 120 ? 3.283   1.109   18.908  1.00 31.37 ? 120 PRO A CG  1 
ATOM   979  C CD  . PRO A 1 120 ? 3.884   -0.031  18.235  1.00 29.72 ? 120 PRO A CD  1 
ATOM   980  N N   . ARG A 1 121 ? 5.255   1.985   15.528  1.00 29.37 ? 121 ARG A N   1 
ATOM   981  C CA  . ARG A 1 121 ? 6.332   2.877   15.148  1.00 31.32 ? 121 ARG A CA  1 
ATOM   982  C C   . ARG A 1 121 ? 6.660   2.852   13.645  1.00 29.53 ? 121 ARG A C   1 
ATOM   983  O O   . ARG A 1 121 ? 7.792   2.799   13.189  1.00 30.53 ? 121 ARG A O   1 
ATOM   984  C CB  . ARG A 1 121 ? 7.537   2.544   16.053  1.00 37.24 ? 121 ARG A CB  1 
ATOM   985  C CG  . ARG A 1 121 ? 7.411   3.188   17.449  1.00 44.93 ? 121 ARG A CG  1 
ATOM   986  C CD  . ARG A 1 121 ? 8.602   2.867   18.396  1.00 44.68 ? 121 ARG A CD  1 
ATOM   987  N NE  . ARG A 1 121 ? 8.685   1.422   18.634  1.00 50.23 ? 121 ARG A NE  1 
ATOM   988  C CZ  . ARG A 1 121 ? 7.899   0.767   19.495  1.00 53.91 ? 121 ARG A CZ  1 
ATOM   989  N NH1 . ARG A 1 121 ? 7.011   1.418   20.251  1.00 53.49 ? 121 ARG A NH1 1 
ATOM   990  N NH2 . ARG A 1 121 ? 7.969   -0.548  19.582  1.00 56.22 ? 121 ARG A NH2 1 
ATOM   991  N N   . ALA A 1 122 ? 5.621   2.592   12.858  1.00 28.84 ? 122 ALA A N   1 
ATOM   992  C CA  . ALA A 1 122 ? 5.746   2.690   11.395  1.00 26.27 ? 122 ALA A CA  1 
ATOM   993  C C   . ALA A 1 122 ? 5.969   4.144   10.933  1.00 26.69 ? 122 ALA A C   1 
ATOM   994  O O   . ALA A 1 122 ? 5.432   5.019   11.470  1.00 28.65 ? 122 ALA A O   1 
ATOM   995  C CB  . ALA A 1 122 ? 4.416   2.134   10.801  1.00 26.66 ? 122 ALA A CB  1 
ATOM   996  N N   . THR A 1 123 ? 6.817   4.328   9.925   1.00 25.59 ? 123 THR A N   1 
ATOM   997  C CA  . THR A 1 123 ? 7.062   5.710   9.468   1.00 26.69 ? 123 THR A CA  1 
ATOM   998  C C   . THR A 1 123 ? 7.141   5.636   7.955   1.00 26.84 ? 123 THR A C   1 
ATOM   999  O O   . THR A 1 123 ? 7.217   4.497   7.321   1.00 27.59 ? 123 THR A O   1 
ATOM   1000 C CB  . THR A 1 123 ? 8.372   6.292   10.072  1.00 33.42 ? 123 THR A CB  1 
ATOM   1001 O OG1 . THR A 1 123 ? 9.256   5.242   9.970   1.00 32.59 ? 123 THR A OG1 1 
ATOM   1002 C CG2 . THR A 1 123 ? 8.205   6.639   11.622  1.00 31.07 ? 123 THR A CG2 1 
ATOM   1003 N N   . THR A 1 124 ? 7.216   6.845   7.413   1.00 22.28 ? 124 THR A N   1 
ATOM   1004 C CA  . THR A 1 124 ? 7.117   6.952   5.978   1.00 21.28 ? 124 THR A CA  1 
ATOM   1005 C C   . THR A 1 124 ? 8.416   6.748   5.234   1.00 20.81 ? 124 THR A C   1 
ATOM   1006 O O   . THR A 1 124 ? 9.524   7.027   5.772   1.00 24.22 ? 124 THR A O   1 
ATOM   1007 C CB  . THR A 1 124 ? 6.506   8.246   5.538   1.00 21.02 ? 124 THR A CB  1 
ATOM   1008 O OG1 . THR A 1 124 ? 7.454   9.262   5.883   1.00 23.51 ? 124 THR A OG1 1 
ATOM   1009 C CG2 . THR A 1 124 ? 5.212   8.547   6.189   1.00 21.79 ? 124 THR A CG2 1 
ATOM   1010 N N   . ASP A 1 125 ? 8.375   6.367   4.009   1.00 18.65 ? 125 ASP A N   1 
ATOM   1011 C CA  . ASP A 1 125 ? 9.493   6.250   3.129   1.00 18.58 ? 125 ASP A CA  1 
ATOM   1012 C C   . ASP A 1 125 ? 9.049   6.552   1.705   1.00 19.07 ? 125 ASP A C   1 
ATOM   1013 O O   . ASP A 1 125 ? 7.841   6.413   1.376   1.00 18.69 ? 125 ASP A O   1 
ATOM   1014 C CB  . ASP A 1 125 ? 10.109  4.841   3.172   1.00 19.34 ? 125 ASP A CB  1 
ATOM   1015 C CG  . ASP A 1 125 ? 11.445  4.729   2.477   1.00 21.56 ? 125 ASP A CG  1 
ATOM   1016 O OD1 . ASP A 1 125 ? 12.268  5.640   2.497   1.00 20.35 ? 125 ASP A OD1 1 
ATOM   1017 O OD2 . ASP A 1 125 ? 11.728  3.634   1.834   1.00 20.66 ? 125 ASP A OD2 1 
ATOM   1018 N N   . SER A 1 126 ? 9.971   6.963   0.864   1.00 17.04 ? 126 SER A N   1 
ATOM   1019 C CA  . SER A 1 126 ? 9.660   7.370   -0.486  1.00 18.83 ? 126 SER A CA  1 
ATOM   1020 C C   . SER A 1 126 ? 10.240  6.544   -1.613  1.00 18.22 ? 126 SER A C   1 
ATOM   1021 O O   . SER A 1 126 ? 11.254  5.924   -1.481  1.00 18.55 ? 126 SER A O   1 
ATOM   1022 C CB  . SER A 1 126 ? 10.089  8.836   -0.688  1.00 19.20 ? 126 SER A CB  1 
ATOM   1023 O OG  . SER A 1 126 ? 11.482  8.958   -0.622  1.00 20.87 ? 126 SER A OG  1 
ATOM   1024 N N   . SER A 1 127 ? 9.521   6.557   -2.710  1.00 17.65 ? 127 SER A N   1 
ATOM   1025 C CA  . SER A 1 127 ? 9.896   5.875   -3.926  1.00 18.40 ? 127 SER A CA  1 
ATOM   1026 C C   . SER A 1 127 ? 9.846   6.856   -5.097  1.00 19.70 ? 127 SER A C   1 
ATOM   1027 O O   . SER A 1 127 ? 8.939   7.612   -5.204  1.00 19.74 ? 127 SER A O   1 
ATOM   1028 C CB  . SER A 1 127 ? 8.973   4.693   -4.210  1.00 20.11 ? 127 SER A CB  1 
ATOM   1029 O OG  . SER A 1 127 ? 8.879   3.838   -3.096  1.00 20.75 ? 127 SER A OG  1 
ATOM   1030 N N   . ASN A 1 128 ? 10.858  6.809   -5.933  1.00 20.30 ? 128 ASN A N   1 
ATOM   1031 C CA  . ASN A 1 128 ? 10.964  7.678   -7.077  1.00 20.05 ? 128 ASN A CA  1 
ATOM   1032 C C   . ASN A 1 128 ? 10.251  7.195   -8.340  1.00 20.30 ? 128 ASN A C   1 
ATOM   1033 O O   . ASN A 1 128 ? 9.999   6.058   -8.518  1.00 22.75 ? 128 ASN A O   1 
ATOM   1034 C CB  . ASN A 1 128 ? 12.428  7.964   -7.393  1.00 30.00 ? 128 ASN A CB  1 
ATOM   1035 C CG  . ASN A 1 128 ? 13.102  8.847   -6.369  1.00 30.00 ? 128 ASN A CG  1 
ATOM   1036 O OD1 . ASN A 1 128 ? 14.188  8.563   -5.937  1.00 30.00 ? 128 ASN A OD1 1 
ATOM   1037 N ND2 . ASN A 1 128 ? 12.497  9.901   -6.033  1.00 30.00 ? 128 ASN A ND2 1 
ATOM   1038 N N   . THR A 1 129 ? 9.904   8.143   -9.179  1.00 21.29 ? 129 THR A N   1 
ATOM   1039 C CA  . THR A 1 129 ? 9.285   7.871   -10.448 1.00 20.59 ? 129 THR A CA  1 
ATOM   1040 C C   . THR A 1 129 ? 9.504   9.049   -11.418 1.00 23.05 ? 129 THR A C   1 
ATOM   1041 O O   . THR A 1 129 ? 9.641   10.128  -10.994 1.00 25.16 ? 129 THR A O   1 
ATOM   1042 C CB  . THR A 1 129 ? 7.772   7.602   -10.303 1.00 30.00 ? 129 THR A CB  1 
ATOM   1043 O OG1 . THR A 1 129 ? 7.199   7.419   -11.582 1.00 30.00 ? 129 THR A OG1 1 
ATOM   1044 C CG2 . THR A 1 129 ? 7.079   8.735   -9.632  1.00 30.00 ? 129 THR A CG2 1 
ATOM   1045 N N   . ALA A 1 130 ? 9.506   8.771   -12.701 1.00 22.56 ? 130 ALA A N   1 
ATOM   1046 C CA  . ALA A 1 130 ? 9.595   9.793   -13.727 1.00 24.86 ? 130 ALA A CA  1 
ATOM   1047 C C   . ALA A 1 130 ? 8.206   10.252  -14.173 1.00 27.74 ? 130 ALA A C   1 
ATOM   1048 O O   . ALA A 1 130 ? 8.081   11.147  -14.949 1.00 27.43 ? 130 ALA A O   1 
ATOM   1049 C CB  . ALA A 1 130 ? 10.373  9.271   -14.911 1.00 30.00 ? 130 ALA A CB  1 
ATOM   1050 N N   . ASN A 1 131 ? 7.169   9.589   -13.687 1.00 23.11 ? 131 ASN A N   1 
ATOM   1051 C CA  . ASN A 1 131 ? 5.798   9.927   -14.023 1.00 24.86 ? 131 ASN A CA  1 
ATOM   1052 C C   . ASN A 1 131 ? 4.831   9.742   -12.861 1.00 22.20 ? 131 ASN A C   1 
ATOM   1053 O O   . ASN A 1 131 ? 4.093   8.809   -12.817 1.00 21.81 ? 131 ASN A O   1 
ATOM   1054 C CB  . ASN A 1 131 ? 5.304   9.181   -15.243 1.00 30.00 ? 131 ASN A CB  1 
ATOM   1055 C CG  . ASN A 1 131 ? 3.901   9.573   -15.629 1.00 30.00 ? 131 ASN A CG  1 
ATOM   1056 O OD1 . ASN A 1 131 ? 3.393   10.565  -15.201 1.00 30.00 ? 131 ASN A OD1 1 
ATOM   1057 N ND2 . ASN A 1 131 ? 3.302   8.787   -16.452 1.00 30.00 ? 131 ASN A ND2 1 
ATOM   1058 N N   . LEU A 1 132 ? 4.893   10.651  -11.928 1.00 21.09 ? 132 LEU A N   1 
ATOM   1059 C CA  . LEU A 1 132 ? 4.037   10.609  -10.775 1.00 20.04 ? 132 LEU A CA  1 
ATOM   1060 C C   . LEU A 1 132 ? 2.573   10.787  -11.099 1.00 22.43 ? 132 LEU A C   1 
ATOM   1061 O O   . LEU A 1 132 ? 1.753   10.116  -10.591 1.00 20.83 ? 132 LEU A O   1 
ATOM   1062 C CB  . LEU A 1 132 ? 4.464   11.671  -9.781  1.00 21.50 ? 132 LEU A CB  1 
ATOM   1063 C CG  . LEU A 1 132 ? 3.771   11.667  -8.435  1.00 21.24 ? 132 LEU A CG  1 
ATOM   1064 C CD1 . LEU A 1 132 ? 4.034   10.410  -7.610  1.00 21.42 ? 132 LEU A CD1 1 
ATOM   1065 C CD2 . LEU A 1 132 ? 4.077   12.919  -7.660  1.00 24.55 ? 132 LEU A CD2 1 
ATOM   1066 N N   . ASN A 1 133 ? 2.289   11.672  -12.021 1.00 22.06 ? 133 ASN A N   1 
ATOM   1067 C CA  . ASN A 1 133 ? 0.924   12.018  -12.283 1.00 22.11 ? 133 ASN A CA  1 
ATOM   1068 C C   . ASN A 1 133 ? 0.184   10.846  -12.862 1.00 21.19 ? 133 ASN A C   1 
ATOM   1069 O O   . ASN A 1 133 ? -1.023  10.686  -12.640 1.00 23.60 ? 133 ASN A O   1 
ATOM   1070 C CB  . ASN A 1 133 ? 0.878   13.239  -13.283 1.00 25.63 ? 133 ASN A CB  1 
ATOM   1071 C CG  . ASN A 1 133 ? 1.359   14.529  -12.600 1.00 33.86 ? 133 ASN A CG  1 
ATOM   1072 O OD1 . ASN A 1 133 ? 1.417   14.694  -11.314 1.00 31.89 ? 133 ASN A OD1 1 
ATOM   1073 N ND2 . ASN A 1 133 ? 1.792   15.477  -13.483 1.00 33.94 ? 133 ASN A ND2 1 
ATOM   1074 N N   . GLY A 1 134 ? 0.852   9.996   -13.598 1.00 20.70 ? 134 GLY A N   1 
ATOM   1075 C CA  . GLY A 1 134 ? 0.262   8.875   -14.203 1.00 21.85 ? 134 GLY A CA  1 
ATOM   1076 C C   . GLY A 1 134 ? 0.003   7.656   -13.335 1.00 20.24 ? 134 GLY A C   1 
ATOM   1077 O O   . GLY A 1 134 ? -0.504  6.703   -13.843 1.00 21.06 ? 134 GLY A O   1 
ATOM   1078 N N   . ILE A 1 135 ? 0.416   7.731   -12.109 1.00 19.75 ? 135 ILE A N   1 
ATOM   1079 C CA  . ILE A 1 135 ? 0.240   6.571   -11.231 1.00 18.55 ? 135 ILE A CA  1 
ATOM   1080 C C   . ILE A 1 135 ? -1.236  6.541   -10.773 1.00 17.97 ? 135 ILE A C   1 
ATOM   1081 O O   . ILE A 1 135 ? -1.660  7.470   -10.049 1.00 18.33 ? 135 ILE A O   1 
ATOM   1082 C CB  . ILE A 1 135 ? 1.225   6.625   -10.085 1.00 19.15 ? 135 ILE A CB  1 
ATOM   1083 C CG1 . ILE A 1 135 ? 2.626   6.457   -10.563 1.00 19.11 ? 135 ILE A CG1 1 
ATOM   1084 C CG2 . ILE A 1 135 ? 0.838   5.470   -9.075  1.00 18.45 ? 135 ILE A CG2 1 
ATOM   1085 C CD1 . ILE A 1 135 ? 3.703   6.646   -9.514  1.00 20.55 ? 135 ILE A CD1 1 
ATOM   1086 N N   . SER A 1 136 ? -1.972  5.527   -11.132 1.00 17.60 ? 136 SER A N   1 
ATOM   1087 C CA  . SER A 1 136 ? -3.317  5.316   -10.694 1.00 17.91 ? 136 SER A CA  1 
ATOM   1088 C C   . SER A 1 136 ? -3.378  4.239   -9.613  1.00 18.59 ? 136 SER A C   1 
ATOM   1089 O O   . SER A 1 136 ? -2.305  3.622   -9.347  1.00 21.00 ? 136 SER A O   1 
ATOM   1090 C CB  . SER A 1 136 ? -4.118  4.933   -11.888 1.00 19.35 ? 136 SER A CB  1 
ATOM   1091 O OG  . SER A 1 136 ? -3.714  3.699   -12.352 1.00 25.09 ? 136 SER A OG  1 
ATOM   1092 N N   . ILE A 1 137 ? -4.493  4.085   -8.968  1.00 17.46 ? 137 ILE A N   1 
ATOM   1093 C CA  . ILE A 1 137 ? -4.615  3.110   -7.863  1.00 17.61 ? 137 ILE A CA  1 
ATOM   1094 C C   . ILE A 1 137 ? -5.930  2.416   -7.899  1.00 17.34 ? 137 ILE A C   1 
ATOM   1095 O O   . ILE A 1 137 ? -7.028  3.043   -8.094  1.00 18.14 ? 137 ILE A O   1 
ATOM   1096 C CB  . ILE A 1 137 ? -4.328  3.761   -6.582  1.00 18.06 ? 137 ILE A CB  1 
ATOM   1097 C CG1 . ILE A 1 137 ? -4.127  2.657   -5.475  1.00 18.57 ? 137 ILE A CG1 1 
ATOM   1098 C CG2 . ILE A 1 137 ? -5.329  4.767   -6.189  1.00 20.77 ? 137 ILE A CG2 1 
ATOM   1099 C CD1 . ILE A 1 137 ? -3.653  3.165   -4.142  1.00 23.03 ? 137 ILE A CD1 1 
ATOM   1100 N N   . THR A 1 138 ? -5.904  1.075   -7.826  1.00 18.22 ? 138 THR A N   1 
ATOM   1101 C CA  . THR A 1 138 ? -7.095  0.256   -7.633  1.00 17.87 ? 138 THR A CA  1 
ATOM   1102 C C   . THR A 1 138 ? -7.141  -0.165  -6.210  1.00 17.42 ? 138 THR A C   1 
ATOM   1103 O O   . THR A 1 138 ? -6.183  -0.885  -5.804  1.00 18.05 ? 138 THR A O   1 
ATOM   1104 C CB  . THR A 1 138 ? -7.104  -0.904  -8.556  1.00 19.48 ? 138 THR A CB  1 
ATOM   1105 O OG1 . THR A 1 138 ? -7.166  -0.439  -9.930  1.00 21.75 ? 138 THR A OG1 1 
ATOM   1106 C CG2 . THR A 1 138 ? -8.243  -1.892  -8.302  1.00 19.70 ? 138 THR A CG2 1 
ATOM   1107 N N   . ILE A 1 139 ? -8.124  0.208   -5.449  1.00 16.58 ? 139 ILE A N   1 
ATOM   1108 C CA  . ILE A 1 139 ? -8.210  0.007   -3.989  1.00 16.70 ? 139 ILE A CA  1 
ATOM   1109 C C   . ILE A 1 139 ? -9.270  -1.041  -3.749  1.00 18.98 ? 139 ILE A C   1 
ATOM   1110 O O   . ILE A 1 139 ? -10.381 -0.954  -4.222  1.00 18.44 ? 139 ILE A O   1 
ATOM   1111 C CB  . ILE A 1 139 ? -8.538  1.315   -3.269  1.00 18.05 ? 139 ILE A CB  1 
ATOM   1112 C CG1 . ILE A 1 139 ? -7.472  2.388   -3.609  1.00 19.33 ? 139 ILE A CG1 1 
ATOM   1113 C CG2 . ILE A 1 139 ? -8.623  1.037   -1.798  1.00 20.80 ? 139 ILE A CG2 1 
ATOM   1114 C CD1 . ILE A 1 139 ? -7.798  3.824   -3.192  1.00 21.37 ? 139 ILE A CD1 1 
ATOM   1115 N N   . HIS A 1 140 ? -8.889  -2.051  -2.998  1.00 17.77 ? 140 HIS A N   1 
ATOM   1116 C CA  . HIS A 1 140 ? -9.745  -3.174  -2.787  1.00 18.29 ? 140 HIS A CA  1 
ATOM   1117 C C   . HIS A 1 140 ? -10.569 -3.101  -1.487  1.00 19.36 ? 140 HIS A C   1 
ATOM   1118 O O   . HIS A 1 140 ? -11.330 -4.032  -1.339  1.00 21.85 ? 140 HIS A O   1 
ATOM   1119 C CB  . HIS A 1 140 ? -8.899  -4.482  -2.812  1.00 19.58 ? 140 HIS A CB  1 
ATOM   1120 C CG  . HIS A 1 140 ? -8.243  -4.797  -4.133  1.00 19.16 ? 140 HIS A CG  1 
ATOM   1121 N ND1 . HIS A 1 140 ? -8.258  -6.053  -4.677  1.00 22.17 ? 140 HIS A ND1 1 
ATOM   1122 C CD2 . HIS A 1 140 ? -7.522  -4.042  -4.985  1.00 21.58 ? 140 HIS A CD2 1 
ATOM   1123 C CE1 . HIS A 1 140 ? -7.614  -6.053  -5.819  1.00 22.19 ? 140 HIS A CE1 1 
ATOM   1124 N NE2 . HIS A 1 140 ? -7.153  -4.842  -6.029  1.00 21.78 ? 140 HIS A NE2 1 
ATOM   1125 N N   . SER A 1 141 ? -10.539 -1.966  -0.718  1.00 21.10 ? 141 SER A N   1 
ATOM   1126 C CA  . SER A 1 141 ? -11.094 -1.831  0.626   1.00 20.80 ? 141 SER A CA  1 
ATOM   1127 C C   . SER A 1 141 ? -11.565 -0.407  0.898   1.00 19.58 ? 141 SER A C   1 
ATOM   1128 O O   . SER A 1 141 ? -11.138 0.533   0.228   1.00 21.57 ? 141 SER A O   1 
ATOM   1129 C CB  . SER A 1 141 ? -10.060 -2.241  1.678   1.00 23.31 ? 141 SER A CB  1 
ATOM   1130 O OG  . SER A 1 141 ? -10.168 -3.618  1.990   1.00 25.84 ? 141 SER A OG  1 
ATOM   1131 N N   . GLU A 1 142 ? -12.450 -0.256  1.879   1.00 19.09 ? 142 GLU A N   1 
ATOM   1132 C CA  . GLU A 1 142 ? -12.960 1.058   2.249   1.00 20.30 ? 142 GLU A CA  1 
ATOM   1133 C C   . GLU A 1 142 ? -11.775 1.940   2.610   1.00 18.52 ? 142 GLU A C   1 
ATOM   1134 O O   . GLU A 1 142 ? -10.915 1.541   3.394   1.00 19.77 ? 142 GLU A O   1 
ATOM   1135 C CB  . GLU A 1 142 ? -13.923 0.951   3.432   1.00 21.67 ? 142 GLU A CB  1 
ATOM   1136 C CG  . GLU A 1 142 ? -15.265 0.327   3.085   1.00 24.34 ? 142 GLU A CG  1 
ATOM   1137 C CD  . GLU A 1 142 ? -16.382 0.811   3.988   1.00 25.84 ? 142 GLU A CD  1 
ATOM   1138 O OE1 . GLU A 1 142 ? -16.080 1.396   5.049   1.00 30.76 ? 142 GLU A OE1 1 
ATOM   1139 O OE2 . GLU A 1 142 ? -17.564 0.606   3.638   1.00 30.37 ? 142 GLU A OE2 1 
ATOM   1140 N N   . PHE A 1 143 ? -11.725 3.139   2.040   1.00 19.33 ? 143 PHE A N   1 
ATOM   1141 C CA  . PHE A 1 143 ? -10.613 4.028   2.299   1.00 18.85 ? 143 PHE A CA  1 
ATOM   1142 C C   . PHE A 1 143 ? -11.036 5.407   2.600   1.00 20.00 ? 143 PHE A C   1 
ATOM   1143 O O   . PHE A 1 143 ? -12.189 5.812   2.368   1.00 19.41 ? 143 PHE A O   1 
ATOM   1144 C CB  . PHE A 1 143 ? -9.653  4.037   1.086   1.00 18.38 ? 143 PHE A CB  1 
ATOM   1145 C CG  . PHE A 1 143 ? -10.213 4.629   -0.197  1.00 18.00 ? 143 PHE A CG  1 
ATOM   1146 C CD1 . PHE A 1 143 ? -11.016 3.866   -1.023  1.00 19.21 ? 143 PHE A CD1 1 
ATOM   1147 C CD2 . PHE A 1 143 ? -9.910  5.940   -0.558  1.00 19.16 ? 143 PHE A CD2 1 
ATOM   1148 C CE1 . PHE A 1 143 ? -11.533 4.390   -2.229  1.00 18.85 ? 143 PHE A CE1 1 
ATOM   1149 C CE2 . PHE A 1 143 ? -10.454 6.448   -1.733  1.00 19.22 ? 143 PHE A CE2 1 
ATOM   1150 C CZ  . PHE A 1 143 ? -11.208 5.698   -2.552  1.00 19.31 ? 143 PHE A CZ  1 
ATOM   1151 N N   . TYR A 1 144 ? -10.080 6.172   3.106   1.00 18.97 ? 144 TYR A N   1 
ATOM   1152 C CA  . TYR A 1 144 ? -10.265 7.534   3.515   1.00 19.57 ? 144 TYR A CA  1 
ATOM   1153 C C   . TYR A 1 144 ? -9.218  8.393   2.882   1.00 19.85 ? 144 TYR A C   1 
ATOM   1154 O O   . TYR A 1 144 ? -8.198  7.900   2.341   1.00 19.52 ? 144 TYR A O   1 
ATOM   1155 C CB  . TYR A 1 144 ? -10.128 7.667   5.047   1.00 21.77 ? 144 TYR A CB  1 
ATOM   1156 C CG  . TYR A 1 144 ? -11.085 6.815   5.865   1.00 21.91 ? 144 TYR A CG  1 
ATOM   1157 C CD1 . TYR A 1 144 ? -10.800 5.493   6.046   1.00 23.88 ? 144 TYR A CD1 1 
ATOM   1158 C CD2 . TYR A 1 144 ? -12.233 7.354   6.374   1.00 22.44 ? 144 TYR A CD2 1 
ATOM   1159 C CE1 . TYR A 1 144 ? -11.677 4.677   6.735   1.00 30.32 ? 144 TYR A CE1 1 
ATOM   1160 C CE2 . TYR A 1 144 ? -13.114 6.554   7.134   1.00 25.19 ? 144 TYR A CE2 1 
ATOM   1161 C CZ  . TYR A 1 144 ? -12.806 5.229   7.252   1.00 26.25 ? 144 TYR A CZ  1 
ATOM   1162 O OH  . TYR A 1 144 ? -13.717 4.458   7.916   1.00 30.53 ? 144 TYR A OH  1 
ATOM   1163 N N   . ILE A 1 145 ? -9.483  9.694   2.863   1.00 20.46 ? 145 ILE A N   1 
ATOM   1164 C CA  . ILE A 1 145 ? -8.531  10.674  2.344   1.00 20.93 ? 145 ILE A CA  1 
ATOM   1165 C C   . ILE A 1 145 ? -8.222  11.695  3.384   1.00 22.29 ? 145 ILE A C   1 
ATOM   1166 O O   . ILE A 1 145 ? -9.160  12.121  4.088   1.00 24.60 ? 145 ILE A O   1 
ATOM   1167 C CB  . ILE A 1 145 ? -9.092  11.382  1.159   1.00 24.41 ? 145 ILE A CB  1 
ATOM   1168 C CG1 . ILE A 1 145 ? -9.531  10.430  0.070   1.00 26.87 ? 145 ILE A CG1 1 
ATOM   1169 C CG2 . ILE A 1 145 ? -8.139  12.464  0.703   1.00 31.43 ? 145 ILE A CG2 1 
ATOM   1170 C CD1 . ILE A 1 145 ? -8.492  9.764   -0.501  1.00 28.89 ? 145 ILE A CD1 1 
ATOM   1171 N N   . ILE A 1 146 ? -6.942  12.030  3.563   1.00 21.02 ? 146 ILE A N   1 
ATOM   1172 C CA  . ILE A 1 146 ? -6.496  13.012  4.595   1.00 23.21 ? 146 ILE A CA  1 
ATOM   1173 C C   . ILE A 1 146 ? -5.488  13.902  3.899   1.00 24.31 ? 146 ILE A C   1 
ATOM   1174 O O   . ILE A 1 146 ? -4.532  13.408  3.294   1.00 22.31 ? 146 ILE A O   1 
ATOM   1175 C CB  . ILE A 1 146 ? -5.790  12.251  5.727   1.00 26.60 ? 146 ILE A CB  1 
ATOM   1176 C CG1 . ILE A 1 146 ? -6.754  11.400  6.494   1.00 28.64 ? 146 ILE A CG1 1 
ATOM   1177 C CG2 . ILE A 1 146 ? -5.188  13.247  6.734   1.00 32.00 ? 146 ILE A CG2 1 
ATOM   1178 C CD1 . ILE A 1 146 ? -6.096  10.414  7.464   1.00 35.36 ? 146 ILE A CD1 1 
ATOM   1179 N N   . PRO A 1 147 ? -5.612  15.252  3.920   1.00 25.54 ? 147 PRO A N   1 
ATOM   1180 C CA  . PRO A 1 147 ? -4.594  16.147  3.344   1.00 25.62 ? 147 PRO A CA  1 
ATOM   1181 C C   . PRO A 1 147 ? -3.242  15.949  3.968   1.00 22.83 ? 147 PRO A C   1 
ATOM   1182 O O   . PRO A 1 147 ? -3.104  15.588  5.155   1.00 24.06 ? 147 PRO A O   1 
ATOM   1183 C CB  . PRO A 1 147 ? -5.050  17.568  3.689   1.00 30.64 ? 147 PRO A CB  1 
ATOM   1184 C CG  . PRO A 1 147 ? -6.405  17.419  4.086   1.00 29.19 ? 147 PRO A CG  1 
ATOM   1185 C CD  . PRO A 1 147 ? -6.660  16.013  4.612   1.00 26.60 ? 147 PRO A CD  1 
ATOM   1186 N N   . ARG A 1 148 ? -2.217  16.134  3.144   1.00 22.19 ? 148 ARG A N   1 
ATOM   1187 C CA  . ARG A 1 148 ? -0.850  16.039  3.672   1.00 25.18 ? 148 ARG A CA  1 
ATOM   1188 C C   . ARG A 1 148 ? -0.546  16.965  4.849   1.00 24.13 ? 148 ARG A C   1 
ATOM   1189 O O   . ARG A 1 148 ? 0.232   16.555  5.713   1.00 26.86 ? 148 ARG A O   1 
ATOM   1190 C CB  . ARG A 1 148 ? 0.130   16.301  2.550   1.00 24.91 ? 148 ARG A CB  1 
ATOM   1191 C CG  . ARG A 1 148 ? 1.565   15.994  2.875   1.00 27.33 ? 148 ARG A CG  1 
ATOM   1192 C CD  . ARG A 1 148 ? 2.501   16.267  1.716   1.00 31.80 ? 148 ARG A CD  1 
ATOM   1193 N NE  . ARG A 1 148 ? 2.788   17.643  1.684   1.00 37.76 ? 148 ARG A NE  1 
ATOM   1194 C CZ  . ARG A 1 148 ? 3.728   18.230  2.451   1.00 40.02 ? 148 ARG A CZ  1 
ATOM   1195 N NH1 . ARG A 1 148 ? 3.943   19.495  2.287   1.00 43.40 ? 148 ARG A NH1 1 
ATOM   1196 N NH2 . ARG A 1 148 ? 4.457   17.553  3.323   1.00 42.26 ? 148 ARG A NH2 1 
ATOM   1197 N N   . SER A 1 149 ? -1.226  18.112  4.894   1.00 26.50 ? 149 SER A N   1 
ATOM   1198 C CA  . SER A 1 149 ? -1.066  19.026  6.084   1.00 28.53 ? 149 SER A CA  1 
ATOM   1199 C C   . SER A 1 149 ? -1.432  18.311  7.409   1.00 31.12 ? 149 SER A C   1 
ATOM   1200 O O   . SER A 1 149 ? -0.929  18.675  8.474   1.00 34.90 ? 149 SER A O   1 
ATOM   1201 C CB  . SER A 1 149 ? -1.914  20.268  5.876   1.00 33.50 ? 149 SER A CB  1 
ATOM   1202 O OG  . SER A 1 149 ? -3.274  19.903  5.905   1.00 32.45 ? 149 SER A OG  1 
ATOM   1203 N N   . GLN A 1 150 ? -2.269  17.249  7.380   1.00 28.81 ? 150 GLN A N   1 
ATOM   1204 C CA  A GLN A 1 150 ? -2.699  16.479  8.557   0.50 29.56 ? 150 GLN A CA  1 
ATOM   1205 C CA  B GLN A 1 150 ? -2.672  16.487  8.572   0.50 29.85 ? 150 GLN A CA  1 
ATOM   1206 C C   . GLN A 1 150 ? -2.000  15.126  8.645   1.00 29.89 ? 150 GLN A C   1 
ATOM   1207 O O   . GLN A 1 150 ? -2.547  14.166  9.172   1.00 32.12 ? 150 GLN A O   1 
ATOM   1208 C CB  A GLN A 1 150 ? -4.206  16.284  8.496   0.50 32.59 ? 150 GLN A CB  1 
ATOM   1209 C CB  B GLN A 1 150 ? -4.175  16.330  8.585   0.50 33.11 ? 150 GLN A CB  1 
ATOM   1210 C CG  A GLN A 1 150 ? -4.979  17.590  8.542   0.50 32.92 ? 150 GLN A CG  1 
ATOM   1211 C CG  B GLN A 1 150 ? -4.905  17.647  8.790   0.50 33.01 ? 150 GLN A CG  1 
ATOM   1212 C CD  A GLN A 1 150 ? -4.791  18.292  9.861   0.50 37.36 ? 150 GLN A CD  1 
ATOM   1213 C CD  B GLN A 1 150 ? -6.365  17.423  9.066   0.50 40.27 ? 150 GLN A CD  1 
ATOM   1214 O OE1 A GLN A 1 150 ? -4.845  17.661  10.908  0.50 38.80 ? 150 GLN A OE1 1 
ATOM   1215 O OE1 B GLN A 1 150 ? -7.149  17.149  8.143   0.50 38.58 ? 150 GLN A OE1 1 
ATOM   1216 N NE2 A GLN A 1 150 ? -4.583  19.616  9.821   0.50 37.19 ? 150 GLN A NE2 1 
ATOM   1217 N NE2 B GLN A 1 150 ? -6.750  17.525  10.344  0.50 44.00 ? 150 GLN A NE2 1 
ATOM   1218 N N   . GLU A 1 151 ? -0.775  15.042  8.144   1.00 28.35 ? 151 GLU A N   1 
ATOM   1219 C CA  . GLU A 1 151 ? -0.004  13.807  8.204   1.00 31.59 ? 151 GLU A CA  1 
ATOM   1220 C C   . GLU A 1 151 ? 0.161   13.233  9.616   1.00 31.07 ? 151 GLU A C   1 
ATOM   1221 O O   . GLU A 1 151 ? 0.209   12.040  9.798   1.00 29.88 ? 151 GLU A O   1 
ATOM   1222 C CB  . GLU A 1 151 ? 1.326   13.982  7.546   1.00 31.39 ? 151 GLU A CB  1 
ATOM   1223 C CG  . GLU A 1 151 ? 2.154   12.710  7.470   1.00 31.54 ? 151 GLU A CG  1 
ATOM   1224 C CD  . GLU A 1 151 ? 3.224   12.756  6.431   1.00 29.39 ? 151 GLU A CD  1 
ATOM   1225 O OE1 . GLU A 1 151 ? 2.942   13.208  5.303   1.00 30.46 ? 151 GLU A OE1 1 
ATOM   1226 O OE2 . GLU A 1 151 ? 4.340   12.354  6.816   1.00 32.35 ? 151 GLU A OE2 1 
ATOM   1227 N N   . SER A 1 152 ? 0.287   14.126  10.637  1.00 32.48 ? 152 SER A N   1 
ATOM   1228 C CA  . SER A 1 152 ? 0.353   13.725  12.052  1.00 36.83 ? 152 SER A CA  1 
ATOM   1229 C C   . SER A 1 152 ? -0.830  12.844  12.454  1.00 31.07 ? 152 SER A C   1 
ATOM   1230 O O   . SER A 1 152 ? -0.673  11.797  13.059  1.00 31.58 ? 152 SER A O   1 
ATOM   1231 C CB  . SER A 1 152 ? 0.343   14.987  12.931  1.00 35.41 ? 152 SER A CB  1 
ATOM   1232 O OG  . SER A 1 152 ? -0.855  15.739  12.721  1.00 44.74 ? 152 SER A OG  1 
ATOM   1233 N N   . LYS A 1 153 ? -1.985  13.246  11.990  1.00 33.41 ? 153 LYS A N   1 
ATOM   1234 C CA  . LYS A 1 153 ? -3.183  12.425  12.197  1.00 34.63 ? 153 LYS A CA  1 
ATOM   1235 C C   . LYS A 1 153 ? -3.124  11.116  11.383  1.00 33.44 ? 153 LYS A C   1 
ATOM   1236 O O   . LYS A 1 153 ? -3.387  10.032  11.919  1.00 30.77 ? 153 LYS A O   1 
ATOM   1237 C CB  . LYS A 1 153 ? -4.458  13.161  11.843  1.00 37.21 ? 153 LYS A CB  1 
ATOM   1238 C CG  . LYS A 1 153 ? -4.723  14.373  12.740  1.00 47.82 ? 153 LYS A CG  1 
ATOM   1239 C CD  . LYS A 1 153 ? -5.662  14.060  13.910  1.00 54.90 ? 153 LYS A CD  1 
ATOM   1240 C CE  . LYS A 1 153 ? -5.062  13.091  14.921  1.00 62.69 ? 153 LYS A CE  1 
ATOM   1241 N NZ  . LYS A 1 153 ? -5.708  13.239  16.258  1.00 67.25 ? 153 LYS A NZ  1 
ATOM   1242 N N   . CYS A 1 154 ? -2.657  11.213  10.109  1.00 31.21 ? 154 CYS A N   1 
ATOM   1243 C CA  . CYS A 1 154 ? -2.526  9.969   9.361   1.00 28.62 ? 154 CYS A CA  1 
ATOM   1244 C C   . CYS A 1 154 ? -1.575  9.004   10.058  1.00 28.14 ? 154 CYS A C   1 
ATOM   1245 O O   . CYS A 1 154 ? -1.796  7.793   10.169  1.00 27.38 ? 154 CYS A O   1 
ATOM   1246 C CB  . CYS A 1 154 ? -2.100  10.292  7.950   1.00 28.98 ? 154 CYS A CB  1 
ATOM   1247 S SG  . CYS A 1 154 ? -2.120  8.789   6.847   1.00 29.53 ? 154 CYS A SG  1 
ATOM   1248 N N   . ASN A 1 155 ? -0.488  9.526   10.595  1.00 26.87 ? 155 ASN A N   1 
ATOM   1249 C CA  . ASN A 1 155 ? 0.483   8.692   11.295  1.00 28.47 ? 155 ASN A CA  1 
ATOM   1250 C C   . ASN A 1 155 ? -0.193  7.976   12.534  1.00 25.76 ? 155 ASN A C   1 
ATOM   1251 O O   . ASN A 1 155 ? 0.048   6.801   12.733  1.00 28.52 ? 155 ASN A O   1 
ATOM   1252 C CB  . ASN A 1 155 ? 1.741   9.529   11.713  1.00 31.98 ? 155 ASN A CB  1 
ATOM   1253 C CG  . ASN A 1 155 ? 2.884   8.665   12.235  1.00 38.61 ? 155 ASN A CG  1 
ATOM   1254 O OD1 . ASN A 1 155 ? 2.741   8.040   13.282  1.00 40.00 ? 155 ASN A OD1 1 
ATOM   1255 N ND2 . ASN A 1 155 ? 4.022   8.606   11.512  1.00 42.89 ? 155 ASN A ND2 1 
ATOM   1256 N N   . GLU A 1 156 ? -0.880  8.795   13.306  1.00 29.30 ? 156 GLU A N   1 
ATOM   1257 C CA  . GLU A 1 156 ? -1.665  8.297   14.483  1.00 33.00 ? 156 GLU A CA  1 
ATOM   1258 C C   . GLU A 1 156 ? -2.581  7.155   14.063  1.00 31.89 ? 156 GLU A C   1 
ATOM   1259 O O   . GLU A 1 156 ? -2.563  6.075   14.704  1.00 29.80 ? 156 GLU A O   1 
ATOM   1260 C CB  . GLU A 1 156 ? -2.443  9.450   15.080  1.00 36.59 ? 156 GLU A CB  1 
ATOM   1261 C CG  . GLU A 1 156 ? -3.498  9.126   16.154  1.00 44.29 ? 156 GLU A CG  1 
ATOM   1262 C CD  . GLU A 1 156 ? -2.910  8.364   17.334  1.00 50.33 ? 156 GLU A CD  1 
ATOM   1263 O OE1 . GLU A 1 156 ? -1.690  8.501   17.594  1.00 54.36 ? 156 GLU A OE1 1 
ATOM   1264 O OE2 . GLU A 1 156 ? -3.655  7.610   18.019  1.00 59.24 ? 156 GLU A OE2 1 
ATOM   1265 N N   . TYR A 1 157 ? -3.299  7.366   12.933  1.00 28.90 ? 157 TYR A N   1 
ATOM   1266 C CA  . TYR A 1 157 ? -4.277  6.391   12.490  1.00 29.22 ? 157 TYR A CA  1 
ATOM   1267 C C   . TYR A 1 157 ? -3.584  5.101   12.058  1.00 25.40 ? 157 TYR A C   1 
ATOM   1268 O O   . TYR A 1 157 ? -3.938  3.958   12.432  1.00 27.47 ? 157 TYR A O   1 
ATOM   1269 C CB  . TYR A 1 157 ? -5.156  6.913   11.385  1.00 29.48 ? 157 TYR A CB  1 
ATOM   1270 C CG  . TYR A 1 157 ? -6.070  8.056   11.724  1.00 31.98 ? 157 TYR A CG  1 
ATOM   1271 C CD1 . TYR A 1 157 ? -6.740  8.125   12.939  1.00 41.88 ? 157 TYR A CD1 1 
ATOM   1272 C CD2 . TYR A 1 157 ? -6.366  8.976   10.811  1.00 31.64 ? 157 TYR A CD2 1 
ATOM   1273 C CE1 . TYR A 1 157 ? -7.635  9.139   13.203  1.00 41.24 ? 157 TYR A CE1 1 
ATOM   1274 C CE2 . TYR A 1 157 ? -7.203  10.038  11.089  1.00 36.19 ? 157 TYR A CE2 1 
ATOM   1275 C CZ  . TYR A 1 157 ? -7.876  10.085  12.262  1.00 43.28 ? 157 TYR A CZ  1 
ATOM   1276 O OH  . TYR A 1 157 ? -8.734  11.149  12.451  1.00 49.79 ? 157 TYR A OH  1 
ATOM   1277 N N   . ILE A 1 158 ? -2.541  5.214   11.243  1.00 24.43 ? 158 ILE A N   1 
ATOM   1278 C CA  . ILE A 1 158 ? -1.747  4.113   10.848  1.00 22.82 ? 158 ILE A CA  1 
ATOM   1279 C C   . ILE A 1 158 ? -1.285  3.240   12.042  1.00 26.19 ? 158 ILE A C   1 
ATOM   1280 O O   . ILE A 1 158 ? -1.287  2.041   11.973  1.00 25.51 ? 158 ILE A O   1 
ATOM   1281 C CB  . ILE A 1 158 ? -0.496  4.517   9.967   1.00 23.30 ? 158 ILE A CB  1 
ATOM   1282 C CG1 . ILE A 1 158 ? -0.945  5.063   8.586   1.00 22.64 ? 158 ILE A CG1 1 
ATOM   1283 C CG2 . ILE A 1 158 ? 0.498   3.437   9.854   1.00 25.53 ? 158 ILE A CG2 1 
ATOM   1284 C CD1 . ILE A 1 158 ? -1.204  3.953   7.545   1.00 23.79 ? 158 ILE A CD1 1 
ATOM   1285 N N   . ASN A 1 159 ? -0.722  3.916   13.049  1.00 26.29 ? 159 ASN A N   1 
ATOM   1286 C CA  . ASN A 1 159 ? -0.055  3.203   14.125  1.00 29.04 ? 159 ASN A CA  1 
ATOM   1287 C C   . ASN A 1 159 ? -1.005  2.794   15.255  1.00 30.68 ? 159 ASN A C   1 
ATOM   1288 O O   . ASN A 1 159 ? -0.655  1.777   15.902  1.00 30.81 ? 159 ASN A O   1 
ATOM   1289 C CB  . ASN A 1 159 ? 1.100   4.067   14.628  1.00 30.69 ? 159 ASN A CB  1 
ATOM   1290 C CG  . ASN A 1 159 ? 2.282   3.919   13.785  1.00 23.26 ? 159 ASN A CG  1 
ATOM   1291 O OD1 . ASN A 1 159 ? 2.822   2.868   13.555  1.00 25.82 ? 159 ASN A OD1 1 
ATOM   1292 N ND2 . ASN A 1 159 ? 2.751   5.139   13.288  1.00 28.64 ? 159 ASN A ND2 1 
ATOM   1293 N N   . ASN A 1 160 ? -2.079  3.505   15.465  1.00 29.75 ? 160 ASN A N   1 
ATOM   1294 C CA  . ASN A 1 160 ? -3.024  3.215   16.596  1.00 37.05 ? 160 ASN A CA  1 
ATOM   1295 C C   . ASN A 1 160 ? -4.497  2.952   16.241  1.00 38.83 ? 160 ASN A C   1 
ATOM   1296 O O   . ASN A 1 160 ? -5.284  2.644   17.129  1.00 37.73 ? 160 ASN A O   1 
ATOM   1297 C CB  . ASN A 1 160 ? -3.016  4.371   17.608  1.00 39.18 ? 160 ASN A CB  1 
ATOM   1298 C CG  . ASN A 1 160 ? -1.639  4.720   18.071  1.00 42.12 ? 160 ASN A CG  1 
ATOM   1299 O OD1 . ASN A 1 160 ? -0.955  3.921   18.709  1.00 46.85 ? 160 ASN A OD1 1 
ATOM   1300 N ND2 . ASN A 1 160 ? -1.187  5.891   17.684  1.00 46.85 ? 160 ASN A ND2 1 
ATOM   1301 N N   . GLY A 1 161 ? -4.891  3.122   14.968  1.00 35.22 ? 161 GLY A N   1 
ATOM   1302 C CA  . GLY A 1 161 ? -6.239  2.872   14.520  1.00 39.28 ? 161 GLY A CA  1 
ATOM   1303 C C   . GLY A 1 161 ? -7.074  4.112   14.388  1.00 33.71 ? 161 GLY A C   1 
ATOM   1304 O O   . GLY A 1 161 ? -6.679  5.202   14.789  1.00 37.83 ? 161 GLY A O   1 
ATOM   1305 N N   . LEU A 1 162 ? -8.260  3.934   13.808  1.00 39.41 ? 162 LEU A N   1 
ATOM   1306 C CA  . LEU A 1 162 ? -9.220  5.033   13.566  1.00 47.38 ? 162 LEU A CA  1 
ATOM   1307 C C   . LEU A 1 162 ? -9.853  5.617   14.827  1.00 50.58 ? 162 LEU A C   1 
ATOM   1308 O O   . LEU A 1 162 ? -9.740  5.015   15.896  1.00 52.07 ? 162 LEU A O   1 
ATOM   1309 C CB  . LEU A 1 162 ? -10.324 4.569   12.603  1.00 46.31 ? 162 LEU A CB  1 
ATOM   1310 C CG  . LEU A 1 162 ? -9.883  4.424   11.146  1.00 45.39 ? 162 LEU A CG  1 
ATOM   1311 C CD1 . LEU A 1 162 ? -10.850 3.594   10.293  1.00 46.57 ? 162 LEU A CD1 1 
ATOM   1312 C CD2 . LEU A 1 162 ? -9.653  5.806   10.560  1.00 47.57 ? 162 LEU A CD2 1 
HETATM 1313 S S   . SO4 B 2 .   ? 3.835   17.337  -6.765  1.00 44.41 ? 201 SO4 A S   1 
HETATM 1314 O O1  . SO4 B 2 .   ? 3.596   17.506  -5.127  1.00 32.59 ? 201 SO4 A O1  1 
HETATM 1315 O O2  . SO4 B 2 .   ? 5.043   16.532  -7.297  1.00 35.90 ? 201 SO4 A O2  1 
HETATM 1316 O O3  . SO4 B 2 .   ? 4.046   18.721  -7.427  1.00 52.57 ? 201 SO4 A O3  1 
HETATM 1317 O O4  . SO4 B 2 .   ? 2.649   16.881  -7.621  1.00 36.74 ? 201 SO4 A O4  1 
HETATM 1318 S S   . SO4 C 2 .   ? 15.708  11.106  -2.993  1.00 28.90 ? 202 SO4 A S   1 
HETATM 1319 O O1  . SO4 C 2 .   ? 15.899  12.334  -3.879  1.00 35.83 ? 202 SO4 A O1  1 
HETATM 1320 O O2  . SO4 C 2 .   ? 16.919  10.299  -2.823  1.00 30.62 ? 202 SO4 A O2  1 
HETATM 1321 O O3  . SO4 C 2 .   ? 15.287  11.446  -1.636  1.00 32.22 ? 202 SO4 A O3  1 
HETATM 1322 O O4  . SO4 C 2 .   ? 14.644  10.359  -3.638  1.00 28.22 ? 202 SO4 A O4  1 
HETATM 1323 S S   . SO4 D 2 .   ? 15.555  5.148   -7.960  1.00 27.43 ? 203 SO4 A S   1 
HETATM 1324 O O1  . SO4 D 2 .   ? 15.652  6.316   -7.079  1.00 29.84 ? 203 SO4 A O1  1 
HETATM 1325 O O2  . SO4 D 2 .   ? 16.754  4.300   -7.870  1.00 34.05 ? 203 SO4 A O2  1 
HETATM 1326 O O3  . SO4 D 2 .   ? 14.568  4.154   -7.457  1.00 27.82 ? 203 SO4 A O3  1 
HETATM 1327 O O4  . SO4 D 2 .   ? 15.266  5.622   -9.279  1.00 32.54 ? 203 SO4 A O4  1 
HETATM 1328 S S   . SO4 E 2 .   ? 13.190  17.555  -3.131  1.00 74.51 ? 204 SO4 A S   1 
HETATM 1329 O O1  . SO4 E 2 .   ? 13.448  19.021  -3.276  1.00 71.43 ? 204 SO4 A O1  1 
HETATM 1330 O O2  . SO4 E 2 .   ? 13.857  16.996  -1.930  1.00 61.98 ? 204 SO4 A O2  1 
HETATM 1331 O O3  . SO4 E 2 .   ? 11.722  17.330  -2.976  1.00 56.67 ? 204 SO4 A O3  1 
HETATM 1332 O O4  . SO4 E 2 .   ? 13.740  16.922  -4.361  1.00 64.25 ? 204 SO4 A O4  1 
HETATM 1333 C C1  . CIT F 3 .   ? -8.639  13.727  -3.264  0.50 39.68 ? 205 CIT A C1  1 
HETATM 1334 O O1  . CIT F 3 .   ? -8.062  14.837  -3.215  0.50 46.37 ? 205 CIT A O1  1 
HETATM 1335 O O2  . CIT F 3 .   ? -8.111  12.567  -3.333  0.50 28.24 ? 205 CIT A O2  1 
HETATM 1336 C C2  . CIT F 3 .   ? -10.125 13.867  -3.250  0.50 31.26 ? 205 CIT A C2  1 
HETATM 1337 C C3  . CIT F 3 .   ? -10.635 12.505  -3.600  0.50 28.82 ? 205 CIT A C3  1 
HETATM 1338 O O7  . CIT F 3 .   ? -9.764  11.640  -2.864  0.50 37.91 ? 205 CIT A O7  1 
HETATM 1339 C C4  . CIT F 3 .   ? -12.034 12.207  -3.219  0.50 26.23 ? 205 CIT A C4  1 
HETATM 1340 C C5  . CIT F 3 .   ? -12.494 10.967  -3.936  0.50 25.26 ? 205 CIT A C5  1 
HETATM 1341 O O3  . CIT F 3 .   ? -12.040 9.795   -3.596  0.50 26.57 ? 205 CIT A O3  1 
HETATM 1342 O O4  . CIT F 3 .   ? -13.291 11.267  -4.847  0.50 33.63 ? 205 CIT A O4  1 
HETATM 1343 C C6  . CIT F 3 .   ? -10.547 12.111  -5.059  0.50 23.15 ? 205 CIT A C6  1 
HETATM 1344 O O5  . CIT F 3 .   ? -9.519  12.243  -5.724  0.50 44.30 ? 205 CIT A O5  1 
HETATM 1345 O O6  . CIT F 3 .   ? -11.600 11.675  -5.514  0.50 38.00 ? 205 CIT A O6  1 
HETATM 1346 C C1  . IPA G 4 .   ? 6.806   12.880  -12.210 1.00 25.74 ? 206 IPA A C1  1 
HETATM 1347 C C2  . IPA G 4 .   ? 5.666   13.924  -12.656 1.00 34.69 ? 206 IPA A C2  1 
HETATM 1348 C C3  . IPA G 4 .   ? 4.310   13.499  -13.264 1.00 30.43 ? 206 IPA A C3  1 
HETATM 1349 O O2  . IPA G 4 .   ? 5.414   14.830  -11.521 1.00 49.51 ? 206 IPA A O2  1 
HETATM 1350 C C1  . IPA H 4 .   ? 11.838  -11.722 -3.889  1.00 36.92 ? 207 IPA A C1  1 
HETATM 1351 C C2  . IPA H 4 .   ? 10.964  -11.174 -2.674  1.00 35.78 ? 207 IPA A C2  1 
HETATM 1352 C C3  . IPA H 4 .   ? 10.820  -11.790 -1.213  1.00 37.81 ? 207 IPA A C3  1 
HETATM 1353 O O2  . IPA H 4 .   ? 11.684  -10.014 -2.325  1.00 32.40 ? 207 IPA A O2  1 
HETATM 1354 O O   . HOH I 5 .   ? -18.101 1.629   6.145   1.00 42.33 ? 301 HOH A O   1 
HETATM 1355 O O   . HOH I 5 .   ? -2.303  -13.444 1.829   1.00 31.22 ? 302 HOH A O   1 
HETATM 1356 O O   . HOH I 5 .   ? -13.351 14.138  9.121   1.00 51.73 ? 303 HOH A O   1 
HETATM 1357 O O   . HOH I 5 .   ? 9.593   3.221   11.666  1.00 36.68 ? 304 HOH A O   1 
HETATM 1358 O O   . HOH I 5 .   ? 16.426  11.288  0.503   1.00 44.00 ? 305 HOH A O   1 
HETATM 1359 O O   . HOH I 5 .   ? -4.765  -12.652 -12.882 1.00 52.99 ? 306 HOH A O   1 
HETATM 1360 O O   . HOH I 5 .   ? -8.032  -3.431  0.692   1.00 32.37 ? 307 HOH A O   1 
HETATM 1361 O O   . HOH I 5 .   ? 7.715   19.329  2.113   1.00 49.83 ? 308 HOH A O   1 
HETATM 1362 O O   . HOH I 5 .   ? -18.586 8.214   2.981   1.00 36.76 ? 309 HOH A O   1 
HETATM 1363 O O   . HOH I 5 .   ? 4.014   6.378   -17.606 1.00 37.58 ? 310 HOH A O   1 
HETATM 1364 O O   . HOH I 5 .   ? 4.492   14.490  3.707   1.00 31.61 ? 311 HOH A O   1 
HETATM 1365 O O   . HOH I 5 .   ? -4.011  -19.105 7.196   1.00 40.51 ? 312 HOH A O   1 
HETATM 1366 O O   . HOH I 5 .   ? -2.110  12.570  -9.620  1.00 25.68 ? 313 HOH A O   1 
HETATM 1367 O O   . HOH I 5 .   ? -1.586  0.046   17.594  1.00 41.66 ? 314 HOH A O   1 
HETATM 1368 O O   . HOH I 5 .   ? 17.664  9.138   -5.029  1.00 33.54 ? 315 HOH A O   1 
HETATM 1369 O O   . HOH I 5 .   ? 14.357  -11.410 -9.861  1.00 34.78 ? 316 HOH A O   1 
HETATM 1370 O O   . HOH I 5 .   ? -7.023  21.010  -0.917  1.00 28.16 ? 317 HOH A O   1 
HETATM 1371 O O   . HOH I 5 .   ? 8.790   12.503  -10.321 1.00 35.08 ? 318 HOH A O   1 
HETATM 1372 O O   . HOH I 5 .   ? -8.064  -7.660  -0.291  1.00 27.52 ? 319 HOH A O   1 
HETATM 1373 O O   . HOH I 5 .   ? 13.075  -7.803  -9.503  1.00 29.64 ? 320 HOH A O   1 
HETATM 1374 O O   . HOH I 5 .   ? -6.522  19.679  -4.236  1.00 23.34 ? 321 HOH A O   1 
HETATM 1375 O O   . HOH I 5 .   ? 15.593  8.234   -9.476  1.00 43.77 ? 322 HOH A O   1 
HETATM 1376 O O   . HOH I 5 .   ? -8.041  -5.439  -9.750  1.00 31.80 ? 323 HOH A O   1 
HETATM 1377 O O   . HOH I 5 .   ? 13.865  -2.961  -0.124  1.00 28.16 ? 324 HOH A O   1 
HETATM 1378 O O   . HOH I 5 .   ? 6.411   11.737  5.287   1.00 33.01 ? 325 HOH A O   1 
HETATM 1379 O O   . HOH I 5 .   ? 0.313   13.577  -8.923  1.00 32.12 ? 326 HOH A O   1 
HETATM 1380 O O   . HOH I 5 .   ? 5.183   19.478  -4.337  1.00 46.75 ? 327 HOH A O   1 
HETATM 1381 O O   . HOH I 5 .   ? 2.616   2.405   -3.577  1.00 31.69 ? 328 HOH A O   1 
HETATM 1382 O O   . HOH I 5 .   ? -15.684 5.406   9.424   1.00 45.43 ? 329 HOH A O   1 
HETATM 1383 O O   . HOH I 5 .   ? -1.817  11.661  -3.207  1.00 23.97 ? 330 HOH A O   1 
HETATM 1384 O O   . HOH I 5 .   ? 0.355   -2.813  -15.859 1.00 37.52 ? 331 HOH A O   1 
HETATM 1385 O O   . HOH I 5 .   ? 8.330   -12.311 -7.227  1.00 34.94 ? 332 HOH A O   1 
HETATM 1386 O O   . HOH I 5 .   ? -0.287  -5.735  -16.337 1.00 43.04 ? 333 HOH A O   1 
HETATM 1387 O O   . HOH I 5 .   ? 16.610  6.611   -4.600  1.00 26.03 ? 334 HOH A O   1 
HETATM 1388 O O   . HOH I 5 .   ? 10.790  5.960   7.873   1.00 32.14 ? 335 HOH A O   1 
HETATM 1389 O O   . HOH I 5 .   ? 0.961   4.528   -5.452  1.00 33.53 ? 336 HOH A O   1 
HETATM 1390 O O   . HOH I 5 .   ? 11.853  -6.887  2.007   1.00 36.22 ? 337 HOH A O   1 
HETATM 1391 O O   . HOH I 5 .   ? -7.184  6.419   -12.992 1.00 27.11 ? 338 HOH A O   1 
HETATM 1392 O O   . HOH I 5 .   ? 4.634   10.786  8.978   1.00 36.95 ? 339 HOH A O   1 
HETATM 1393 O O   . HOH I 5 .   ? 12.940  5.037   -5.509  1.00 22.18 ? 340 HOH A O   1 
HETATM 1394 O O   . HOH I 5 .   ? 13.596  8.288   -2.283  1.00 28.68 ? 341 HOH A O   1 
HETATM 1395 O O   . HOH I 5 .   ? -0.864  0.123   10.023  1.00 25.26 ? 342 HOH A O   1 
HETATM 1396 O O   . HOH I 5 .   ? -1.024  4.097   -18.291 1.00 45.67 ? 343 HOH A O   1 
HETATM 1397 O O   . HOH I 5 .   ? -11.688 -0.932  -9.205  1.00 25.46 ? 344 HOH A O   1 
HETATM 1398 O O   . HOH I 5 .   ? 14.079  -1.280  -7.488  1.00 33.72 ? 345 HOH A O   1 
HETATM 1399 O O   . HOH I 5 .   ? 8.077   6.803   -16.628 1.00 33.44 ? 346 HOH A O   1 
HETATM 1400 O O   . HOH I 5 .   ? 12.379  -3.397  -10.968 1.00 32.76 ? 347 HOH A O   1 
HETATM 1401 O O   . HOH I 5 .   ? 12.059  6.066   -15.014 1.00 38.98 ? 348 HOH A O   1 
HETATM 1402 O O   . HOH I 5 .   ? -8.953  -1.529  11.032  1.00 30.07 ? 349 HOH A O   1 
HETATM 1403 O O   . HOH I 5 .   ? 5.247   -0.643  3.397   1.00 29.22 ? 350 HOH A O   1 
HETATM 1404 O O   . HOH I 5 .   ? -9.512  -3.966  9.026   1.00 25.98 ? 351 HOH A O   1 
HETATM 1405 O O   . HOH I 5 .   ? -7.689  -5.452  1.784   1.00 23.90 ? 352 HOH A O   1 
HETATM 1406 O O   . HOH I 5 .   ? 1.302   11.683  14.920  1.00 41.36 ? 353 HOH A O   1 
HETATM 1407 O O   . HOH I 5 .   ? -4.921  21.005  4.047   1.00 46.65 ? 354 HOH A O   1 
HETATM 1408 O O   . HOH I 5 .   ? 0.784   -2.024  17.222  1.00 38.01 ? 355 HOH A O   1 
HETATM 1409 O O   . HOH I 5 .   ? 12.554  7.988   3.876   1.00 36.51 ? 356 HOH A O   1 
HETATM 1410 O O   . HOH I 5 .   ? 2.297   20.980  -2.865  1.00 36.29 ? 357 HOH A O   1 
HETATM 1411 O O   . HOH I 5 .   ? 10.018  -11.037 1.783   1.00 40.74 ? 358 HOH A O   1 
HETATM 1412 O O   . HOH I 5 .   ? -2.906  -12.227 16.456  1.00 50.08 ? 359 HOH A O   1 
HETATM 1413 O O   . HOH I 5 .   ? 7.402   -18.698 -7.819  1.00 59.84 ? 360 HOH A O   1 
HETATM 1414 O O   . HOH I 5 .   ? 2.946   -2.431  -19.120 1.00 55.54 ? 361 HOH A O   1 
HETATM 1415 O O   . HOH I 5 .   ? 11.919  -11.022 -6.777  1.00 27.12 ? 362 HOH A O   1 
HETATM 1416 O O   . HOH I 5 .   ? -12.739 -1.720  4.531   1.00 32.52 ? 363 HOH A O   1 
HETATM 1417 O O   . HOH I 5 .   ? 9.911   10.293  6.588   1.00 42.94 ? 364 HOH A O   1 
HETATM 1418 O O   . HOH I 5 .   ? -16.395 4.222   -8.131  1.00 24.37 ? 365 HOH A O   1 
HETATM 1419 O O   . HOH I 5 .   ? 10.370  4.296   -10.641 1.00 30.23 ? 366 HOH A O   1 
HETATM 1420 O O   . HOH I 5 .   ? 8.711   13.941  -2.151  1.00 25.25 ? 367 HOH A O   1 
HETATM 1421 O O   . HOH I 5 .   ? 19.002  5.844   -7.418  1.00 27.98 ? 368 HOH A O   1 
HETATM 1422 O O   . HOH I 5 .   ? -7.019  19.693  7.065   1.00 49.74 ? 369 HOH A O   1 
HETATM 1423 O O   . HOH I 5 .   ? 11.183  1.374   -16.477 1.00 37.09 ? 370 HOH A O   1 
HETATM 1424 O O   . HOH I 5 .   ? 11.227  14.982  -6.641  1.00 47.02 ? 371 HOH A O   1 
HETATM 1425 O O   . HOH I 5 .   ? 10.093  3.316   -18.117 1.00 46.36 ? 372 HOH A O   1 
HETATM 1426 O O   . HOH I 5 .   ? 13.663  5.995   0.117   1.00 21.19 ? 373 HOH A O   1 
HETATM 1427 O O   . HOH I 5 .   ? -11.890 -8.376  8.208   1.00 21.27 ? 374 HOH A O   1 
HETATM 1428 O O   . HOH I 5 .   ? -11.564 -1.853  -6.576  1.00 26.16 ? 375 HOH A O   1 
HETATM 1429 O O   . HOH I 5 .   ? -6.145  -6.984  6.294   1.00 22.13 ? 376 HOH A O   1 
HETATM 1430 O O   . HOH I 5 .   ? 12.655  2.876   -9.027  1.00 27.70 ? 377 HOH A O   1 
HETATM 1431 O O   . HOH I 5 .   ? 6.810   -9.251  -12.899 1.00 31.19 ? 378 HOH A O   1 
HETATM 1432 O O   . HOH I 5 .   ? -9.908  16.728  3.791   1.00 39.26 ? 379 HOH A O   1 
HETATM 1433 O O   . HOH I 5 .   ? 7.664   -4.896  8.760   1.00 32.60 ? 380 HOH A O   1 
HETATM 1434 O O   . HOH I 5 .   ? 2.736   17.440  6.601   1.00 39.47 ? 381 HOH A O   1 
HETATM 1435 O O   . HOH I 5 .   ? -5.542  -7.501  -11.169 1.00 30.30 ? 382 HOH A O   1 
HETATM 1436 O O   . HOH I 5 .   ? 0.359   17.147  10.448  1.00 37.52 ? 383 HOH A O   1 
HETATM 1437 O O   . HOH I 5 .   ? 16.788  1.591   -8.622  1.00 37.86 ? 384 HOH A O   1 
HETATM 1438 O O   . HOH I 5 .   ? -4.744  -3.415  -11.752 1.00 41.85 ? 385 HOH A O   1 
HETATM 1439 O O   . HOH I 5 .   ? 13.548  4.550   -11.235 1.00 42.30 ? 386 HOH A O   1 
HETATM 1440 O O   . HOH I 5 .   ? -18.839 4.549   1.630   1.00 32.43 ? 387 HOH A O   1 
HETATM 1441 O O   . HOH I 5 .   ? -13.701 4.526   -11.093 1.00 23.04 ? 388 HOH A O   1 
HETATM 1442 O O   . HOH I 5 .   ? -4.423  -15.450 12.255  1.00 42.31 ? 389 HOH A O   1 
HETATM 1443 O O   . HOH I 5 .   ? -16.589 11.999  3.962   1.00 29.56 ? 390 HOH A O   1 
HETATM 1444 O O   . HOH I 5 .   ? -12.466 13.218  -0.763  0.50 21.30 ? 391 HOH A O   1 
HETATM 1445 O O   . HOH I 5 .   ? -17.286 -0.557  -4.997  1.00 28.21 ? 392 HOH A O   1 
HETATM 1446 O O   . HOH I 5 .   ? 7.994   -9.410  4.583   1.00 37.18 ? 393 HOH A O   1 
HETATM 1447 O O   . HOH I 5 .   ? 10.895  10.717  -8.239  1.00 26.32 ? 394 HOH A O   1 
HETATM 1448 O O   . HOH I 5 .   ? 12.771  11.477  -0.304  1.00 29.26 ? 395 HOH A O   1 
HETATM 1449 O O   . HOH I 5 .   ? -2.509  -8.134  -17.384 1.00 48.19 ? 396 HOH A O   1 
HETATM 1450 O O   . HOH I 5 .   ? -9.204  1.356   13.044  1.00 43.58 ? 397 HOH A O   1 
HETATM 1451 O O   . HOH I 5 .   ? 3.081   -2.188  3.013   1.00 28.91 ? 398 HOH A O   1 
HETATM 1452 O O   . HOH I 5 .   ? -12.192 -5.718  0.999   1.00 26.31 ? 399 HOH A O   1 
HETATM 1453 O O   . HOH I 5 .   ? 1.562   2.162   3.888   1.00 23.73 ? 400 HOH A O   1 
HETATM 1454 O O   . HOH I 5 .   ? 6.843   4.479   -1.191  1.00 22.51 ? 401 HOH A O   1 
HETATM 1455 O O   . HOH I 5 .   ? 11.802  2.184   -12.111 1.00 34.82 ? 402 HOH A O   1 
HETATM 1456 O O   . HOH I 5 .   ? -3.894  18.656  0.620   1.00 31.21 ? 403 HOH A O   1 
HETATM 1457 O O   . HOH I 5 .   ? -16.000 0.734   -7.916  1.00 26.66 ? 404 HOH A O   1 
HETATM 1458 O O   . HOH I 5 .   ? -13.850 1.748   6.816   1.00 33.18 ? 405 HOH A O   1 
HETATM 1459 O O   . HOH I 5 .   ? -6.848  -8.732  -7.408  1.00 25.74 ? 406 HOH A O   1 
HETATM 1460 O O   . HOH I 5 .   ? -0.316  19.779  -5.635  1.00 32.41 ? 407 HOH A O   1 
HETATM 1461 O O   . HOH I 5 .   ? 12.357  -2.017  3.286   1.00 31.57 ? 408 HOH A O   1 
HETATM 1462 O O   . HOH I 5 .   ? -2.320  19.464  2.600   1.00 30.03 ? 409 HOH A O   1 
HETATM 1463 O O   . HOH I 5 .   ? -3.965  8.171   -14.567 1.00 36.88 ? 410 HOH A O   1 
HETATM 1464 O O   . HOH I 5 .   ? 10.524  3.529   -7.231  1.00 24.59 ? 411 HOH A O   1 
HETATM 1465 O O   . HOH I 5 .   ? 3.819   -17.852 13.588  1.00 51.18 ? 412 HOH A O   1 
HETATM 1466 O O   . HOH I 5 .   ? -7.093  -4.694  13.708  1.00 51.99 ? 413 HOH A O   1 
HETATM 1467 O O   . HOH I 5 .   ? 6.823   8.958   9.367   1.00 36.53 ? 414 HOH A O   1 
HETATM 1468 O O   . HOH I 5 .   ? 10.015  -2.721  5.529   1.00 28.93 ? 415 HOH A O   1 
HETATM 1469 O O   . HOH I 5 .   ? 17.627  5.583   -10.971 1.00 45.01 ? 416 HOH A O   1 
HETATM 1470 O O   . HOH I 5 .   ? -2.932  1.220   -11.048 1.00 34.65 ? 417 HOH A O   1 
HETATM 1471 O O   . HOH I 5 .   ? 5.884   14.510  8.010   1.00 48.58 ? 418 HOH A O   1 
HETATM 1472 O O   . HOH I 5 .   ? 9.381   0.479   12.438  1.00 31.15 ? 419 HOH A O   1 
HETATM 1473 O O   . HOH I 5 .   ? 6.696   -12.961 3.736   1.00 38.37 ? 420 HOH A O   1 
HETATM 1474 O O   . HOH I 5 .   ? 14.160  -8.701  -1.537  1.00 39.06 ? 421 HOH A O   1 
HETATM 1475 O O   . HOH I 5 .   ? 2.853   4.721   -19.370 1.00 50.63 ? 422 HOH A O   1 
HETATM 1476 O O   . HOH I 5 .   ? -1.987  4.143   -14.876 1.00 37.68 ? 423 HOH A O   1 
HETATM 1477 O O   . HOH I 5 .   ? 10.057  4.388   14.171  1.00 27.59 ? 424 HOH A O   1 
HETATM 1478 O O   . HOH I 5 .   ? -3.468  20.514  -1.413  1.00 40.60 ? 425 HOH A O   1 
HETATM 1479 O O   . HOH I 5 .   ? 0.161   6.359   -16.792 1.00 32.81 ? 426 HOH A O   1 
HETATM 1480 O O   . HOH I 5 .   ? 12.535  10.772  -10.660 1.00 37.52 ? 427 HOH A O   1 
HETATM 1481 O O   . HOH I 5 .   ? 0.807   -21.241 6.581   1.00 40.40 ? 428 HOH A O   1 
HETATM 1482 O O   . HOH I 5 .   ? 6.964   0.334   -3.465  1.00 25.76 ? 429 HOH A O   1 
HETATM 1483 O O   . HOH I 5 .   ? 13.966  -6.263  -1.000  1.00 26.99 ? 430 HOH A O   1 
HETATM 1484 O O   . HOH I 5 .   ? 8.144   -0.984  -18.269 1.00 33.34 ? 431 HOH A O   1 
HETATM 1485 O O   . HOH I 5 .   ? 7.365   -1.453  16.608  1.00 42.64 ? 432 HOH A O   1 
HETATM 1486 O O   . HOH I 5 .   ? 4.346   -10.916 17.429  1.00 58.98 ? 433 HOH A O   1 
HETATM 1487 O O   . HOH I 5 .   ? 5.025   16.107  5.936   1.00 42.88 ? 434 HOH A O   1 
HETATM 1488 O O   . HOH I 5 .   ? -3.136  0.442   -15.208 1.00 52.82 ? 435 HOH A O   1 
HETATM 1489 O O   . HOH I 5 .   ? -3.966  -0.931  17.808  1.00 50.96 ? 436 HOH A O   1 
HETATM 1490 O O   . HOH I 5 .   ? -2.080  -7.259  18.076  1.00 68.85 ? 437 HOH A O   1 
HETATM 1491 O O   . HOH I 5 .   ? 0.488   -21.375 9.279   1.00 41.41 ? 438 HOH A O   1 
HETATM 1492 O O   . HOH I 5 .   ? 7.619   -13.035 9.667   1.00 36.80 ? 439 HOH A O   1 
HETATM 1493 O O   . HOH I 5 .   ? 5.522   21.191  4.378   1.00 54.97 ? 440 HOH A O   1 
HETATM 1494 O O   . HOH I 5 .   ? -1.862  8.422   -3.168  1.00 27.88 ? 441 HOH A O   1 
HETATM 1495 O O   . HOH I 5 .   ? 12.737  1.225   8.093   1.00 39.07 ? 442 HOH A O   1 
HETATM 1496 O O   . HOH I 5 .   ? 10.942  -18.078 4.524   1.00 49.37 ? 443 HOH A O   1 
HETATM 1497 O O   . HOH I 5 .   ? -3.126  10.477  -14.990 1.00 42.83 ? 444 HOH A O   1 
HETATM 1498 O O   . HOH I 5 .   ? 1.514   15.159  -16.615 1.00 56.16 ? 445 HOH A O   1 
HETATM 1499 O O   . HOH I 5 .   ? 3.127   -23.776 0.539   1.00 50.26 ? 446 HOH A O   1 
HETATM 1500 O O   . HOH I 5 .   ? 8.713   18.279  -1.631  1.00 47.83 ? 447 HOH A O   1 
HETATM 1501 O O   . HOH I 5 .   ? 7.341   -6.957  18.213  1.00 44.63 ? 448 HOH A O   1 
HETATM 1502 O O   . HOH I 5 .   ? 13.433  -8.466  -21.178 1.00 46.34 ? 449 HOH A O   1 
HETATM 1503 O O   . HOH I 5 .   ? 4.387   -25.601 6.723   1.00 53.86 ? 450 HOH A O   1 
HETATM 1504 O O   . HOH I 5 .   ? 9.080   -15.169 2.554   1.00 50.94 ? 451 HOH A O   1 
HETATM 1505 O O   . HOH I 5 .   ? -0.916  -20.964 4.027   1.00 36.90 ? 452 HOH A O   1 
HETATM 1506 O O   . HOH I 5 .   ? -8.252  -8.094  -9.423  1.00 46.67 ? 453 HOH A O   1 
HETATM 1507 O O   . HOH I 5 .   ? -9.927  5.775   -13.082 1.00 28.62 ? 454 HOH A O   1 
HETATM 1508 O O   . HOH I 5 .   ? 0.003   -21.176 13.137  1.00 30.00 ? 455 HOH A O   1 
HETATM 1509 O O   . HOH I 5 .   ? 9.955   -2.850  8.189   1.00 36.03 ? 456 HOH A O   1 
HETATM 1510 O O   . HOH I 5 .   ? -4.187  -5.954  19.413  1.00 52.53 ? 457 HOH A O   1 
HETATM 1511 O O   . HOH I 5 .   ? -1.499  -18.462 -14.548 1.00 55.58 ? 458 HOH A O   1 
HETATM 1512 O O   . HOH I 5 .   ? -4.223  -14.000 -15.618 1.00 48.19 ? 459 HOH A O   1 
HETATM 1513 O O   . HOH I 5 .   ? -5.335  -13.736 -2.678  1.00 34.77 ? 460 HOH A O   1 
HETATM 1514 O O   . HOH I 5 .   ? -14.833 1.984   -10.927 1.00 36.34 ? 461 HOH A O   1 
HETATM 1515 O O   . HOH I 5 .   ? -16.903 -3.305  4.949   1.00 34.10 ? 462 HOH A O   1 
HETATM 1516 O O   . HOH I 5 .   ? 12.274  -13.355 -7.945  1.00 40.56 ? 463 HOH A O   1 
HETATM 1517 O O   . HOH I 5 .   ? -10.234 -4.748  -7.734  1.00 42.97 ? 464 HOH A O   1 
HETATM 1518 O O   . HOH I 5 .   ? 12.262  13.892  0.523   1.00 41.21 ? 465 HOH A O   1 
HETATM 1519 O O   . HOH I 5 .   ? -1.076  16.610  -15.347 1.00 51.20 ? 466 HOH A O   1 
HETATM 1520 O O   . HOH I 5 .   ? 5.412   2.776   -3.196  1.00 27.68 ? 467 HOH A O   1 
HETATM 1521 O O   . HOH I 5 .   ? -2.453  -2.356  -15.127 1.00 40.89 ? 468 HOH A O   1 
HETATM 1522 O O   . HOH I 5 .   ? 8.846   2.964   -20.203 1.00 54.76 ? 469 HOH A O   1 
HETATM 1523 O O   . HOH I 5 .   ? 2.877   -24.192 3.696   1.00 50.02 ? 470 HOH A O   1 
HETATM 1524 O O   . HOH I 5 .   ? 13.464  10.332  2.172   1.00 41.36 ? 471 HOH A O   1 
HETATM 1525 O O   . HOH I 5 .   ? -0.521  17.902  -11.914 1.00 51.29 ? 472 HOH A O   1 
HETATM 1526 O O   . HOH I 5 .   ? 9.464   15.689  -0.177  1.00 35.80 ? 473 HOH A O   1 
HETATM 1527 O O   . HOH I 5 .   ? 6.512   13.086  2.803   1.00 33.80 ? 474 HOH A O   1 
HETATM 1528 O O   . HOH I 5 .   ? 11.113  0.823   10.651  1.00 31.11 ? 475 HOH A O   1 
HETATM 1529 O O   . HOH I 5 .   ? 7.852   8.940   -17.979 1.00 43.27 ? 476 HOH A O   1 
HETATM 1530 O O   . HOH I 5 .   ? -10.142 -9.539  -12.719 1.00 39.26 ? 477 HOH A O   1 
HETATM 1531 O O   . HOH I 5 .   ? 10.156  -9.361  11.001  1.00 47.26 ? 478 HOH A O   1 
HETATM 1532 O O   . HOH I 5 .   ? -15.169 0.915   9.506   1.00 43.30 ? 479 HOH A O   1 
HETATM 1533 O O   . HOH I 5 .   ? -1.793  13.902  15.996  1.00 53.73 ? 480 HOH A O   1 
HETATM 1534 O O   . HOH I 5 .   ? 13.194  8.713   -11.462 1.00 49.06 ? 481 HOH A O   1 
HETATM 1535 O O   . HOH I 5 .   ? -14.156 0.083   -9.820  1.00 35.17 ? 482 HOH A O   1 
HETATM 1536 O O   . HOH I 5 .   ? 7.999   -12.123 -1.972  1.00 43.17 ? 483 HOH A O   1 
HETATM 1537 O O   . HOH I 5 .   ? -7.068  -0.244  -13.866 1.00 49.08 ? 484 HOH A O   1 
HETATM 1538 O O   . HOH I 5 .   ? -9.269  -3.505  12.988  1.00 33.62 ? 485 HOH A O   1 
HETATM 1539 O O   . HOH I 5 .   ? 10.018  5.659   -17.802 1.00 45.56 ? 486 HOH A O   1 
HETATM 1540 O O   . HOH I 5 .   ? -3.736  -1.256  -12.062 1.00 43.82 ? 487 HOH A O   1 
HETATM 1541 O O   . HOH I 5 .   ? 4.816   7.315   -19.992 1.00 53.88 ? 488 HOH A O   1 
HETATM 1542 O O   . HOH I 5 .   ? -17.539 3.763   -5.741  1.00 26.30 ? 489 HOH A O   1 
HETATM 1543 O O   . HOH I 5 .   ? 8.610   -12.915 -4.398  1.00 52.66 ? 490 HOH A O   1 
HETATM 1544 O O   . HOH I 5 .   ? 8.562   6.417   15.238  1.00 38.47 ? 491 HOH A O   1 
HETATM 1545 O O   . HOH I 5 .   ? 17.931  8.222   -11.432 1.00 54.47 ? 492 HOH A O   1 
HETATM 1546 O O   . HOH I 5 .   ? 19.218  7.918   -8.922  1.00 42.06 ? 493 HOH A O   1 
HETATM 1547 O O   . HOH I 5 .   ? 2.808   20.019  6.479   1.00 46.49 ? 494 HOH A O   1 
HETATM 1548 O O   . HOH I 5 .   ? -8.938  -3.967  -11.806 1.00 50.89 ? 495 HOH A O   1 
HETATM 1549 O O   . HOH I 5 .   ? -19.186 9.352   0.140   1.00 37.81 ? 496 HOH A O   1 
HETATM 1550 O O   . HOH I 5 .   ? -4.692  -0.856  -18.305 1.00 60.03 ? 497 HOH A O   1 
HETATM 1551 O O   . HOH I 5 .   ? 8.360   14.946  2.363   1.00 36.35 ? 498 HOH A O   1 
HETATM 1552 O O   . HOH I 5 .   ? 3.712   12.567  13.932  1.00 57.60 ? 499 HOH A O   1 
HETATM 1553 O O   . HOH I 5 .   ? 8.876   -23.081 8.142   1.00 57.03 ? 500 HOH A O   1 
HETATM 1554 O O   . HOH I 5 .   ? 12.860  3.764   -15.852 1.00 48.26 ? 501 HOH A O   1 
HETATM 1555 O O   . HOH I 5 .   ? 12.361  7.226   -17.432 1.00 53.54 ? 502 HOH A O   1 
HETATM 1556 O O   . HOH I 5 .   ? 12.820  -14.418 -3.960  1.00 48.42 ? 503 HOH A O   1 
HETATM 1557 O O   . HOH I 5 .   ? 3.819   -28.464 8.633   1.00 55.45 ? 504 HOH A O   1 
HETATM 1558 O O   . HOH I 5 .   ? -20.123 5.175   6.288   1.00 50.10 ? 505 HOH A O   1 
HETATM 1559 O O   . HOH I 5 .   ? -9.779  -2.520  15.913  1.00 54.47 ? 506 HOH A O   1 
HETATM 1560 O O   . HOH I 5 .   ? -7.820  -16.698 13.802  1.00 42.37 ? 507 HOH A O   1 
HETATM 1561 O O   . HOH I 5 .   ? 12.138  -25.179 8.676   1.00 60.96 ? 508 HOH A O   1 
HETATM 1562 O O   . HOH I 5 .   ? 4.872   -29.242 4.697   1.00 68.19 ? 509 HOH A O   1 
HETATM 1563 O O   . HOH I 5 .   ? 6.341   7.043   25.494  1.00 56.45 ? 510 HOH A O   1 
HETATM 1564 O O   . HOH I 5 .   ? 14.030  -17.292 19.916  1.00 57.20 ? 511 HOH A O   1 
# 
